data_2KSK
#
_entry.id   2KSK
#
_cell.length_a   1.000
_cell.length_b   1.000
_cell.length_c   1.000
_cell.angle_alpha   90.00
_cell.angle_beta   90.00
_cell.angle_gamma   90.00
#
_symmetry.space_group_name_H-M   'P 1'
#
_entity_poly.entity_id   1
_entity_poly.type   'polypeptide(L)'
_entity_poly.pdbx_seq_one_letter_code
;HTPTPTPICKSRSHEYKGRCIQDMDCNAACVKESESYTGGFCNGRPPFKQCFCTKPCKRERAAATLRWPGL
;
_entity_poly.pdbx_strand_id   A
#
# COMPACT_ATOMS: atom_id res chain seq x y z
N HIS A 1 -1.69 5.81 18.38
CA HIS A 1 -1.44 7.22 18.60
C HIS A 1 -1.81 8.04 17.36
N THR A 2 -2.95 7.70 16.75
CA THR A 2 -3.41 8.39 15.56
C THR A 2 -2.32 8.46 14.50
N PRO A 3 -1.97 7.29 13.93
CA PRO A 3 -0.93 7.19 12.90
C PRO A 3 -1.37 7.80 11.58
N THR A 4 -2.64 8.17 11.50
CA THR A 4 -3.20 8.77 10.29
C THR A 4 -4.65 9.17 10.48
N PRO A 5 -5.12 10.10 9.63
CA PRO A 5 -6.51 10.59 9.69
C PRO A 5 -7.52 9.53 9.27
N THR A 6 -7.03 8.49 8.61
CA THR A 6 -7.90 7.41 8.16
C THR A 6 -7.12 6.09 8.05
N PRO A 7 -7.86 4.97 8.07
CA PRO A 7 -7.27 3.63 7.98
C PRO A 7 -6.69 3.35 6.60
N ILE A 8 -5.38 3.10 6.55
CA ILE A 8 -4.71 2.81 5.29
C ILE A 8 -4.14 1.40 5.29
N CYS A 9 -4.40 0.66 4.21
CA CYS A 9 -3.91 -0.70 4.08
C CYS A 9 -3.03 -0.85 2.85
N LYS A 10 -2.28 -1.95 2.79
CA LYS A 10 -1.40 -2.22 1.67
C LYS A 10 -1.57 -3.64 1.15
N SER A 11 -1.45 -3.81 -0.17
CA SER A 11 -1.59 -5.13 -0.78
C SER A 11 -0.72 -5.24 -2.03
N ARG A 12 -0.21 -6.44 -2.28
CA ARG A 12 0.63 -6.67 -3.45
C ARG A 12 -0.21 -7.09 -4.65
N SER A 13 0.19 -6.62 -5.83
CA SER A 13 -0.52 -6.94 -7.06
C SER A 13 0.12 -8.12 -7.78
N HIS A 14 -0.30 -8.35 -9.02
CA HIS A 14 0.24 -9.45 -9.81
C HIS A 14 0.32 -9.06 -11.29
N GLU A 15 0.77 -7.85 -11.55
CA GLU A 15 0.90 -7.36 -12.93
C GLU A 15 1.95 -6.27 -13.03
N TYR A 16 1.81 -5.24 -12.21
CA TYR A 16 2.76 -4.12 -12.21
C TYR A 16 3.65 -4.17 -10.97
N LYS A 17 4.20 -5.34 -10.69
CA LYS A 17 5.07 -5.53 -9.54
C LYS A 17 6.26 -6.41 -9.90
N GLY A 18 7.17 -5.87 -10.71
CA GLY A 18 8.35 -6.63 -11.11
C GLY A 18 9.50 -5.73 -11.52
N ARG A 19 9.18 -4.64 -12.19
CA ARG A 19 10.20 -3.70 -12.64
C ARG A 19 9.73 -2.25 -12.46
N CYS A 20 10.10 -1.65 -11.34
CA CYS A 20 9.72 -0.27 -11.05
C CYS A 20 10.56 0.29 -9.91
N ILE A 21 10.99 1.54 -10.07
CA ILE A 21 11.80 2.20 -9.05
C ILE A 21 11.22 3.56 -8.68
N GLN A 22 10.12 3.93 -9.34
CA GLN A 22 9.47 5.20 -9.08
C GLN A 22 8.18 5.00 -8.27
N ASP A 23 8.17 5.51 -7.05
CA ASP A 23 7.00 5.39 -6.18
C ASP A 23 5.78 6.02 -6.82
N MET A 24 5.98 7.17 -7.47
CA MET A 24 4.89 7.88 -8.12
C MET A 24 4.21 6.98 -9.16
N ASP A 25 5.02 6.35 -10.01
CA ASP A 25 4.49 5.47 -11.05
C ASP A 25 3.76 4.28 -10.43
N CYS A 26 4.41 3.63 -9.47
CA CYS A 26 3.83 2.47 -8.79
C CYS A 26 2.47 2.82 -8.19
N ASN A 27 2.31 4.09 -7.81
CA ASN A 27 1.07 4.55 -7.21
C ASN A 27 -0.05 4.58 -8.24
N ALA A 28 0.20 5.24 -9.37
CA ALA A 28 -0.79 5.35 -10.44
C ALA A 28 -1.09 3.98 -11.04
N ALA A 29 -0.09 3.10 -11.05
CA ALA A 29 -0.25 1.77 -11.60
C ALA A 29 -1.35 1.00 -10.84
N CYS A 30 -1.34 1.11 -9.53
CA CYS A 30 -2.32 0.42 -8.69
C CYS A 30 -3.70 1.05 -8.87
N VAL A 31 -3.81 2.34 -8.57
CA VAL A 31 -5.07 3.06 -8.70
C VAL A 31 -5.66 2.90 -10.10
N LYS A 32 -4.78 2.66 -11.07
CA LYS A 32 -5.22 2.47 -12.45
C LYS A 32 -5.46 1.00 -12.76
N GLU A 33 -4.84 0.13 -11.96
CA GLU A 33 -4.99 -1.31 -12.15
C GLU A 33 -6.32 -1.80 -11.60
N SER A 34 -6.68 -1.32 -10.43
CA SER A 34 -7.93 -1.71 -9.78
C SER A 34 -8.79 -0.49 -9.46
N GLU A 35 -9.85 -0.71 -8.70
CA GLU A 35 -10.75 0.38 -8.32
C GLU A 35 -10.91 0.46 -6.81
N SER A 36 -10.23 -0.44 -6.10
CA SER A 36 -10.30 -0.48 -4.64
C SER A 36 -9.09 0.22 -4.01
N TYR A 37 -7.96 0.13 -4.70
CA TYR A 37 -6.73 0.75 -4.21
C TYR A 37 -6.68 2.23 -4.59
N THR A 38 -6.37 3.07 -3.62
CA THR A 38 -6.29 4.51 -3.84
C THR A 38 -4.87 5.02 -3.61
N GLY A 39 -3.89 4.17 -3.87
CA GLY A 39 -2.50 4.55 -3.69
C GLY A 39 -1.55 3.39 -3.89
N GLY A 40 -0.28 3.60 -3.55
CA GLY A 40 0.71 2.56 -3.70
C GLY A 40 2.11 3.11 -3.92
N PHE A 41 3.11 2.39 -3.42
CA PHE A 41 4.50 2.82 -3.56
C PHE A 41 5.36 1.71 -4.15
N CYS A 42 6.54 2.06 -4.63
CA CYS A 42 7.46 1.09 -5.22
C CYS A 42 8.68 0.89 -4.33
N ASN A 43 9.15 -0.35 -4.26
CA ASN A 43 10.32 -0.68 -3.44
C ASN A 43 11.17 -1.75 -4.12
N GLY A 44 12.49 -1.56 -4.09
CA GLY A 44 13.39 -2.51 -4.70
C GLY A 44 13.95 -3.51 -3.70
N ARG A 45 13.55 -4.76 -3.85
CA ARG A 45 14.01 -5.81 -2.95
C ARG A 45 14.27 -7.12 -3.72
N PRO A 46 15.11 -7.99 -3.14
CA PRO A 46 15.45 -9.28 -3.75
C PRO A 46 14.28 -10.25 -3.76
N PRO A 47 14.22 -11.10 -4.79
CA PRO A 47 15.23 -11.12 -5.87
C PRO A 47 15.13 -9.88 -6.76
N PHE A 48 13.92 -9.58 -7.22
CA PHE A 48 13.70 -8.43 -8.07
C PHE A 48 12.78 -7.42 -7.41
N LYS A 49 12.82 -6.18 -7.88
CA LYS A 49 11.98 -5.12 -7.33
C LYS A 49 10.52 -5.53 -7.32
N GLN A 50 9.73 -4.90 -6.45
CA GLN A 50 8.31 -5.21 -6.34
C GLN A 50 7.49 -3.94 -6.09
N CYS A 51 6.24 -3.96 -6.52
CA CYS A 51 5.35 -2.82 -6.35
C CYS A 51 4.25 -3.11 -5.33
N PHE A 52 3.97 -2.14 -4.48
CA PHE A 52 2.94 -2.29 -3.46
C PHE A 52 1.84 -1.25 -3.62
N CYS A 53 0.59 -1.68 -3.48
CA CYS A 53 -0.55 -0.78 -3.62
C CYS A 53 -1.16 -0.48 -2.25
N THR A 54 -1.91 0.61 -2.18
CA THR A 54 -2.56 1.01 -0.93
C THR A 54 -4.04 1.30 -1.15
N LYS A 55 -4.85 0.95 -0.17
CA LYS A 55 -6.29 1.17 -0.25
C LYS A 55 -6.85 1.62 1.10
N PRO A 56 -8.01 2.29 1.07
CA PRO A 56 -8.68 2.79 2.28
C PRO A 56 -9.23 1.66 3.14
N CYS A 57 -8.39 1.10 3.99
CA CYS A 57 -8.81 0.01 4.87
C CYS A 57 -9.93 0.45 5.80
N LYS A 58 -10.24 -0.38 6.78
CA LYS A 58 -11.30 -0.08 7.73
C LYS A 58 -10.73 0.15 9.13
N ARG A 59 -11.61 0.28 10.11
CA ARG A 59 -11.20 0.50 11.50
C ARG A 59 -10.46 1.84 11.64
N GLU A 60 -9.96 2.11 12.84
CA GLU A 60 -9.25 3.35 13.10
C GLU A 60 -7.77 3.08 13.36
N ARG A 61 -7.47 2.56 14.55
CA ARG A 61 -6.10 2.25 14.94
C ARG A 61 -5.98 0.80 15.39
N ALA A 62 -6.98 0.32 16.11
CA ALA A 62 -6.98 -1.05 16.60
C ALA A 62 -5.69 -1.37 17.35
N ALA A 63 -5.22 -0.41 18.14
CA ALA A 63 -3.99 -0.59 18.90
C ALA A 63 -3.70 0.64 19.76
N ALA A 64 -2.59 0.59 20.51
CA ALA A 64 -2.20 1.70 21.37
C ALA A 64 -0.75 2.09 21.12
N THR A 65 -0.22 2.95 21.99
CA THR A 65 1.16 3.41 21.87
C THR A 65 1.73 3.80 23.23
N LEU A 66 0.97 4.57 23.99
CA LEU A 66 1.39 5.02 25.31
C LEU A 66 2.63 5.90 25.20
N ARG A 67 3.00 6.52 26.32
CA ARG A 67 4.18 7.39 26.36
C ARG A 67 5.40 6.64 26.89
N TRP A 68 6.57 7.13 26.55
CA TRP A 68 7.82 6.51 26.99
C TRP A 68 7.86 5.03 26.60
N PRO A 69 8.01 4.77 25.30
CA PRO A 69 8.06 3.39 24.77
C PRO A 69 9.34 2.68 25.15
N GLY A 70 10.39 3.45 25.46
CA GLY A 70 11.65 2.86 25.85
C GLY A 70 12.81 3.83 25.69
N LEU A 71 13.86 3.39 25.01
CA LEU A 71 15.04 4.21 24.78
C LEU A 71 15.18 4.58 23.31
N HIS A 1 -5.25 -4.20 15.58
CA HIS A 1 -5.27 -2.89 16.23
C HIS A 1 -6.24 -1.95 15.53
N THR A 2 -6.84 -1.04 16.29
CA THR A 2 -7.79 -0.09 15.75
C THR A 2 -7.29 1.35 15.94
N PRO A 3 -6.22 1.70 15.21
CA PRO A 3 -5.62 3.04 15.28
C PRO A 3 -6.51 4.10 14.65
N THR A 4 -7.51 3.66 13.88
CA THR A 4 -8.43 4.57 13.22
C THR A 4 -9.52 3.80 12.48
N PRO A 5 -10.64 4.48 12.21
CA PRO A 5 -11.77 3.89 11.49
C PRO A 5 -11.46 3.62 10.02
N THR A 6 -10.54 4.39 9.46
CA THR A 6 -10.15 4.24 8.06
C THR A 6 -8.67 3.86 7.95
N PRO A 7 -8.34 2.63 8.38
CA PRO A 7 -6.98 2.12 8.33
C PRO A 7 -6.50 1.85 6.91
N ILE A 8 -5.20 2.00 6.67
CA ILE A 8 -4.64 1.77 5.35
C ILE A 8 -3.97 0.40 5.28
N CYS A 9 -4.26 -0.34 4.21
CA CYS A 9 -3.69 -1.65 4.01
C CYS A 9 -2.85 -1.70 2.74
N LYS A 10 -2.06 -2.77 2.59
CA LYS A 10 -1.21 -2.94 1.43
C LYS A 10 -1.49 -4.28 0.73
N SER A 11 -1.25 -4.32 -0.58
CA SER A 11 -1.48 -5.54 -1.35
C SER A 11 -0.51 -5.62 -2.52
N ARG A 12 -0.11 -6.85 -2.87
CA ARG A 12 0.82 -7.06 -3.97
C ARG A 12 0.06 -7.28 -5.27
N SER A 13 0.19 -6.32 -6.19
CA SER A 13 -0.49 -6.40 -7.48
C SER A 13 0.03 -7.59 -8.28
N HIS A 14 -0.49 -7.75 -9.50
CA HIS A 14 -0.08 -8.84 -10.38
C HIS A 14 0.32 -8.32 -11.74
N GLU A 15 -0.46 -7.39 -12.27
CA GLU A 15 -0.19 -6.81 -13.58
C GLU A 15 1.03 -5.90 -13.54
N TYR A 16 1.19 -5.19 -12.41
CA TYR A 16 2.31 -4.29 -12.24
C TYR A 16 3.22 -4.75 -11.10
N LYS A 17 3.47 -6.05 -11.05
CA LYS A 17 4.32 -6.62 -10.01
C LYS A 17 5.80 -6.42 -10.34
N GLY A 18 6.47 -5.58 -9.54
CA GLY A 18 7.88 -5.31 -9.76
C GLY A 18 8.12 -4.54 -11.04
N ARG A 19 9.36 -4.55 -11.51
CA ARG A 19 9.73 -3.83 -12.72
C ARG A 19 9.52 -2.33 -12.56
N CYS A 20 9.40 -1.90 -11.31
CA CYS A 20 9.19 -0.48 -11.02
C CYS A 20 10.25 0.03 -10.05
N ILE A 21 10.43 1.36 -10.04
CA ILE A 21 11.42 1.98 -9.15
C ILE A 21 10.88 3.26 -8.55
N GLN A 22 10.17 4.04 -9.36
CA GLN A 22 9.59 5.30 -8.90
C GLN A 22 8.27 5.06 -8.17
N ASP A 23 8.21 5.51 -6.92
CA ASP A 23 7.01 5.35 -6.11
C ASP A 23 5.81 5.99 -6.78
N MET A 24 6.03 7.16 -7.38
CA MET A 24 4.96 7.89 -8.06
C MET A 24 4.31 7.01 -9.14
N ASP A 25 5.13 6.38 -9.96
CA ASP A 25 4.64 5.52 -11.03
C ASP A 25 3.89 4.32 -10.45
N CYS A 26 4.52 3.64 -9.50
CA CYS A 26 3.91 2.47 -8.87
C CYS A 26 2.55 2.82 -8.26
N ASN A 27 2.45 4.04 -7.74
CA ASN A 27 1.20 4.50 -7.13
C ASN A 27 0.08 4.52 -8.15
N ALA A 28 0.34 5.15 -9.29
CA ALA A 28 -0.65 5.26 -10.36
C ALA A 28 -0.99 3.89 -10.93
N ALA A 29 -0.01 2.99 -10.93
CA ALA A 29 -0.21 1.63 -11.44
C ALA A 29 -1.31 0.93 -10.68
N CYS A 30 -1.28 1.03 -9.35
CA CYS A 30 -2.27 0.39 -8.50
C CYS A 30 -3.64 1.03 -8.68
N VAL A 31 -3.71 2.33 -8.43
CA VAL A 31 -4.97 3.07 -8.58
C VAL A 31 -5.55 2.88 -9.98
N LYS A 32 -4.70 2.57 -10.94
CA LYS A 32 -5.13 2.37 -12.32
C LYS A 32 -5.43 0.90 -12.58
N GLU A 33 -4.86 0.02 -11.76
CA GLU A 33 -5.08 -1.42 -11.90
C GLU A 33 -6.52 -1.79 -11.55
N SER A 34 -7.02 -1.22 -10.46
CA SER A 34 -8.38 -1.50 -10.01
C SER A 34 -9.06 -0.22 -9.51
N GLU A 35 -10.21 -0.37 -8.87
CA GLU A 35 -10.96 0.77 -8.35
C GLU A 35 -11.08 0.68 -6.83
N SER A 36 -10.18 -0.06 -6.21
CA SER A 36 -10.19 -0.22 -4.76
C SER A 36 -8.92 0.37 -4.14
N TYR A 37 -7.81 0.26 -4.86
CA TYR A 37 -6.54 0.77 -4.39
C TYR A 37 -6.43 2.28 -4.63
N THR A 38 -6.18 3.03 -3.56
CA THR A 38 -6.05 4.47 -3.66
C THR A 38 -4.63 4.92 -3.35
N GLY A 39 -3.66 4.06 -3.65
CA GLY A 39 -2.28 4.39 -3.40
C GLY A 39 -1.34 3.23 -3.68
N GLY A 40 -0.06 3.42 -3.41
CA GLY A 40 0.92 2.38 -3.65
C GLY A 40 2.33 2.92 -3.76
N PHE A 41 3.29 2.15 -3.27
CA PHE A 41 4.69 2.55 -3.31
C PHE A 41 5.58 1.42 -3.80
N CYS A 42 6.74 1.77 -4.35
CA CYS A 42 7.68 0.78 -4.87
C CYS A 42 8.92 0.69 -3.99
N ASN A 43 9.44 -0.52 -3.81
CA ASN A 43 10.63 -0.72 -3.00
C ASN A 43 11.57 -1.74 -3.66
N GLY A 44 12.86 -1.44 -3.63
CA GLY A 44 13.84 -2.35 -4.22
C GLY A 44 14.45 -3.29 -3.21
N ARG A 45 14.13 -4.57 -3.34
CA ARG A 45 14.65 -5.58 -2.43
C ARG A 45 14.99 -6.87 -3.17
N PRO A 46 15.86 -7.69 -2.56
CA PRO A 46 16.29 -8.97 -3.15
C PRO A 46 15.17 -10.00 -3.19
N PRO A 47 15.19 -10.85 -4.22
CA PRO A 47 16.22 -10.81 -5.27
C PRO A 47 16.07 -9.58 -6.16
N PHE A 48 14.86 -9.33 -6.63
CA PHE A 48 14.60 -8.19 -7.50
C PHE A 48 13.58 -7.25 -6.86
N LYS A 49 13.58 -5.99 -7.30
CA LYS A 49 12.66 -4.99 -6.77
C LYS A 49 11.21 -5.44 -6.94
N GLN A 50 10.33 -4.89 -6.11
CA GLN A 50 8.92 -5.24 -6.16
C GLN A 50 8.05 -4.01 -5.94
N CYS A 51 6.84 -4.03 -6.49
CA CYS A 51 5.91 -2.91 -6.35
C CYS A 51 4.80 -3.25 -5.36
N PHE A 52 4.46 -2.30 -4.51
CA PHE A 52 3.41 -2.50 -3.51
C PHE A 52 2.29 -1.47 -3.69
N CYS A 53 1.06 -1.91 -3.44
CA CYS A 53 -0.10 -1.03 -3.57
C CYS A 53 -0.75 -0.80 -2.21
N THR A 54 -1.51 0.30 -2.10
CA THR A 54 -2.19 0.65 -0.86
C THR A 54 -3.65 0.99 -1.12
N LYS A 55 -4.52 0.61 -0.19
CA LYS A 55 -5.94 0.88 -0.31
C LYS A 55 -6.55 1.22 1.05
N PRO A 56 -7.71 1.88 1.03
CA PRO A 56 -8.42 2.27 2.26
C PRO A 56 -9.01 1.07 3.00
N CYS A 57 -8.15 0.36 3.72
CA CYS A 57 -8.59 -0.81 4.48
C CYS A 57 -9.79 -0.48 5.35
N LYS A 58 -10.42 -1.51 5.90
CA LYS A 58 -11.58 -1.33 6.76
C LYS A 58 -11.40 -2.06 8.08
N ARG A 59 -11.21 -1.29 9.16
CA ARG A 59 -11.03 -1.87 10.49
C ARG A 59 -9.76 -2.70 10.54
N GLU A 60 -9.29 -2.97 11.75
CA GLU A 60 -8.08 -3.77 11.94
C GLU A 60 -6.88 -3.09 11.29
N ARG A 61 -5.71 -3.73 11.39
CA ARG A 61 -4.50 -3.19 10.81
C ARG A 61 -3.40 -4.25 10.77
N ALA A 62 -2.97 -4.70 11.94
CA ALA A 62 -1.93 -5.72 12.03
C ALA A 62 -1.65 -6.09 13.48
N ALA A 63 -2.70 -6.08 14.30
CA ALA A 63 -2.57 -6.42 15.71
C ALA A 63 -1.57 -5.50 16.40
N ALA A 64 -1.38 -5.71 17.71
CA ALA A 64 -0.45 -4.91 18.48
C ALA A 64 0.44 -5.78 19.36
N THR A 65 1.53 -5.21 19.87
CA THR A 65 2.46 -5.93 20.71
C THR A 65 2.99 -5.04 21.83
N LEU A 66 3.64 -3.95 21.45
CA LEU A 66 4.21 -3.02 22.41
C LEU A 66 3.24 -1.86 22.68
N ARG A 67 3.09 -1.51 23.96
CA ARG A 67 2.20 -0.42 24.35
C ARG A 67 2.86 0.48 25.38
N TRP A 68 2.42 1.73 25.43
CA TRP A 68 2.98 2.69 26.38
C TRP A 68 4.49 2.79 26.23
N PRO A 69 4.94 3.41 25.13
CA PRO A 69 6.37 3.58 24.84
C PRO A 69 7.04 4.57 25.80
N GLY A 70 8.35 4.47 25.92
CA GLY A 70 9.08 5.37 26.80
C GLY A 70 10.44 5.74 26.25
N LEU A 71 11.49 5.11 26.76
CA LEU A 71 12.85 5.39 26.31
C LEU A 71 13.10 4.79 24.93
N HIS A 1 -5.32 -4.01 13.17
CA HIS A 1 -4.14 -3.41 13.79
C HIS A 1 -3.94 -1.98 13.29
N THR A 2 -5.03 -1.31 12.95
CA THR A 2 -4.96 0.06 12.46
C THR A 2 -5.95 0.95 13.21
N PRO A 3 -5.60 1.29 14.46
CA PRO A 3 -6.43 2.14 15.31
C PRO A 3 -6.46 3.59 14.83
N THR A 4 -7.39 3.90 13.93
CA THR A 4 -7.51 5.25 13.39
C THR A 4 -8.70 5.35 12.44
N PRO A 5 -9.18 6.59 12.22
CA PRO A 5 -10.31 6.84 11.33
C PRO A 5 -9.96 6.61 9.87
N THR A 6 -8.67 6.63 9.56
CA THR A 6 -8.21 6.42 8.19
C THR A 6 -7.19 5.29 8.12
N PRO A 7 -7.66 4.04 8.27
CA PRO A 7 -6.81 2.86 8.23
C PRO A 7 -6.26 2.58 6.83
N ILE A 8 -4.94 2.50 6.73
CA ILE A 8 -4.29 2.24 5.45
C ILE A 8 -3.89 0.77 5.32
N CYS A 9 -4.23 0.17 4.18
CA CYS A 9 -3.90 -1.23 3.93
C CYS A 9 -3.06 -1.38 2.66
N LYS A 10 -2.32 -2.48 2.58
CA LYS A 10 -1.48 -2.74 1.42
C LYS A 10 -1.90 -4.04 0.72
N SER A 11 -1.57 -4.15 -0.56
CA SER A 11 -1.90 -5.34 -1.34
C SER A 11 -0.87 -5.59 -2.42
N ARG A 12 -0.62 -6.86 -2.72
CA ARG A 12 0.34 -7.25 -3.73
C ARG A 12 -0.30 -7.27 -5.11
N SER A 13 0.12 -6.33 -5.97
CA SER A 13 -0.42 -6.24 -7.33
C SER A 13 0.00 -7.44 -8.15
N HIS A 14 -0.60 -7.57 -9.33
CA HIS A 14 -0.29 -8.69 -10.23
C HIS A 14 0.02 -8.18 -11.64
N GLU A 15 -0.82 -7.28 -12.13
CA GLU A 15 -0.63 -6.72 -13.47
C GLU A 15 0.63 -5.86 -13.52
N TYR A 16 0.85 -5.09 -12.46
CA TYR A 16 2.02 -4.22 -12.39
C TYR A 16 3.02 -4.73 -11.35
N LYS A 17 3.22 -6.04 -11.32
CA LYS A 17 4.15 -6.64 -10.38
C LYS A 17 5.50 -6.91 -11.04
N GLY A 18 5.94 -5.96 -11.87
CA GLY A 18 7.21 -6.12 -12.55
C GLY A 18 8.37 -5.56 -11.74
N ARG A 19 9.23 -4.81 -12.41
CA ARG A 19 10.39 -4.21 -11.75
C ARG A 19 10.31 -2.68 -11.78
N CYS A 20 9.47 -2.13 -10.90
CA CYS A 20 9.29 -0.68 -10.83
C CYS A 20 10.42 -0.05 -10.03
N ILE A 21 10.51 1.28 -10.09
CA ILE A 21 11.53 2.02 -9.37
C ILE A 21 10.98 3.32 -8.81
N GLN A 22 10.16 4.00 -9.59
CA GLN A 22 9.57 5.26 -9.17
C GLN A 22 8.31 5.02 -8.35
N ASP A 23 8.32 5.48 -7.10
CA ASP A 23 7.17 5.31 -6.21
C ASP A 23 5.93 5.95 -6.81
N MET A 24 6.09 7.12 -7.42
CA MET A 24 4.97 7.83 -8.03
C MET A 24 4.30 6.97 -9.09
N ASP A 25 5.10 6.38 -9.96
CA ASP A 25 4.58 5.53 -11.03
C ASP A 25 3.84 4.34 -10.45
N CYS A 26 4.47 3.65 -9.51
CA CYS A 26 3.87 2.48 -8.87
C CYS A 26 2.51 2.83 -8.27
N ASN A 27 2.40 4.04 -7.73
CA ASN A 27 1.17 4.50 -7.12
C ASN A 27 0.05 4.59 -8.15
N ALA A 28 0.32 5.23 -9.27
CA ALA A 28 -0.66 5.37 -10.34
C ALA A 28 -1.02 4.01 -10.93
N ALA A 29 -0.06 3.10 -10.95
CA ALA A 29 -0.27 1.77 -11.50
C ALA A 29 -1.39 1.04 -10.75
N CYS A 30 -1.36 1.12 -9.42
CA CYS A 30 -2.36 0.48 -8.59
C CYS A 30 -3.72 1.15 -8.77
N VAL A 31 -3.78 2.45 -8.49
CA VAL A 31 -5.02 3.20 -8.61
C VAL A 31 -5.60 3.06 -10.02
N LYS A 32 -4.74 2.74 -10.98
CA LYS A 32 -5.17 2.57 -12.37
C LYS A 32 -5.49 1.12 -12.67
N GLU A 33 -4.94 0.22 -11.86
CA GLU A 33 -5.16 -1.21 -12.04
C GLU A 33 -6.60 -1.58 -11.72
N SER A 34 -7.11 -1.04 -10.62
CA SER A 34 -8.47 -1.32 -10.19
C SER A 34 -9.18 -0.04 -9.74
N GLU A 35 -10.36 -0.19 -9.14
CA GLU A 35 -11.13 0.95 -8.66
C GLU A 35 -11.28 0.91 -7.15
N SER A 36 -10.42 0.14 -6.49
CA SER A 36 -10.45 0.00 -5.04
C SER A 36 -9.16 0.52 -4.41
N TYR A 37 -8.07 0.41 -5.15
CA TYR A 37 -6.77 0.86 -4.67
C TYR A 37 -6.63 2.37 -4.80
N THR A 38 -6.30 3.03 -3.69
CA THR A 38 -6.14 4.48 -3.67
C THR A 38 -4.72 4.87 -3.27
N GLY A 39 -3.76 4.02 -3.63
CA GLY A 39 -2.38 4.29 -3.30
C GLY A 39 -1.45 3.16 -3.69
N GLY A 40 -0.15 3.35 -3.45
CA GLY A 40 0.82 2.33 -3.79
C GLY A 40 2.25 2.84 -3.72
N PHE A 41 3.14 1.99 -3.22
CA PHE A 41 4.55 2.36 -3.09
C PHE A 41 5.45 1.29 -3.69
N CYS A 42 6.62 1.71 -4.17
CA CYS A 42 7.58 0.79 -4.78
C CYS A 42 8.81 0.62 -3.89
N ASN A 43 9.36 -0.59 -3.87
CA ASN A 43 10.54 -0.88 -3.07
C ASN A 43 11.46 -1.86 -3.79
N GLY A 44 12.77 -1.59 -3.74
CA GLY A 44 13.73 -2.45 -4.38
C GLY A 44 14.34 -3.45 -3.43
N ARG A 45 14.02 -4.73 -3.62
CA ARG A 45 14.54 -5.79 -2.77
C ARG A 45 14.85 -7.04 -3.58
N PRO A 46 15.69 -7.93 -3.01
CA PRO A 46 16.08 -9.17 -3.67
C PRO A 46 14.92 -10.17 -3.77
N PRO A 47 14.93 -10.97 -4.84
CA PRO A 47 15.96 -10.92 -5.87
C PRO A 47 15.87 -9.64 -6.71
N PHE A 48 14.68 -9.33 -7.18
CA PHE A 48 14.46 -8.13 -8.00
C PHE A 48 13.47 -7.20 -7.33
N LYS A 49 13.47 -5.94 -7.75
CA LYS A 49 12.57 -4.93 -7.20
C LYS A 49 11.12 -5.41 -7.28
N GLN A 50 10.28 -4.86 -6.41
CA GLN A 50 8.87 -5.23 -6.38
C GLN A 50 7.99 -4.00 -6.15
N CYS A 51 6.75 -4.07 -6.64
CA CYS A 51 5.81 -2.97 -6.50
C CYS A 51 4.67 -3.34 -5.56
N PHE A 52 4.32 -2.43 -4.66
CA PHE A 52 3.24 -2.67 -3.71
C PHE A 52 2.16 -1.61 -3.84
N CYS A 53 0.92 -2.01 -3.60
CA CYS A 53 -0.22 -1.10 -3.70
C CYS A 53 -0.84 -0.87 -2.33
N THR A 54 -1.54 0.25 -2.19
CA THR A 54 -2.20 0.59 -0.93
C THR A 54 -3.61 1.08 -1.16
N LYS A 55 -4.52 0.71 -0.25
CA LYS A 55 -5.92 1.11 -0.36
C LYS A 55 -6.53 1.32 1.03
N PRO A 56 -7.62 2.09 1.08
CA PRO A 56 -8.33 2.39 2.34
C PRO A 56 -9.05 1.15 2.89
N CYS A 57 -8.57 0.64 4.02
CA CYS A 57 -9.17 -0.52 4.64
C CYS A 57 -10.68 -0.33 4.80
N LYS A 58 -11.37 -1.42 5.12
CA LYS A 58 -12.82 -1.39 5.31
C LYS A 58 -13.22 -2.00 6.63
N ARG A 59 -14.45 -1.75 7.06
CA ARG A 59 -14.95 -2.29 8.32
C ARG A 59 -14.14 -1.77 9.50
N GLU A 60 -14.69 -1.91 10.70
CA GLU A 60 -14.01 -1.45 11.91
C GLU A 60 -12.67 -2.13 12.07
N ARG A 61 -12.00 -1.85 13.19
CA ARG A 61 -10.69 -2.44 13.47
C ARG A 61 -10.43 -2.49 14.97
N ALA A 62 -10.27 -1.31 15.57
CA ALA A 62 -10.01 -1.22 17.01
C ALA A 62 -10.32 0.17 17.53
N ALA A 63 -9.66 1.18 16.95
CA ALA A 63 -9.86 2.56 17.36
C ALA A 63 -9.44 2.77 18.81
N ALA A 64 -8.27 3.37 19.01
CA ALA A 64 -7.77 3.62 20.35
C ALA A 64 -6.76 4.77 20.34
N THR A 65 -6.38 5.23 21.54
CA THR A 65 -5.43 6.32 21.67
C THR A 65 -4.35 5.99 22.68
N LEU A 66 -3.51 6.97 22.99
CA LEU A 66 -2.43 6.79 23.96
C LEU A 66 -1.70 8.10 24.23
N ARG A 67 -1.24 8.27 25.46
CA ARG A 67 -0.52 9.48 25.84
C ARG A 67 -1.47 10.68 25.87
N TRP A 68 -1.81 11.18 24.68
CA TRP A 68 -2.71 12.32 24.58
C TRP A 68 -4.13 11.96 25.00
N PRO A 69 -4.93 12.97 25.32
CA PRO A 69 -6.33 12.78 25.75
C PRO A 69 -7.22 12.31 24.60
N GLY A 70 -6.85 12.68 23.38
CA GLY A 70 -7.63 12.30 22.22
C GLY A 70 -8.34 13.47 21.58
N LEU A 71 -7.82 14.67 21.80
CA LEU A 71 -8.41 15.88 21.24
C LEU A 71 -9.89 15.98 21.62
N HIS A 1 -2.97 3.96 17.39
CA HIS A 1 -3.50 4.97 18.30
C HIS A 1 -4.71 5.67 17.69
N THR A 2 -5.49 4.92 16.91
CA THR A 2 -6.68 5.47 16.27
C THR A 2 -6.38 6.80 15.61
N PRO A 3 -5.56 6.77 14.55
CA PRO A 3 -5.18 7.98 13.81
C PRO A 3 -6.34 8.56 13.01
N THR A 4 -7.20 7.68 12.49
CA THR A 4 -8.35 8.10 11.72
C THR A 4 -9.21 6.91 11.31
N PRO A 5 -10.49 7.17 10.98
CA PRO A 5 -11.43 6.13 10.58
C PRO A 5 -11.10 5.55 9.21
N THR A 6 -10.27 6.26 8.45
CA THR A 6 -9.87 5.81 7.12
C THR A 6 -8.38 5.49 7.08
N PRO A 7 -8.03 4.34 7.67
CA PRO A 7 -6.63 3.88 7.71
C PRO A 7 -6.12 3.44 6.34
N ILE A 8 -4.80 3.33 6.21
CA ILE A 8 -4.19 2.92 4.96
C ILE A 8 -3.58 1.52 5.07
N CYS A 9 -3.87 0.67 4.10
CA CYS A 9 -3.35 -0.69 4.09
C CYS A 9 -2.51 -0.94 2.84
N LYS A 10 -1.73 -2.02 2.86
CA LYS A 10 -0.89 -2.37 1.73
C LYS A 10 -1.27 -3.73 1.16
N SER A 11 -1.26 -3.84 -0.16
CA SER A 11 -1.62 -5.08 -0.84
C SER A 11 -0.88 -5.22 -2.17
N ARG A 12 -0.57 -6.45 -2.55
CA ARG A 12 0.13 -6.71 -3.80
C ARG A 12 -0.85 -7.05 -4.92
N SER A 13 -0.55 -6.56 -6.12
CA SER A 13 -1.42 -6.80 -7.27
C SER A 13 -0.77 -7.80 -8.22
N HIS A 14 -1.32 -7.90 -9.43
CA HIS A 14 -0.81 -8.82 -10.43
C HIS A 14 -0.29 -8.06 -11.66
N GLU A 15 -0.05 -6.76 -11.48
CA GLU A 15 0.45 -5.92 -12.56
C GLU A 15 1.31 -4.79 -12.02
N TYR A 16 2.45 -4.58 -12.66
CA TYR A 16 3.37 -3.52 -12.25
C TYR A 16 3.83 -3.74 -10.81
N LYS A 17 4.20 -4.98 -10.49
CA LYS A 17 4.67 -5.31 -9.15
C LYS A 17 5.80 -6.34 -9.21
N GLY A 18 6.97 -5.90 -9.68
CA GLY A 18 8.11 -6.80 -9.78
C GLY A 18 9.12 -6.32 -10.79
N ARG A 19 9.33 -5.01 -10.85
CA ARG A 19 10.28 -4.43 -11.79
C ARG A 19 10.32 -2.91 -11.66
N CYS A 20 9.18 -2.33 -11.34
CA CYS A 20 9.08 -0.88 -11.18
C CYS A 20 10.20 -0.34 -10.29
N ILE A 21 10.40 0.97 -10.32
CA ILE A 21 11.44 1.60 -9.51
C ILE A 21 10.93 2.91 -8.90
N GLN A 22 10.20 3.68 -9.69
CA GLN A 22 9.66 4.95 -9.23
C GLN A 22 8.37 4.74 -8.43
N ASP A 23 8.36 5.25 -7.20
CA ASP A 23 7.21 5.11 -6.33
C ASP A 23 5.96 5.73 -6.98
N MET A 24 6.16 6.88 -7.62
CA MET A 24 5.06 7.58 -8.28
C MET A 24 4.39 6.68 -9.32
N ASP A 25 5.21 6.05 -10.16
CA ASP A 25 4.71 5.17 -11.20
C ASP A 25 3.91 4.02 -10.60
N CYS A 26 4.51 3.35 -9.62
CA CYS A 26 3.86 2.23 -8.95
C CYS A 26 2.51 2.63 -8.40
N ASN A 27 2.42 3.84 -7.86
CA ASN A 27 1.18 4.34 -7.29
C ASN A 27 0.08 4.36 -8.34
N ALA A 28 0.37 4.95 -9.50
CA ALA A 28 -0.60 5.03 -10.58
C ALA A 28 -0.96 3.64 -11.09
N ALA A 29 0.01 2.73 -11.06
CA ALA A 29 -0.21 1.37 -11.52
C ALA A 29 -1.32 0.68 -10.73
N CYS A 30 -1.30 0.87 -9.41
CA CYS A 30 -2.31 0.28 -8.54
C CYS A 30 -3.67 0.93 -8.75
N VAL A 31 -3.73 2.24 -8.55
CA VAL A 31 -4.97 2.99 -8.72
C VAL A 31 -5.56 2.77 -10.11
N LYS A 32 -4.70 2.40 -11.06
CA LYS A 32 -5.13 2.15 -12.43
C LYS A 32 -5.41 0.67 -12.65
N GLU A 33 -4.86 -0.17 -11.78
CA GLU A 33 -5.05 -1.61 -11.88
C GLU A 33 -6.44 -2.01 -11.44
N SER A 34 -6.91 -1.43 -10.33
CA SER A 34 -8.23 -1.73 -9.81
C SER A 34 -8.99 -0.44 -9.50
N GLU A 35 -10.13 -0.59 -8.81
CA GLU A 35 -10.95 0.56 -8.46
C GLU A 35 -11.15 0.64 -6.95
N SER A 36 -10.27 -0.03 -6.21
CA SER A 36 -10.34 -0.05 -4.76
C SER A 36 -9.07 0.53 -4.14
N TYR A 37 -7.95 0.34 -4.83
CA TYR A 37 -6.67 0.83 -4.35
C TYR A 37 -6.49 2.30 -4.68
N THR A 38 -6.24 3.11 -3.65
CA THR A 38 -6.05 4.55 -3.83
C THR A 38 -4.62 4.96 -3.49
N GLY A 39 -3.68 4.06 -3.72
CA GLY A 39 -2.28 4.34 -3.43
C GLY A 39 -1.36 3.22 -3.85
N GLY A 40 -0.06 3.41 -3.61
CA GLY A 40 0.91 2.39 -4.00
C GLY A 40 2.32 2.96 -4.10
N PHE A 41 3.28 2.24 -3.54
CA PHE A 41 4.68 2.67 -3.58
C PHE A 41 5.57 1.56 -4.13
N CYS A 42 6.76 1.95 -4.58
CA CYS A 42 7.71 1.00 -5.14
C CYS A 42 8.92 0.84 -4.22
N ASN A 43 9.42 -0.40 -4.12
CA ASN A 43 10.57 -0.67 -3.27
C ASN A 43 11.46 -1.75 -3.90
N GLY A 44 12.76 -1.55 -3.81
CA GLY A 44 13.70 -2.51 -4.37
C GLY A 44 14.18 -3.52 -3.36
N ARG A 45 13.78 -4.78 -3.54
CA ARG A 45 14.16 -5.84 -2.61
C ARG A 45 14.45 -7.13 -3.37
N PRO A 46 15.23 -8.03 -2.75
CA PRO A 46 15.58 -9.32 -3.35
C PRO A 46 14.39 -10.27 -3.44
N PRO A 47 14.40 -11.14 -4.46
CA PRO A 47 15.47 -11.18 -5.45
C PRO A 47 15.49 -9.95 -6.36
N PHE A 48 14.32 -9.62 -6.91
CA PHE A 48 14.19 -8.47 -7.79
C PHE A 48 13.26 -7.42 -7.20
N LYS A 49 13.37 -6.19 -7.67
CA LYS A 49 12.54 -5.10 -7.19
C LYS A 49 11.06 -5.46 -7.29
N GLN A 50 10.25 -4.81 -6.47
CA GLN A 50 8.80 -5.06 -6.48
C GLN A 50 8.03 -3.80 -6.07
N CYS A 51 6.85 -3.62 -6.66
CA CYS A 51 6.02 -2.47 -6.35
C CYS A 51 4.78 -2.88 -5.55
N PHE A 52 4.63 -2.29 -4.38
CA PHE A 52 3.49 -2.59 -3.51
C PHE A 52 2.40 -1.54 -3.65
N CYS A 53 1.15 -1.97 -3.53
CA CYS A 53 0.01 -1.06 -3.65
C CYS A 53 -0.61 -0.80 -2.28
N THR A 54 -1.44 0.24 -2.21
CA THR A 54 -2.10 0.60 -0.96
C THR A 54 -3.56 0.98 -1.20
N LYS A 55 -4.42 0.61 -0.27
CA LYS A 55 -5.84 0.93 -0.37
C LYS A 55 -6.36 1.55 0.92
N PRO A 56 -7.50 2.24 0.83
CA PRO A 56 -8.14 2.89 1.98
C PRO A 56 -8.72 1.88 2.97
N CYS A 57 -7.83 1.26 3.76
CA CYS A 57 -8.26 0.28 4.74
C CYS A 57 -9.34 0.85 5.64
N LYS A 58 -9.95 -0.01 6.45
CA LYS A 58 -11.00 0.40 7.37
C LYS A 58 -10.71 -0.08 8.79
N ARG A 59 -11.69 0.08 9.67
CA ARG A 59 -11.53 -0.33 11.07
C ARG A 59 -10.42 0.46 11.75
N GLU A 60 -10.04 0.03 12.95
CA GLU A 60 -8.99 0.70 13.70
C GLU A 60 -7.65 0.61 12.97
N ARG A 61 -6.61 1.12 13.62
CA ARG A 61 -5.27 1.10 13.03
C ARG A 61 -4.75 -0.33 12.89
N ALA A 62 -3.50 -0.46 12.45
CA ALA A 62 -2.89 -1.77 12.28
C ALA A 62 -1.39 -1.72 12.52
N ALA A 63 -0.69 -2.81 12.20
CA ALA A 63 0.75 -2.87 12.39
C ALA A 63 1.12 -2.73 13.86
N ALA A 64 2.42 -2.60 14.12
CA ALA A 64 2.91 -2.45 15.49
C ALA A 64 3.83 -1.24 15.61
N THR A 65 3.25 -0.05 15.42
CA THR A 65 4.01 1.19 15.51
C THR A 65 5.23 1.16 14.60
N LEU A 66 6.07 2.18 14.71
CA LEU A 66 7.28 2.27 13.90
C LEU A 66 8.37 3.04 14.62
N ARG A 67 8.05 4.27 15.03
CA ARG A 67 9.00 5.12 15.74
C ARG A 67 10.21 5.43 14.86
N TRP A 68 11.24 6.00 15.47
CA TRP A 68 12.45 6.35 14.73
C TRP A 68 13.70 5.96 15.51
N PRO A 69 13.91 4.65 15.65
CA PRO A 69 15.07 4.12 16.39
C PRO A 69 16.39 4.36 15.65
N GLY A 70 17.36 4.90 16.36
CA GLY A 70 18.66 5.18 15.76
C GLY A 70 19.49 6.15 16.57
N LEU A 71 20.44 5.62 17.34
CA LEU A 71 21.30 6.46 18.16
C LEU A 71 22.47 7.00 17.36
N HIS A 1 -9.23 -2.39 18.53
CA HIS A 1 -10.08 -2.78 17.41
C HIS A 1 -10.73 -1.57 16.76
N THR A 2 -10.08 -0.41 16.90
CA THR A 2 -10.61 0.83 16.33
C THR A 2 -9.51 1.88 16.21
N PRO A 3 -8.56 1.64 15.29
CA PRO A 3 -7.44 2.56 15.06
C PRO A 3 -7.89 3.86 14.39
N THR A 4 -8.90 3.76 13.54
CA THR A 4 -9.42 4.93 12.83
C THR A 4 -10.63 4.57 11.98
N PRO A 5 -11.44 5.58 11.64
CA PRO A 5 -12.65 5.38 10.83
C PRO A 5 -12.31 5.04 9.38
N THR A 6 -11.08 5.33 8.98
CA THR A 6 -10.63 5.06 7.62
C THR A 6 -9.15 4.71 7.58
N PRO A 7 -8.81 3.49 8.03
CA PRO A 7 -7.42 3.02 8.07
C PRO A 7 -6.87 2.76 6.67
N ILE A 8 -5.55 2.67 6.57
CA ILE A 8 -4.89 2.42 5.30
C ILE A 8 -4.26 1.03 5.26
N CYS A 9 -4.50 0.30 4.19
CA CYS A 9 -3.94 -1.04 4.03
C CYS A 9 -3.05 -1.12 2.80
N LYS A 10 -2.24 -2.17 2.73
CA LYS A 10 -1.33 -2.37 1.61
C LYS A 10 -1.49 -3.77 1.03
N SER A 11 -1.37 -3.86 -0.30
CA SER A 11 -1.50 -5.14 -0.98
C SER A 11 -0.64 -5.19 -2.24
N ARG A 12 -0.11 -6.35 -2.56
CA ARG A 12 0.73 -6.53 -3.73
C ARG A 12 -0.11 -6.92 -4.95
N SER A 13 0.26 -6.39 -6.11
CA SER A 13 -0.46 -6.69 -7.35
C SER A 13 0.18 -7.86 -8.08
N HIS A 14 -0.25 -8.09 -9.32
CA HIS A 14 0.27 -9.17 -10.13
C HIS A 14 0.36 -8.76 -11.60
N GLU A 15 1.10 -7.69 -11.86
CA GLU A 15 1.26 -7.19 -13.22
C GLU A 15 2.27 -6.04 -13.27
N TYR A 16 2.16 -5.13 -12.31
CA TYR A 16 3.05 -3.99 -12.25
C TYR A 16 3.98 -4.09 -11.04
N LYS A 17 4.49 -5.29 -10.80
CA LYS A 17 5.39 -5.53 -9.68
C LYS A 17 6.55 -6.44 -10.09
N GLY A 18 7.46 -5.91 -10.89
CA GLY A 18 8.59 -6.68 -11.35
C GLY A 18 9.86 -5.85 -11.48
N ARG A 19 9.70 -4.62 -11.97
CA ARG A 19 10.83 -3.72 -12.15
C ARG A 19 10.39 -2.26 -12.02
N CYS A 20 9.96 -1.89 -10.81
CA CYS A 20 9.52 -0.53 -10.55
C CYS A 20 10.21 0.03 -9.31
N ILE A 21 10.74 1.25 -9.44
CA ILE A 21 11.42 1.90 -8.34
C ILE A 21 10.77 3.23 -8.00
N GLN A 22 10.09 3.82 -8.97
CA GLN A 22 9.42 5.10 -8.78
C GLN A 22 8.11 4.92 -8.04
N ASP A 23 8.05 5.41 -6.81
CA ASP A 23 6.84 5.29 -5.99
C ASP A 23 5.66 5.97 -6.68
N MET A 24 5.91 7.12 -7.29
CA MET A 24 4.86 7.86 -8.00
C MET A 24 4.20 6.99 -9.06
N ASP A 25 5.02 6.35 -9.88
CA ASP A 25 4.52 5.49 -10.95
C ASP A 25 3.77 4.29 -10.37
N CYS A 26 4.40 3.61 -9.42
CA CYS A 26 3.80 2.45 -8.77
C CYS A 26 2.43 2.80 -8.19
N ASN A 27 2.28 4.04 -7.76
CA ASN A 27 1.03 4.51 -7.17
C ASN A 27 -0.07 4.56 -8.22
N ALA A 28 0.20 5.23 -9.33
CA ALA A 28 -0.77 5.34 -10.41
C ALA A 28 -1.08 3.98 -11.02
N ALA A 29 -0.09 3.10 -11.03
CA ALA A 29 -0.25 1.77 -11.58
C ALA A 29 -1.35 0.99 -10.86
N CYS A 30 -1.33 1.06 -9.52
CA CYS A 30 -2.32 0.37 -8.71
C CYS A 30 -3.70 1.00 -8.90
N VAL A 31 -3.81 2.29 -8.61
CA VAL A 31 -5.08 3.00 -8.75
C VAL A 31 -5.65 2.82 -10.15
N LYS A 32 -4.78 2.52 -11.11
CA LYS A 32 -5.20 2.33 -12.49
C LYS A 32 -5.52 0.86 -12.76
N GLU A 33 -4.87 -0.03 -12.01
CA GLU A 33 -5.08 -1.46 -12.18
C GLU A 33 -6.47 -1.86 -11.70
N SER A 34 -6.87 -1.34 -10.55
CA SER A 34 -8.17 -1.65 -9.98
C SER A 34 -8.89 -0.38 -9.53
N GLU A 35 -10.03 -0.55 -8.87
CA GLU A 35 -10.80 0.59 -8.38
C GLU A 35 -10.95 0.54 -6.86
N SER A 36 -10.15 -0.32 -6.23
CA SER A 36 -10.19 -0.46 -4.78
C SER A 36 -8.99 0.22 -4.12
N TYR A 37 -7.85 0.16 -4.80
CA TYR A 37 -6.63 0.78 -4.29
C TYR A 37 -6.56 2.26 -4.65
N THR A 38 -6.28 3.08 -3.64
CA THR A 38 -6.20 4.52 -3.84
C THR A 38 -4.78 5.03 -3.63
N GLY A 39 -3.81 4.16 -3.91
CA GLY A 39 -2.41 4.53 -3.74
C GLY A 39 -1.47 3.35 -3.88
N GLY A 40 -0.22 3.55 -3.47
CA GLY A 40 0.75 2.47 -3.57
C GLY A 40 2.18 2.99 -3.57
N PHE A 41 3.11 2.16 -3.12
CA PHE A 41 4.52 2.54 -3.07
C PHE A 41 5.40 1.48 -3.75
N CYS A 42 6.51 1.93 -4.33
CA CYS A 42 7.42 1.03 -5.01
C CYS A 42 8.75 0.95 -4.27
N ASN A 43 9.33 -0.25 -4.23
CA ASN A 43 10.61 -0.46 -3.56
C ASN A 43 11.46 -1.49 -4.31
N GLY A 44 12.75 -1.20 -4.43
CA GLY A 44 13.64 -2.10 -5.13
C GLY A 44 14.37 -3.03 -4.18
N ARG A 45 14.05 -4.32 -4.25
CA ARG A 45 14.68 -5.31 -3.39
C ARG A 45 14.91 -6.62 -4.13
N PRO A 46 15.87 -7.42 -3.65
CA PRO A 46 16.21 -8.71 -4.26
C PRO A 46 15.11 -9.75 -4.08
N PRO A 47 14.98 -10.65 -5.07
CA PRO A 47 15.83 -10.65 -6.26
C PRO A 47 15.55 -9.46 -7.17
N PHE A 48 14.27 -9.25 -7.48
CA PHE A 48 13.88 -8.15 -8.35
C PHE A 48 13.00 -7.16 -7.60
N LYS A 49 12.89 -5.95 -8.13
CA LYS A 49 12.08 -4.90 -7.51
C LYS A 49 10.65 -5.39 -7.28
N GLN A 50 9.96 -4.76 -6.32
CA GLN A 50 8.59 -5.13 -6.01
C GLN A 50 7.72 -3.90 -5.86
N CYS A 51 6.49 -3.99 -6.36
CA CYS A 51 5.55 -2.88 -6.30
C CYS A 51 4.41 -3.19 -5.33
N PHE A 52 4.07 -2.21 -4.48
CA PHE A 52 3.00 -2.39 -3.51
C PHE A 52 1.91 -1.34 -3.70
N CYS A 53 0.67 -1.73 -3.47
CA CYS A 53 -0.46 -0.82 -3.61
C CYS A 53 -1.09 -0.51 -2.26
N THR A 54 -1.85 0.59 -2.20
CA THR A 54 -2.51 0.99 -0.96
C THR A 54 -3.98 1.27 -1.21
N LYS A 55 -4.81 0.92 -0.22
CA LYS A 55 -6.25 1.13 -0.32
C LYS A 55 -6.83 1.57 1.01
N PRO A 56 -7.99 2.25 0.97
CA PRO A 56 -8.67 2.73 2.18
C PRO A 56 -9.26 1.61 3.00
N CYS A 57 -8.40 0.91 3.74
CA CYS A 57 -8.84 -0.20 4.58
C CYS A 57 -10.00 0.22 5.49
N LYS A 58 -10.61 -0.76 6.14
CA LYS A 58 -11.73 -0.49 7.04
C LYS A 58 -11.87 -1.59 8.08
N ARG A 59 -12.31 -1.22 9.27
CA ARG A 59 -12.50 -2.19 10.36
C ARG A 59 -11.17 -2.83 10.74
N GLU A 60 -11.19 -3.64 11.79
CA GLU A 60 -9.99 -4.32 12.26
C GLU A 60 -8.95 -3.30 12.74
N ARG A 61 -7.94 -3.79 13.45
CA ARG A 61 -6.89 -2.93 13.97
C ARG A 61 -5.68 -2.92 13.03
N ALA A 62 -5.95 -2.88 11.73
CA ALA A 62 -4.88 -2.88 10.74
C ALA A 62 -4.47 -1.45 10.40
N ALA A 63 -3.29 -1.06 10.88
CA ALA A 63 -2.78 0.28 10.63
C ALA A 63 -1.31 0.40 11.06
N ALA A 64 -0.68 1.51 10.69
CA ALA A 64 0.72 1.73 11.04
C ALA A 64 1.19 3.10 10.55
N THR A 65 1.92 3.81 11.39
CA THR A 65 2.43 5.14 11.04
C THR A 65 3.58 5.54 11.95
N LEU A 66 4.42 6.44 11.45
CA LEU A 66 5.57 6.91 12.23
C LEU A 66 6.36 7.96 11.44
N ARG A 67 6.93 8.93 12.16
CA ARG A 67 7.70 9.99 11.52
C ARG A 67 8.78 10.51 12.48
N TRP A 68 8.34 11.06 13.61
CA TRP A 68 9.26 11.59 14.60
C TRP A 68 9.23 10.77 15.88
N PRO A 69 10.33 10.83 16.66
CA PRO A 69 10.44 10.09 17.93
C PRO A 69 9.52 10.64 19.00
N GLY A 70 9.19 9.79 19.97
CA GLY A 70 8.31 10.21 21.05
C GLY A 70 8.13 9.13 22.10
N LEU A 71 7.43 9.45 23.18
CA LEU A 71 7.20 8.51 24.27
C LEU A 71 6.47 7.27 23.75
N HIS A 1 -8.94 -3.31 16.27
CA HIS A 1 -9.03 -2.26 17.28
C HIS A 1 -8.71 -0.90 16.67
N THR A 2 -9.05 0.16 17.39
CA THR A 2 -8.79 1.52 16.92
C THR A 2 -9.22 1.69 15.47
N PRO A 3 -10.54 1.63 15.23
CA PRO A 3 -11.12 1.77 13.89
C PRO A 3 -10.99 3.19 13.35
N THR A 4 -9.80 3.54 12.87
CA THR A 4 -9.55 4.87 12.33
C THR A 4 -10.60 5.25 11.29
N PRO A 5 -10.74 6.56 11.04
CA PRO A 5 -11.70 7.08 10.08
C PRO A 5 -11.32 6.75 8.64
N THR A 6 -10.03 6.48 8.43
CA THR A 6 -9.53 6.15 7.10
C THR A 6 -8.24 5.35 7.18
N PRO A 7 -8.36 4.08 7.58
CA PRO A 7 -7.21 3.18 7.72
C PRO A 7 -6.62 2.79 6.36
N ILE A 8 -5.32 3.05 6.19
CA ILE A 8 -4.64 2.72 4.95
C ILE A 8 -3.87 1.41 5.06
N CYS A 9 -4.04 0.54 4.07
CA CYS A 9 -3.37 -0.75 4.05
C CYS A 9 -2.61 -0.97 2.75
N LYS A 10 -1.73 -1.96 2.73
CA LYS A 10 -0.95 -2.27 1.53
C LYS A 10 -1.27 -3.67 1.02
N SER A 11 -1.40 -3.80 -0.29
CA SER A 11 -1.71 -5.08 -0.92
C SER A 11 -1.13 -5.15 -2.32
N ARG A 12 -0.77 -6.36 -2.74
CA ARG A 12 -0.20 -6.57 -4.07
C ARG A 12 -1.31 -6.74 -5.11
N SER A 13 -1.21 -6.00 -6.20
CA SER A 13 -2.19 -6.07 -7.27
C SER A 13 -1.62 -6.75 -8.50
N HIS A 14 -0.45 -7.37 -8.34
CA HIS A 14 0.21 -8.06 -9.44
C HIS A 14 0.30 -7.17 -10.67
N GLU A 15 0.61 -7.77 -11.81
CA GLU A 15 0.73 -7.02 -13.05
C GLU A 15 2.02 -6.19 -13.08
N TYR A 16 2.06 -5.17 -12.24
CA TYR A 16 3.23 -4.30 -12.14
C TYR A 16 4.18 -4.78 -11.06
N LYS A 17 4.30 -6.10 -10.92
CA LYS A 17 5.18 -6.68 -9.92
C LYS A 17 6.50 -7.12 -10.55
N GLY A 18 7.60 -6.50 -10.12
CA GLY A 18 8.91 -6.84 -10.65
C GLY A 18 9.33 -5.93 -11.76
N ARG A 19 8.78 -4.71 -11.78
CA ARG A 19 9.11 -3.74 -12.81
C ARG A 19 8.69 -2.33 -12.39
N CYS A 20 9.44 -1.76 -11.44
CA CYS A 20 9.14 -0.42 -10.95
C CYS A 20 10.20 0.03 -9.95
N ILE A 21 10.60 1.30 -10.06
CA ILE A 21 11.60 1.86 -9.17
C ILE A 21 11.10 3.15 -8.51
N GLN A 22 10.37 3.95 -9.28
CA GLN A 22 9.84 5.21 -8.78
C GLN A 22 8.56 4.97 -7.98
N ASP A 23 8.53 5.48 -6.75
CA ASP A 23 7.37 5.32 -5.88
C ASP A 23 6.13 5.92 -6.53
N MET A 24 6.29 7.08 -7.16
CA MET A 24 5.19 7.76 -7.82
C MET A 24 4.56 6.87 -8.88
N ASP A 25 5.39 6.26 -9.71
CA ASP A 25 4.91 5.38 -10.77
C ASP A 25 4.17 4.19 -10.19
N CYS A 26 4.79 3.54 -9.21
CA CYS A 26 4.19 2.37 -8.56
C CYS A 26 2.81 2.71 -8.01
N ASN A 27 2.63 3.96 -7.61
CA ASN A 27 1.34 4.41 -7.06
C ASN A 27 0.28 4.47 -8.15
N ALA A 28 0.60 5.15 -9.24
CA ALA A 28 -0.33 5.28 -10.37
C ALA A 28 -0.60 3.93 -11.01
N ALA A 29 0.40 3.06 -11.00
CA ALA A 29 0.26 1.73 -11.58
C ALA A 29 -0.88 0.96 -10.93
N CYS A 30 -0.95 1.03 -9.60
CA CYS A 30 -2.00 0.33 -8.86
C CYS A 30 -3.36 0.98 -9.10
N VAL A 31 -3.46 2.27 -8.77
CA VAL A 31 -4.71 3.00 -8.95
C VAL A 31 -5.21 2.90 -10.39
N LYS A 32 -4.29 2.66 -11.31
CA LYS A 32 -4.62 2.54 -12.72
C LYS A 32 -4.86 1.08 -13.10
N GLU A 33 -4.32 0.17 -12.30
CA GLU A 33 -4.46 -1.26 -12.55
C GLU A 33 -5.88 -1.73 -12.21
N SER A 34 -6.39 -1.26 -11.06
CA SER A 34 -7.73 -1.64 -10.63
C SER A 34 -8.52 -0.41 -10.21
N GLU A 35 -9.68 -0.64 -9.58
CA GLU A 35 -10.54 0.45 -9.13
C GLU A 35 -10.80 0.34 -7.63
N SER A 36 -9.89 -0.32 -6.92
CA SER A 36 -10.02 -0.48 -5.49
C SER A 36 -8.84 0.12 -4.74
N TYR A 37 -7.67 0.10 -5.39
CA TYR A 37 -6.45 0.65 -4.80
C TYR A 37 -6.38 2.16 -5.00
N THR A 38 -6.12 2.88 -3.92
CA THR A 38 -6.03 4.34 -3.97
C THR A 38 -4.62 4.81 -3.65
N GLY A 39 -3.63 3.99 -4.01
CA GLY A 39 -2.24 4.34 -3.74
C GLY A 39 -1.30 3.17 -3.92
N GLY A 40 -0.07 3.33 -3.45
CA GLY A 40 0.91 2.27 -3.57
C GLY A 40 2.34 2.78 -3.50
N PHE A 41 3.25 1.92 -3.07
CA PHE A 41 4.66 2.29 -2.95
C PHE A 41 5.56 1.22 -3.56
N CYS A 42 6.70 1.65 -4.09
CA CYS A 42 7.65 0.71 -4.70
C CYS A 42 8.91 0.60 -3.84
N ASN A 43 9.44 -0.62 -3.77
CA ASN A 43 10.65 -0.86 -2.98
C ASN A 43 11.55 -1.89 -3.68
N GLY A 44 12.85 -1.62 -3.68
CA GLY A 44 13.80 -2.52 -4.31
C GLY A 44 14.42 -3.49 -3.32
N ARG A 45 14.08 -4.77 -3.47
CA ARG A 45 14.61 -5.81 -2.59
C ARG A 45 14.94 -7.07 -3.37
N PRO A 46 15.80 -7.92 -2.79
CA PRO A 46 16.22 -9.18 -3.41
C PRO A 46 15.10 -10.20 -3.45
N PRO A 47 15.09 -11.04 -4.51
CA PRO A 47 16.09 -10.97 -5.57
C PRO A 47 15.95 -9.72 -6.43
N PHE A 48 14.73 -9.46 -6.89
CA PHE A 48 14.45 -8.30 -7.72
C PHE A 48 13.46 -7.36 -7.04
N LYS A 49 13.47 -6.10 -7.46
CA LYS A 49 12.57 -5.09 -6.88
C LYS A 49 11.12 -5.53 -7.04
N GLN A 50 10.26 -4.99 -6.19
CA GLN A 50 8.83 -5.31 -6.24
C GLN A 50 7.98 -4.07 -6.02
N CYS A 51 6.76 -4.08 -6.53
CA CYS A 51 5.84 -2.95 -6.39
C CYS A 51 4.67 -3.32 -5.49
N PHE A 52 4.31 -2.41 -4.60
CA PHE A 52 3.20 -2.63 -3.67
C PHE A 52 2.14 -1.55 -3.83
N CYS A 53 0.88 -1.94 -3.63
CA CYS A 53 -0.23 -1.00 -3.75
C CYS A 53 -0.83 -0.69 -2.39
N THR A 54 -1.57 0.41 -2.31
CA THR A 54 -2.20 0.83 -1.07
C THR A 54 -3.64 1.26 -1.29
N LYS A 55 -4.52 0.92 -0.35
CA LYS A 55 -5.93 1.27 -0.46
C LYS A 55 -6.53 1.48 0.93
N PRO A 56 -7.64 2.23 0.99
CA PRO A 56 -8.33 2.54 2.24
C PRO A 56 -9.03 1.31 2.82
N CYS A 57 -8.28 0.52 3.58
CA CYS A 57 -8.82 -0.68 4.20
C CYS A 57 -10.14 -0.38 4.93
N LYS A 58 -10.86 -1.43 5.29
CA LYS A 58 -12.13 -1.28 5.98
C LYS A 58 -12.52 -2.57 6.69
N ARG A 59 -13.17 -2.45 7.84
CA ARG A 59 -13.59 -3.60 8.61
C ARG A 59 -12.39 -4.43 9.06
N GLU A 60 -12.65 -5.39 9.95
CA GLU A 60 -11.59 -6.26 10.47
C GLU A 60 -10.64 -5.46 11.37
N ARG A 61 -9.78 -4.66 10.75
CA ARG A 61 -8.82 -3.85 11.50
C ARG A 61 -8.62 -2.49 10.84
N ALA A 62 -7.64 -1.74 11.30
CA ALA A 62 -7.35 -0.42 10.76
C ALA A 62 -5.88 -0.30 10.36
N ALA A 63 -5.00 -0.18 11.36
CA ALA A 63 -3.58 -0.05 11.11
C ALA A 63 -2.80 -0.03 12.42
N ALA A 64 -1.50 0.27 12.33
CA ALA A 64 -0.65 0.34 13.51
C ALA A 64 0.07 1.68 13.59
N THR A 65 1.03 1.77 14.50
CA THR A 65 1.79 3.00 14.69
C THR A 65 3.28 2.76 14.49
N LEU A 66 4.00 3.81 14.11
CA LEU A 66 5.44 3.71 13.88
C LEU A 66 6.04 5.08 13.58
N ARG A 67 7.31 5.26 13.93
CA ARG A 67 8.00 6.51 13.69
C ARG A 67 9.50 6.36 13.89
N TRP A 68 10.23 7.47 13.78
CA TRP A 68 11.68 7.45 13.94
C TRP A 68 12.34 6.59 12.87
N PRO A 69 13.65 6.81 12.66
CA PRO A 69 14.42 6.08 11.66
C PRO A 69 14.63 4.61 12.04
N GLY A 70 15.05 4.39 13.29
CA GLY A 70 15.28 3.04 13.76
C GLY A 70 16.57 2.45 13.23
N LEU A 71 17.59 3.29 13.07
CA LEU A 71 18.87 2.84 12.56
C LEU A 71 20.02 3.66 13.15
N HIS A 1 -4.97 -0.80 18.08
CA HIS A 1 -5.51 -0.05 19.21
C HIS A 1 -6.45 1.05 18.72
N THR A 2 -7.16 0.78 17.61
CA THR A 2 -8.08 1.74 17.05
C THR A 2 -7.37 3.03 16.65
N PRO A 3 -6.52 2.95 15.62
CA PRO A 3 -5.76 4.10 15.12
C PRO A 3 -6.65 5.12 14.42
N THR A 4 -7.62 4.63 13.65
CA THR A 4 -8.54 5.51 12.94
C THR A 4 -9.60 4.70 12.20
N PRO A 5 -10.72 5.36 11.88
CA PRO A 5 -11.84 4.72 11.16
C PRO A 5 -11.49 4.40 9.72
N THR A 6 -10.49 5.10 9.18
CA THR A 6 -10.06 4.88 7.80
C THR A 6 -8.59 4.52 7.74
N PRO A 7 -8.24 3.32 8.21
CA PRO A 7 -6.87 2.83 8.22
C PRO A 7 -6.35 2.52 6.82
N ILE A 8 -5.04 2.53 6.66
CA ILE A 8 -4.42 2.26 5.37
C ILE A 8 -3.86 0.84 5.31
N CYS A 9 -4.16 0.13 4.23
CA CYS A 9 -3.70 -1.23 4.05
C CYS A 9 -2.83 -1.36 2.79
N LYS A 10 -2.09 -2.45 2.70
CA LYS A 10 -1.23 -2.69 1.56
C LYS A 10 -1.62 -3.97 0.82
N SER A 11 -1.31 -4.03 -0.47
CA SER A 11 -1.64 -5.19 -1.28
C SER A 11 -0.61 -5.39 -2.39
N ARG A 12 -0.34 -6.64 -2.72
CA ARG A 12 0.62 -6.96 -3.78
C ARG A 12 -0.08 -7.23 -5.10
N SER A 13 0.41 -6.60 -6.16
CA SER A 13 -0.18 -6.76 -7.49
C SER A 13 0.39 -7.98 -8.19
N HIS A 14 0.08 -8.12 -9.48
CA HIS A 14 0.58 -9.24 -10.26
C HIS A 14 0.91 -8.80 -11.68
N GLU A 15 0.02 -8.03 -12.29
CA GLU A 15 0.23 -7.54 -13.65
C GLU A 15 1.37 -6.52 -13.69
N TYR A 16 1.52 -5.76 -12.61
CA TYR A 16 2.56 -4.75 -12.52
C TYR A 16 3.73 -5.24 -11.67
N LYS A 17 4.10 -6.50 -11.85
CA LYS A 17 5.20 -7.10 -11.11
C LYS A 17 6.44 -7.22 -11.98
N GLY A 18 7.09 -6.09 -12.25
CA GLY A 18 8.28 -6.08 -13.06
C GLY A 18 8.87 -4.69 -13.24
N ARG A 19 8.26 -3.91 -14.11
CA ARG A 19 8.72 -2.55 -14.38
C ARG A 19 8.31 -1.61 -13.25
N CYS A 20 8.86 -1.83 -12.06
CA CYS A 20 8.55 -1.01 -10.90
C CYS A 20 9.82 -0.61 -10.15
N ILE A 21 10.02 0.69 -9.98
CA ILE A 21 11.20 1.19 -9.28
C ILE A 21 10.86 2.45 -8.48
N GLN A 22 10.07 3.33 -9.08
CA GLN A 22 9.68 4.57 -8.42
C GLN A 22 8.24 4.49 -7.91
N ASP A 23 7.98 5.11 -6.77
CA ASP A 23 6.66 5.10 -6.18
C ASP A 23 5.63 5.76 -7.11
N MET A 24 6.09 6.77 -7.86
CA MET A 24 5.21 7.47 -8.79
C MET A 24 4.54 6.50 -9.75
N ASP A 25 5.35 5.67 -10.40
CA ASP A 25 4.82 4.69 -11.34
C ASP A 25 4.01 3.63 -10.63
N CYS A 26 4.57 3.07 -9.56
CA CYS A 26 3.89 2.03 -8.79
C CYS A 26 2.53 2.52 -8.31
N ASN A 27 2.44 3.80 -8.00
CA ASN A 27 1.20 4.40 -7.52
C ASN A 27 0.13 4.34 -8.60
N ALA A 28 0.45 4.84 -9.79
CA ALA A 28 -0.49 4.84 -10.90
C ALA A 28 -0.89 3.41 -11.27
N ALA A 29 0.03 2.47 -11.11
CA ALA A 29 -0.23 1.07 -11.43
C ALA A 29 -1.41 0.54 -10.62
N CYS A 30 -1.40 0.84 -9.32
CA CYS A 30 -2.46 0.38 -8.43
C CYS A 30 -3.78 1.07 -8.77
N VAL A 31 -3.78 2.40 -8.69
CA VAL A 31 -4.98 3.18 -8.99
C VAL A 31 -5.53 2.84 -10.36
N LYS A 32 -4.67 2.31 -11.23
CA LYS A 32 -5.06 1.94 -12.58
C LYS A 32 -5.46 0.47 -12.65
N GLU A 33 -4.98 -0.32 -11.68
CA GLU A 33 -5.28 -1.74 -11.64
C GLU A 33 -6.73 -1.98 -11.22
N SER A 34 -7.17 -1.25 -10.20
CA SER A 34 -8.53 -1.38 -9.71
C SER A 34 -9.14 -0.01 -9.40
N GLU A 35 -10.29 -0.01 -8.74
CA GLU A 35 -10.97 1.23 -8.39
C GLU A 35 -11.07 1.39 -6.88
N SER A 36 -10.26 0.63 -6.15
CA SER A 36 -10.25 0.67 -4.70
C SER A 36 -8.88 1.12 -4.17
N TYR A 37 -7.84 0.78 -4.91
CA TYR A 37 -6.48 1.15 -4.52
C TYR A 37 -6.18 2.60 -4.86
N THR A 38 -6.16 3.45 -3.84
CA THR A 38 -5.89 4.87 -4.02
C THR A 38 -4.47 5.21 -3.59
N GLY A 39 -3.55 4.26 -3.75
CA GLY A 39 -2.17 4.48 -3.36
C GLY A 39 -1.28 3.32 -3.72
N GLY A 40 0.04 3.53 -3.62
CA GLY A 40 0.99 2.48 -3.93
C GLY A 40 2.42 2.95 -3.85
N PHE A 41 3.30 2.10 -3.33
CA PHE A 41 4.71 2.44 -3.19
C PHE A 41 5.59 1.29 -3.68
N CYS A 42 6.76 1.63 -4.21
CA CYS A 42 7.69 0.62 -4.70
C CYS A 42 8.95 0.58 -3.84
N ASN A 43 9.50 -0.63 -3.68
CA ASN A 43 10.70 -0.82 -2.88
C ASN A 43 11.62 -1.86 -3.50
N GLY A 44 12.92 -1.56 -3.53
CA GLY A 44 13.88 -2.48 -4.10
C GLY A 44 14.54 -3.36 -3.05
N ARG A 45 14.23 -4.65 -3.09
CA ARG A 45 14.80 -5.60 -2.13
C ARG A 45 15.13 -6.93 -2.81
N PRO A 46 15.99 -7.72 -2.16
CA PRO A 46 16.40 -9.03 -2.68
C PRO A 46 15.26 -10.05 -2.66
N PRO A 47 15.26 -10.95 -3.65
CA PRO A 47 16.27 -10.97 -4.71
C PRO A 47 16.15 -9.78 -5.65
N PHE A 48 14.93 -9.54 -6.15
CA PHE A 48 14.68 -8.44 -7.06
C PHE A 48 13.67 -7.46 -6.47
N LYS A 49 13.66 -6.24 -6.98
CA LYS A 49 12.74 -5.21 -6.50
C LYS A 49 11.30 -5.68 -6.62
N GLN A 50 10.42 -5.08 -5.82
CA GLN A 50 9.01 -5.43 -5.84
C GLN A 50 8.13 -4.19 -5.70
N CYS A 51 6.92 -4.26 -6.24
CA CYS A 51 5.99 -3.15 -6.17
C CYS A 51 4.82 -3.45 -5.23
N PHE A 52 4.50 -2.49 -4.37
CA PHE A 52 3.40 -2.67 -3.41
C PHE A 52 2.34 -1.60 -3.61
N CYS A 53 1.09 -1.97 -3.38
CA CYS A 53 -0.03 -1.04 -3.52
C CYS A 53 -0.67 -0.73 -2.17
N THR A 54 -1.39 0.39 -2.11
CA THR A 54 -2.04 0.81 -0.87
C THR A 54 -3.47 1.25 -1.13
N LYS A 55 -4.37 0.93 -0.21
CA LYS A 55 -5.77 1.29 -0.34
C LYS A 55 -6.38 1.64 1.02
N PRO A 56 -7.50 2.37 1.00
CA PRO A 56 -8.20 2.78 2.22
C PRO A 56 -8.85 1.60 2.94
N CYS A 57 -8.05 0.89 3.73
CA CYS A 57 -8.56 -0.26 4.48
C CYS A 57 -9.80 0.10 5.28
N LYS A 58 -10.46 -0.90 5.84
CA LYS A 58 -11.66 -0.69 6.62
C LYS A 58 -11.50 -1.24 8.03
N ARG A 59 -12.58 -1.20 8.81
CA ARG A 59 -12.54 -1.70 10.19
C ARG A 59 -11.57 -0.87 11.03
N GLU A 60 -11.70 -1.00 12.35
CA GLU A 60 -10.84 -0.28 13.28
C GLU A 60 -9.68 -1.14 13.75
N ARG A 61 -9.26 -2.08 12.89
CA ARG A 61 -8.17 -2.98 13.23
C ARG A 61 -8.48 -3.77 14.48
N ALA A 62 -9.77 -3.96 14.76
CA ALA A 62 -10.20 -4.71 15.93
C ALA A 62 -9.54 -4.17 17.20
N ALA A 63 -10.16 -3.18 17.83
CA ALA A 63 -9.63 -2.59 19.04
C ALA A 63 -10.65 -1.69 19.71
N ALA A 64 -10.28 -1.12 20.86
CA ALA A 64 -11.17 -0.23 21.59
C ALA A 64 -10.82 1.23 21.35
N THR A 65 -11.83 2.10 21.35
CA THR A 65 -11.63 3.52 21.12
C THR A 65 -10.97 4.18 22.33
N LEU A 66 -11.22 3.62 23.51
CA LEU A 66 -10.65 4.15 24.74
C LEU A 66 -11.14 5.57 25.00
N ARG A 67 -10.60 6.21 26.03
CA ARG A 67 -10.98 7.57 26.38
C ARG A 67 -9.84 8.55 26.10
N TRP A 68 -10.10 9.83 26.30
CA TRP A 68 -9.10 10.87 26.06
C TRP A 68 -7.80 10.53 26.80
N PRO A 69 -6.69 11.10 26.30
CA PRO A 69 -5.37 10.88 26.89
C PRO A 69 -5.23 11.55 28.26
N GLY A 70 -4.22 11.13 29.02
CA GLY A 70 -3.99 11.70 30.33
C GLY A 70 -3.37 13.08 30.26
N LEU A 71 -3.08 13.66 31.42
CA LEU A 71 -2.49 14.99 31.50
C LEU A 71 -1.13 15.01 30.81
N HIS A 1 -11.07 -5.58 17.05
CA HIS A 1 -11.85 -4.66 17.85
C HIS A 1 -11.52 -3.21 17.51
N THR A 2 -12.42 -2.30 17.86
CA THR A 2 -12.23 -0.88 17.58
C THR A 2 -11.93 -0.64 16.12
N PRO A 3 -12.96 -0.76 15.28
CA PRO A 3 -12.84 -0.55 13.82
C PRO A 3 -12.59 0.91 13.47
N THR A 4 -11.36 1.21 13.06
CA THR A 4 -10.99 2.56 12.69
C THR A 4 -11.97 3.14 11.66
N PRO A 5 -12.00 4.48 11.58
CA PRO A 5 -12.88 5.18 10.64
C PRO A 5 -12.47 4.99 9.19
N THR A 6 -11.19 4.68 8.98
CA THR A 6 -10.68 4.47 7.63
C THR A 6 -9.19 4.13 7.66
N PRO A 7 -8.86 2.92 8.14
CA PRO A 7 -7.47 2.46 8.23
C PRO A 7 -6.86 2.20 6.86
N ILE A 8 -5.56 2.45 6.75
CA ILE A 8 -4.85 2.23 5.50
C ILE A 8 -4.12 0.89 5.49
N CYS A 9 -4.29 0.14 4.40
CA CYS A 9 -3.64 -1.17 4.28
C CYS A 9 -2.90 -1.27 2.95
N LYS A 10 -2.07 -2.30 2.82
CA LYS A 10 -1.29 -2.52 1.61
C LYS A 10 -1.68 -3.84 0.95
N SER A 11 -1.51 -3.91 -0.36
CA SER A 11 -1.85 -5.11 -1.12
C SER A 11 -0.95 -5.25 -2.34
N ARG A 12 -0.67 -6.50 -2.71
CA ARG A 12 0.18 -6.77 -3.86
C ARG A 12 -0.65 -6.97 -5.13
N SER A 13 -0.28 -6.26 -6.19
CA SER A 13 -1.00 -6.36 -7.46
C SER A 13 -0.88 -7.76 -8.06
N HIS A 14 -1.40 -7.93 -9.26
CA HIS A 14 -1.35 -9.22 -9.95
C HIS A 14 -0.51 -9.14 -11.23
N GLU A 15 -0.50 -7.94 -11.83
CA GLU A 15 0.25 -7.73 -13.06
C GLU A 15 1.38 -6.73 -12.83
N TYR A 16 1.12 -5.72 -12.01
CA TYR A 16 2.11 -4.70 -11.73
C TYR A 16 2.63 -4.83 -10.29
N LYS A 17 3.66 -5.65 -10.12
CA LYS A 17 4.26 -5.88 -8.81
C LYS A 17 5.77 -5.95 -8.90
N GLY A 18 6.36 -5.10 -9.73
CA GLY A 18 7.80 -5.08 -9.89
C GLY A 18 8.23 -4.34 -11.14
N ARG A 19 9.52 -4.01 -11.21
CA ARG A 19 10.07 -3.29 -12.36
C ARG A 19 9.47 -1.89 -12.45
N CYS A 20 9.79 -1.06 -11.46
CA CYS A 20 9.29 0.31 -11.43
C CYS A 20 10.42 1.30 -11.15
N ILE A 21 11.10 1.10 -10.02
CA ILE A 21 12.20 1.98 -9.63
C ILE A 21 11.70 3.37 -9.28
N GLN A 22 10.39 3.54 -9.28
CA GLN A 22 9.79 4.83 -8.95
C GLN A 22 8.46 4.65 -8.22
N ASP A 23 8.39 5.16 -7.00
CA ASP A 23 7.19 5.05 -6.19
C ASP A 23 5.99 5.68 -6.90
N MET A 24 6.23 6.82 -7.56
CA MET A 24 5.18 7.52 -8.28
C MET A 24 4.53 6.61 -9.32
N ASP A 25 5.36 5.83 -10.02
CA ASP A 25 4.87 4.91 -11.04
C ASP A 25 4.05 3.79 -10.41
N CYS A 26 4.63 3.13 -9.41
CA CYS A 26 3.96 2.03 -8.73
C CYS A 26 2.60 2.48 -8.18
N ASN A 27 2.54 3.72 -7.72
CA ASN A 27 1.30 4.27 -7.18
C ASN A 27 0.21 4.31 -8.24
N ALA A 28 0.53 4.86 -9.40
CA ALA A 28 -0.42 4.95 -10.50
C ALA A 28 -0.82 3.57 -11.00
N ALA A 29 0.12 2.63 -10.94
CA ALA A 29 -0.14 1.26 -11.38
C ALA A 29 -1.29 0.63 -10.61
N CYS A 30 -1.29 0.83 -9.29
CA CYS A 30 -2.33 0.28 -8.44
C CYS A 30 -3.66 0.97 -8.70
N VAL A 31 -3.68 2.29 -8.51
CA VAL A 31 -4.89 3.07 -8.73
C VAL A 31 -5.45 2.84 -10.13
N LYS A 32 -4.58 2.47 -11.05
CA LYS A 32 -4.99 2.21 -12.43
C LYS A 32 -5.37 0.75 -12.62
N GLU A 33 -4.88 -0.11 -11.72
CA GLU A 33 -5.17 -1.54 -11.80
C GLU A 33 -6.63 -1.82 -11.44
N SER A 34 -7.10 -1.18 -10.37
CA SER A 34 -8.47 -1.36 -9.91
C SER A 34 -9.12 -0.01 -9.59
N GLU A 35 -10.31 -0.07 -9.00
CA GLU A 35 -11.04 1.14 -8.65
C GLU A 35 -11.25 1.22 -7.14
N SER A 36 -10.44 0.49 -6.38
CA SER A 36 -10.54 0.48 -4.93
C SER A 36 -9.25 0.97 -4.29
N TYR A 37 -8.13 0.69 -4.95
CA TYR A 37 -6.82 1.10 -4.43
C TYR A 37 -6.55 2.56 -4.75
N THR A 38 -6.34 3.36 -3.70
CA THR A 38 -6.08 4.78 -3.87
C THR A 38 -4.67 5.14 -3.41
N GLY A 39 -3.75 4.18 -3.55
CA GLY A 39 -2.38 4.40 -3.13
C GLY A 39 -1.46 3.27 -3.54
N GLY A 40 -0.15 3.50 -3.41
CA GLY A 40 0.81 2.48 -3.77
C GLY A 40 2.23 3.02 -3.86
N PHE A 41 3.19 2.24 -3.36
CA PHE A 41 4.58 2.66 -3.38
C PHE A 41 5.48 1.52 -3.87
N CYS A 42 6.63 1.88 -4.42
CA CYS A 42 7.57 0.89 -4.94
C CYS A 42 8.83 0.83 -4.06
N ASN A 43 9.37 -0.37 -3.89
CA ASN A 43 10.56 -0.56 -3.08
C ASN A 43 11.49 -1.57 -3.71
N GLY A 44 12.79 -1.29 -3.67
CA GLY A 44 13.77 -2.19 -4.25
C GLY A 44 14.37 -3.14 -3.22
N ARG A 45 14.05 -4.42 -3.34
CA ARG A 45 14.56 -5.43 -2.41
C ARG A 45 14.91 -6.72 -3.15
N PRO A 46 15.76 -7.54 -2.52
CA PRO A 46 16.19 -8.82 -3.10
C PRO A 46 15.07 -9.84 -3.14
N PRO A 47 15.10 -10.71 -4.17
CA PRO A 47 16.13 -10.67 -5.21
C PRO A 47 16.01 -9.45 -6.10
N PHE A 48 14.80 -9.19 -6.60
CA PHE A 48 14.57 -8.05 -7.47
C PHE A 48 13.54 -7.11 -6.86
N LYS A 49 13.56 -5.86 -7.30
CA LYS A 49 12.63 -4.85 -6.79
C LYS A 49 11.19 -5.29 -7.00
N GLN A 50 10.28 -4.74 -6.19
CA GLN A 50 8.87 -5.07 -6.29
C GLN A 50 8.00 -3.84 -6.04
N CYS A 51 6.76 -3.89 -6.52
CA CYS A 51 5.83 -2.78 -6.36
C CYS A 51 4.75 -3.13 -5.34
N PHE A 52 4.41 -2.16 -4.49
CA PHE A 52 3.39 -2.36 -3.47
C PHE A 52 2.25 -1.37 -3.64
N CYS A 53 1.03 -1.81 -3.31
CA CYS A 53 -0.15 -0.97 -3.42
C CYS A 53 -0.77 -0.71 -2.06
N THR A 54 -1.58 0.34 -1.97
CA THR A 54 -2.24 0.69 -0.71
C THR A 54 -3.67 1.15 -0.97
N LYS A 55 -4.58 0.76 -0.08
CA LYS A 55 -5.99 1.13 -0.20
C LYS A 55 -6.62 1.31 1.17
N PRO A 56 -7.70 2.10 1.23
CA PRO A 56 -8.42 2.37 2.48
C PRO A 56 -9.17 1.15 2.98
N CYS A 57 -8.47 0.29 3.72
CA CYS A 57 -9.08 -0.92 4.27
C CYS A 57 -10.39 -0.61 4.98
N LYS A 58 -11.15 -1.65 5.29
CA LYS A 58 -12.43 -1.49 5.97
C LYS A 58 -12.58 -2.52 7.08
N ARG A 59 -13.27 -2.13 8.14
CA ARG A 59 -13.50 -3.03 9.28
C ARG A 59 -12.18 -3.39 9.95
N GLU A 60 -12.25 -3.76 11.23
CA GLU A 60 -11.07 -4.14 11.99
C GLU A 60 -10.09 -2.96 12.09
N ARG A 61 -9.10 -3.11 12.95
CA ARG A 61 -8.11 -2.05 13.15
C ARG A 61 -6.87 -2.31 12.29
N ALA A 62 -5.95 -1.34 12.28
CA ALA A 62 -4.73 -1.47 11.50
C ALA A 62 -3.82 -0.27 11.72
N ALA A 63 -2.51 -0.51 11.66
CA ALA A 63 -1.53 0.56 11.86
C ALA A 63 -1.63 1.15 13.26
N ALA A 64 -0.69 0.78 14.12
CA ALA A 64 -0.67 1.26 15.49
C ALA A 64 0.77 1.47 15.97
N THR A 65 0.91 1.73 17.27
CA THR A 65 2.23 1.95 17.86
C THR A 65 2.87 3.21 17.30
N LEU A 66 2.05 4.13 16.83
CA LEU A 66 2.55 5.39 16.26
C LEU A 66 3.60 5.12 15.18
N ARG A 67 4.27 6.17 14.74
CA ARG A 67 5.29 6.06 13.72
C ARG A 67 6.54 6.85 14.09
N TRP A 68 7.55 6.80 13.23
CA TRP A 68 8.80 7.51 13.49
C TRP A 68 9.49 6.98 14.73
N PRO A 69 10.80 7.25 14.85
CA PRO A 69 11.60 6.81 15.99
C PRO A 69 11.24 7.54 17.27
N GLY A 70 11.15 8.87 17.19
CA GLY A 70 10.82 9.67 18.35
C GLY A 70 11.07 11.14 18.14
N LEU A 71 10.01 11.91 17.95
CA LEU A 71 10.13 13.35 17.74
C LEU A 71 10.14 14.10 19.06
N HIS A 1 -5.09 -5.66 13.56
CA HIS A 1 -5.97 -4.77 14.30
C HIS A 1 -6.00 -3.39 13.67
N THR A 2 -7.15 -3.02 13.13
CA THR A 2 -7.31 -1.71 12.49
C THR A 2 -8.65 -1.08 12.87
N PRO A 3 -8.79 -0.71 14.15
CA PRO A 3 -10.02 -0.09 14.66
C PRO A 3 -10.22 1.33 14.11
N THR A 4 -9.17 1.89 13.52
CA THR A 4 -9.23 3.23 12.96
C THR A 4 -10.42 3.38 12.02
N PRO A 5 -10.84 4.64 11.79
CA PRO A 5 -11.97 4.94 10.91
C PRO A 5 -11.65 4.68 9.44
N THR A 6 -10.38 4.81 9.09
CA THR A 6 -9.94 4.58 7.72
C THR A 6 -8.51 4.06 7.67
N PRO A 7 -8.33 2.78 8.05
CA PRO A 7 -7.02 2.14 8.06
C PRO A 7 -6.47 1.91 6.66
N ILE A 8 -5.15 1.80 6.55
CA ILE A 8 -4.50 1.57 5.26
C ILE A 8 -3.95 0.15 5.17
N CYS A 9 -4.23 -0.51 4.05
CA CYS A 9 -3.76 -1.88 3.83
C CYS A 9 -2.87 -1.95 2.59
N LYS A 10 -2.11 -3.03 2.49
CA LYS A 10 -1.22 -3.23 1.35
C LYS A 10 -1.57 -4.50 0.60
N SER A 11 -1.50 -4.43 -0.73
CA SER A 11 -1.82 -5.59 -1.57
C SER A 11 -1.00 -5.55 -2.86
N ARG A 12 -0.69 -6.74 -3.38
CA ARG A 12 0.08 -6.85 -4.62
C ARG A 12 -0.80 -6.62 -5.84
N SER A 13 -0.43 -5.65 -6.67
CA SER A 13 -1.18 -5.33 -7.86
C SER A 13 -1.45 -6.59 -8.69
N HIS A 14 -0.43 -7.05 -9.41
CA HIS A 14 -0.55 -8.24 -10.23
C HIS A 14 0.78 -8.56 -10.93
N GLU A 15 1.20 -7.67 -11.81
CA GLU A 15 2.45 -7.86 -12.55
C GLU A 15 3.32 -6.60 -12.46
N TYR A 16 2.83 -5.60 -11.75
CA TYR A 16 3.56 -4.35 -11.59
C TYR A 16 4.47 -4.39 -10.37
N LYS A 17 5.26 -5.46 -10.26
CA LYS A 17 6.19 -5.63 -9.14
C LYS A 17 7.55 -6.10 -9.62
N GLY A 18 7.99 -5.57 -10.75
CA GLY A 18 9.28 -5.95 -11.31
C GLY A 18 9.93 -4.83 -12.08
N ARG A 19 9.18 -4.24 -13.02
CA ARG A 19 9.69 -3.16 -13.83
C ARG A 19 9.34 -1.80 -13.22
N CYS A 20 9.11 -1.78 -11.92
CA CYS A 20 8.76 -0.55 -11.21
C CYS A 20 9.89 -0.12 -10.29
N ILE A 21 10.49 1.02 -10.59
CA ILE A 21 11.59 1.55 -9.78
C ILE A 21 11.24 2.93 -9.22
N GLN A 22 10.13 3.49 -9.69
CA GLN A 22 9.69 4.81 -9.23
C GLN A 22 8.36 4.70 -8.49
N ASP A 23 8.36 5.14 -7.24
CA ASP A 23 7.15 5.11 -6.42
C ASP A 23 5.99 5.76 -7.14
N MET A 24 6.26 6.86 -7.83
CA MET A 24 5.23 7.58 -8.56
C MET A 24 4.55 6.67 -9.58
N ASP A 25 5.36 5.96 -10.36
CA ASP A 25 4.83 5.05 -11.38
C ASP A 25 4.03 3.93 -10.73
N CYS A 26 4.62 3.27 -9.73
CA CYS A 26 3.95 2.18 -9.04
C CYS A 26 2.62 2.64 -8.47
N ASN A 27 2.58 3.86 -7.97
CA ASN A 27 1.35 4.42 -7.39
C ASN A 27 0.23 4.43 -8.42
N ALA A 28 0.53 4.95 -9.61
CA ALA A 28 -0.46 5.02 -10.68
C ALA A 28 -0.89 3.62 -11.13
N ALA A 29 0.04 2.69 -11.08
CA ALA A 29 -0.23 1.31 -11.48
C ALA A 29 -1.37 0.72 -10.65
N CYS A 30 -1.32 0.95 -9.34
CA CYS A 30 -2.34 0.43 -8.44
C CYS A 30 -3.68 1.12 -8.68
N VAL A 31 -3.69 2.45 -8.54
CA VAL A 31 -4.90 3.23 -8.75
C VAL A 31 -5.50 2.96 -10.12
N LYS A 32 -4.66 2.52 -11.05
CA LYS A 32 -5.11 2.22 -12.41
C LYS A 32 -5.42 0.74 -12.57
N GLU A 33 -4.94 -0.07 -11.63
CA GLU A 33 -5.18 -1.51 -11.67
C GLU A 33 -6.62 -1.83 -11.33
N SER A 34 -7.14 -1.18 -10.28
CA SER A 34 -8.52 -1.40 -9.85
C SER A 34 -9.18 -0.08 -9.48
N GLU A 35 -10.36 -0.17 -8.86
CA GLU A 35 -11.10 1.00 -8.45
C GLU A 35 -11.23 1.07 -6.93
N SER A 36 -10.39 0.31 -6.24
CA SER A 36 -10.42 0.28 -4.78
C SER A 36 -9.10 0.79 -4.21
N TYR A 37 -8.00 0.57 -4.93
CA TYR A 37 -6.69 1.01 -4.49
C TYR A 37 -6.49 2.49 -4.79
N THR A 38 -6.14 3.26 -3.76
CA THR A 38 -5.92 4.69 -3.91
C THR A 38 -4.50 5.06 -3.49
N GLY A 39 -3.57 4.14 -3.67
CA GLY A 39 -2.19 4.40 -3.31
C GLY A 39 -1.28 3.24 -3.64
N GLY A 40 0.04 3.47 -3.53
CA GLY A 40 1.00 2.42 -3.84
C GLY A 40 2.43 2.90 -3.70
N PHE A 41 3.28 2.04 -3.15
CA PHE A 41 4.69 2.39 -2.97
C PHE A 41 5.59 1.31 -3.58
N CYS A 42 6.77 1.74 -4.03
CA CYS A 42 7.72 0.81 -4.64
C CYS A 42 9.04 0.81 -3.86
N ASN A 43 9.64 -0.37 -3.74
CA ASN A 43 10.89 -0.52 -3.02
C ASN A 43 11.77 -1.59 -3.67
N GLY A 44 13.07 -1.30 -3.76
CA GLY A 44 14.00 -2.24 -4.37
C GLY A 44 14.68 -3.11 -3.33
N ARG A 45 14.37 -4.39 -3.33
CA ARG A 45 14.98 -5.33 -2.39
C ARG A 45 15.24 -6.68 -3.05
N PRO A 46 16.12 -7.48 -2.43
CA PRO A 46 16.49 -8.81 -2.94
C PRO A 46 15.34 -9.80 -2.82
N PRO A 47 15.29 -10.76 -3.76
CA PRO A 47 16.26 -10.85 -4.86
C PRO A 47 16.12 -9.72 -5.86
N PHE A 48 14.89 -9.47 -6.30
CA PHE A 48 14.62 -8.41 -7.26
C PHE A 48 13.66 -7.38 -6.67
N LYS A 49 13.65 -6.19 -7.27
CA LYS A 49 12.79 -5.11 -6.81
C LYS A 49 11.33 -5.57 -6.75
N GLN A 50 10.54 -4.89 -5.93
CA GLN A 50 9.12 -5.23 -5.78
C GLN A 50 8.29 -4.00 -5.46
N CYS A 51 7.08 -3.94 -5.98
CA CYS A 51 6.19 -2.81 -5.75
C CYS A 51 4.92 -3.26 -5.01
N PHE A 52 4.48 -2.45 -4.05
CA PHE A 52 3.28 -2.77 -3.28
C PHE A 52 2.23 -1.68 -3.45
N CYS A 53 0.96 -2.10 -3.47
CA CYS A 53 -0.14 -1.15 -3.63
C CYS A 53 -0.86 -0.93 -2.30
N THR A 54 -1.32 0.30 -2.07
CA THR A 54 -2.02 0.64 -0.84
C THR A 54 -3.47 1.04 -1.13
N LYS A 55 -4.36 0.66 -0.23
CA LYS A 55 -5.78 0.98 -0.38
C LYS A 55 -6.41 1.28 0.97
N PRO A 56 -7.55 1.99 0.94
CA PRO A 56 -8.28 2.36 2.16
C PRO A 56 -8.94 1.16 2.82
N CYS A 57 -8.15 0.38 3.55
CA CYS A 57 -8.65 -0.80 4.24
C CYS A 57 -9.87 -0.45 5.09
N LYS A 58 -10.55 -1.48 5.59
CA LYS A 58 -11.74 -1.29 6.42
C LYS A 58 -12.27 -2.62 6.91
N ARG A 59 -12.82 -2.63 8.12
CA ARG A 59 -13.38 -3.83 8.71
C ARG A 59 -12.29 -4.88 8.91
N GLU A 60 -12.59 -5.89 9.74
CA GLU A 60 -11.64 -6.95 10.02
C GLU A 60 -10.36 -6.39 10.64
N ARG A 61 -9.45 -7.28 11.02
CA ARG A 61 -8.19 -6.88 11.62
C ARG A 61 -7.03 -7.13 10.67
N ALA A 62 -7.18 -8.14 9.81
CA ALA A 62 -6.15 -8.48 8.85
C ALA A 62 -4.80 -8.75 9.55
N ALA A 63 -3.77 -8.96 8.74
CA ALA A 63 -2.43 -9.21 9.28
C ALA A 63 -1.35 -8.76 8.31
N ALA A 64 -0.80 -7.58 8.57
CA ALA A 64 0.25 -7.02 7.72
C ALA A 64 0.93 -5.83 8.39
N THR A 65 0.12 -4.92 8.93
CA THR A 65 0.65 -3.74 9.61
C THR A 65 0.75 -3.96 11.11
N LEU A 66 1.81 -3.42 11.71
CA LEU A 66 2.02 -3.56 13.14
C LEU A 66 2.33 -2.21 13.78
N ARG A 67 2.24 -2.15 15.11
CA ARG A 67 2.50 -0.91 15.84
C ARG A 67 3.99 -0.57 15.79
N TRP A 68 4.28 0.72 15.74
CA TRP A 68 5.66 1.20 15.69
C TRP A 68 6.35 0.73 14.41
N PRO A 69 7.45 1.41 14.04
CA PRO A 69 8.22 1.08 12.84
C PRO A 69 8.95 -0.25 12.96
N GLY A 70 9.39 -0.56 14.18
CA GLY A 70 10.10 -1.81 14.41
C GLY A 70 11.05 -1.72 15.60
N LEU A 71 11.44 -2.88 16.11
CA LEU A 71 12.34 -2.94 17.27
C LEU A 71 13.59 -2.10 17.01
N HIS A 1 -10.48 -0.69 16.66
CA HIS A 1 -9.11 -0.64 17.14
C HIS A 1 -8.14 -0.31 16.00
N THR A 2 -7.99 0.98 15.71
CA THR A 2 -7.09 1.43 14.65
C THR A 2 -6.74 2.90 14.81
N PRO A 3 -5.73 3.17 15.66
CA PRO A 3 -5.27 4.54 15.91
C PRO A 3 -4.56 5.15 14.71
N THR A 4 -5.31 5.91 13.92
CA THR A 4 -4.76 6.56 12.73
C THR A 4 -5.80 7.44 12.05
N PRO A 5 -5.33 8.38 11.22
CA PRO A 5 -6.20 9.30 10.48
C PRO A 5 -7.01 8.60 9.40
N THR A 6 -6.62 7.37 9.08
CA THR A 6 -7.31 6.60 8.05
C THR A 6 -6.68 5.21 7.91
N PRO A 7 -7.52 4.21 7.59
CA PRO A 7 -7.09 2.82 7.42
C PRO A 7 -6.24 2.64 6.15
N ILE A 8 -4.98 2.30 6.33
CA ILE A 8 -4.07 2.10 5.21
C ILE A 8 -3.57 0.66 5.16
N CYS A 9 -3.75 0.01 4.03
CA CYS A 9 -3.32 -1.38 3.85
C CYS A 9 -2.43 -1.51 2.61
N LYS A 10 -1.65 -2.59 2.58
CA LYS A 10 -0.76 -2.84 1.44
C LYS A 10 -1.11 -4.16 0.77
N SER A 11 -1.00 -4.19 -0.56
CA SER A 11 -1.30 -5.39 -1.33
C SER A 11 -0.44 -5.46 -2.59
N ARG A 12 -0.06 -6.67 -2.98
CA ARG A 12 0.76 -6.88 -4.16
C ARG A 12 -0.10 -7.15 -5.39
N SER A 13 0.04 -6.31 -6.40
CA SER A 13 -0.73 -6.46 -7.63
C SER A 13 -0.19 -7.60 -8.48
N HIS A 14 -0.67 -7.68 -9.72
CA HIS A 14 -0.23 -8.74 -10.64
C HIS A 14 0.61 -8.14 -11.77
N GLU A 15 -0.06 -7.47 -12.70
CA GLU A 15 0.62 -6.87 -13.84
C GLU A 15 1.78 -6.00 -13.37
N TYR A 16 1.53 -5.15 -12.39
CA TYR A 16 2.56 -4.26 -11.85
C TYR A 16 3.18 -4.85 -10.58
N LYS A 17 4.12 -5.78 -10.77
CA LYS A 17 4.79 -6.42 -9.64
C LYS A 17 6.24 -5.99 -9.56
N GLY A 18 6.51 -4.72 -9.84
CA GLY A 18 7.86 -4.20 -9.79
C GLY A 18 8.29 -3.58 -11.10
N ARG A 19 9.59 -3.61 -11.37
CA ARG A 19 10.12 -3.04 -12.61
C ARG A 19 9.63 -1.61 -12.80
N CYS A 20 9.77 -0.79 -11.76
CA CYS A 20 9.34 0.60 -11.82
C CYS A 20 10.45 1.53 -11.31
N ILE A 21 10.89 1.30 -10.09
CA ILE A 21 11.95 2.11 -9.50
C ILE A 21 11.45 3.53 -9.20
N GLN A 22 10.16 3.75 -9.42
CA GLN A 22 9.55 5.06 -9.17
C GLN A 22 8.23 4.91 -8.42
N ASP A 23 8.20 5.40 -7.19
CA ASP A 23 7.00 5.33 -6.37
C ASP A 23 5.83 6.04 -7.06
N MET A 24 6.11 7.18 -7.68
CA MET A 24 5.08 7.94 -8.38
C MET A 24 4.39 7.08 -9.43
N ASP A 25 5.18 6.41 -10.25
CA ASP A 25 4.64 5.55 -11.31
C ASP A 25 3.84 4.39 -10.70
N CYS A 26 4.46 3.69 -9.75
CA CYS A 26 3.82 2.56 -9.10
C CYS A 26 2.47 2.96 -8.50
N ASN A 27 2.43 4.15 -7.90
CA ASN A 27 1.21 4.66 -7.29
C ASN A 27 0.07 4.71 -8.31
N ALA A 28 0.34 5.33 -9.46
CA ALA A 28 -0.66 5.44 -10.52
C ALA A 28 -1.04 4.07 -11.06
N ALA A 29 -0.09 3.15 -11.06
CA ALA A 29 -0.34 1.80 -11.55
C ALA A 29 -1.45 1.12 -10.76
N CYS A 30 -1.40 1.27 -9.44
CA CYS A 30 -2.40 0.68 -8.56
C CYS A 30 -3.75 1.36 -8.74
N VAL A 31 -3.79 2.66 -8.51
CA VAL A 31 -5.02 3.43 -8.64
C VAL A 31 -5.63 3.25 -10.02
N LYS A 32 -4.80 2.87 -10.99
CA LYS A 32 -5.26 2.66 -12.36
C LYS A 32 -5.58 1.19 -12.60
N GLU A 33 -5.01 0.31 -11.78
CA GLU A 33 -5.25 -1.12 -11.90
C GLU A 33 -6.71 -1.46 -11.61
N SER A 34 -7.24 -0.87 -10.54
CA SER A 34 -8.62 -1.11 -10.14
C SER A 34 -9.25 0.14 -9.54
N GLU A 35 -10.43 -0.01 -8.95
CA GLU A 35 -11.13 1.11 -8.33
C GLU A 35 -11.23 0.93 -6.82
N SER A 36 -10.26 0.22 -6.25
CA SER A 36 -10.23 -0.03 -4.82
C SER A 36 -8.96 0.52 -4.19
N TYR A 37 -7.87 0.46 -4.93
CA TYR A 37 -6.58 0.95 -4.45
C TYR A 37 -6.49 2.47 -4.57
N THR A 38 -6.21 3.14 -3.46
CA THR A 38 -6.10 4.59 -3.44
C THR A 38 -4.67 5.03 -3.15
N GLY A 39 -3.71 4.21 -3.56
CA GLY A 39 -2.31 4.52 -3.33
C GLY A 39 -1.39 3.38 -3.68
N GLY A 40 -0.09 3.59 -3.49
CA GLY A 40 0.88 2.55 -3.80
C GLY A 40 2.24 3.11 -4.12
N PHE A 41 3.29 2.37 -3.76
CA PHE A 41 4.66 2.81 -4.01
C PHE A 41 5.54 1.63 -4.44
N CYS A 42 6.74 1.93 -4.91
CA CYS A 42 7.67 0.91 -5.35
C CYS A 42 8.89 0.85 -4.44
N ASN A 43 9.35 -0.37 -4.14
CA ASN A 43 10.50 -0.57 -3.28
C ASN A 43 11.47 -1.58 -3.87
N GLY A 44 12.76 -1.28 -3.81
CA GLY A 44 13.76 -2.17 -4.35
C GLY A 44 14.36 -3.08 -3.29
N ARG A 45 14.06 -4.38 -3.39
CA ARG A 45 14.57 -5.35 -2.43
C ARG A 45 14.94 -6.65 -3.13
N PRO A 46 15.75 -7.48 -2.45
CA PRO A 46 16.19 -8.77 -2.99
C PRO A 46 15.06 -9.79 -3.07
N PRO A 47 15.10 -10.65 -4.09
CA PRO A 47 16.17 -10.63 -5.10
C PRO A 47 16.10 -9.41 -6.00
N PHE A 48 14.91 -9.16 -6.55
CA PHE A 48 14.71 -8.02 -7.42
C PHE A 48 13.66 -7.07 -6.86
N LYS A 49 13.67 -5.83 -7.33
CA LYS A 49 12.73 -4.82 -6.87
C LYS A 49 11.29 -5.29 -7.10
N GLN A 50 10.36 -4.74 -6.32
CA GLN A 50 8.95 -5.09 -6.45
C GLN A 50 8.05 -3.89 -6.20
N CYS A 51 6.89 -3.89 -6.83
CA CYS A 51 5.95 -2.78 -6.68
C CYS A 51 4.84 -3.15 -5.69
N PHE A 52 4.53 -2.22 -4.80
CA PHE A 52 3.49 -2.43 -3.79
C PHE A 52 2.37 -1.40 -3.93
N CYS A 53 1.14 -1.84 -3.71
CA CYS A 53 -0.02 -0.96 -3.81
C CYS A 53 -0.68 -0.78 -2.45
N THR A 54 -1.29 0.38 -2.24
CA THR A 54 -1.96 0.68 -0.98
C THR A 54 -3.44 0.95 -1.20
N LYS A 55 -4.28 0.47 -0.29
CA LYS A 55 -5.72 0.67 -0.39
C LYS A 55 -6.34 0.80 1.00
N PRO A 56 -7.53 1.40 1.06
CA PRO A 56 -8.26 1.60 2.32
C PRO A 56 -8.78 0.29 2.91
N CYS A 57 -8.35 -0.02 4.13
CA CYS A 57 -8.77 -1.24 4.80
C CYS A 57 -10.26 -1.20 5.12
N LYS A 58 -10.94 -2.32 4.88
CA LYS A 58 -12.37 -2.41 5.14
C LYS A 58 -12.66 -3.43 6.24
N ARG A 59 -13.84 -3.34 6.83
CA ARG A 59 -14.24 -4.25 7.90
C ARG A 59 -13.33 -4.09 9.11
N GLU A 60 -13.66 -4.81 10.19
CA GLU A 60 -12.87 -4.75 11.41
C GLU A 60 -12.96 -3.35 12.04
N ARG A 61 -12.11 -3.11 13.03
CA ARG A 61 -12.09 -1.82 13.72
C ARG A 61 -13.32 -1.65 14.60
N ALA A 62 -14.48 -1.47 13.97
CA ALA A 62 -15.73 -1.31 14.70
C ALA A 62 -15.92 -2.42 15.72
N ALA A 63 -15.78 -2.09 17.00
CA ALA A 63 -15.93 -3.05 18.07
C ALA A 63 -16.11 -2.37 19.41
N ALA A 64 -16.21 -3.16 20.47
CA ALA A 64 -16.39 -2.62 21.82
C ALA A 64 -15.14 -2.87 22.66
N THR A 65 -14.36 -1.82 22.87
CA THR A 65 -13.14 -1.90 23.65
C THR A 65 -12.46 -0.55 23.79
N LEU A 66 -11.54 -0.44 24.75
CA LEU A 66 -10.82 0.80 24.98
C LEU A 66 -9.47 0.54 25.64
N ARG A 67 -8.75 1.61 25.94
CA ARG A 67 -7.43 1.49 26.57
C ARG A 67 -7.23 2.58 27.61
N TRP A 68 -6.04 2.61 28.20
CA TRP A 68 -5.72 3.61 29.22
C TRP A 68 -4.32 4.17 29.02
N PRO A 69 -4.16 5.01 27.98
CA PRO A 69 -2.88 5.63 27.64
C PRO A 69 -2.45 6.68 28.68
N GLY A 70 -3.43 7.30 29.32
CA GLY A 70 -3.13 8.31 30.32
C GLY A 70 -2.60 7.71 31.60
N LEU A 71 -1.48 8.24 32.07
CA LEU A 71 -0.85 7.74 33.30
C LEU A 71 -1.42 8.46 34.52
N HIS A 1 -9.08 -3.15 16.19
CA HIS A 1 -8.36 -2.01 16.76
C HIS A 1 -8.80 -0.71 16.12
N THR A 2 -8.69 0.38 16.86
CA THR A 2 -9.08 1.70 16.36
C THR A 2 -7.90 2.67 16.37
N PRO A 3 -6.92 2.40 15.51
CA PRO A 3 -5.73 3.24 15.39
C PRO A 3 -6.03 4.61 14.78
N THR A 4 -7.02 4.65 13.91
CA THR A 4 -7.41 5.89 13.26
C THR A 4 -8.63 5.69 12.37
N PRO A 5 -9.33 6.80 12.06
CA PRO A 5 -10.54 6.76 11.22
C PRO A 5 -10.20 6.45 9.77
N THR A 6 -8.94 6.64 9.40
CA THR A 6 -8.50 6.37 8.04
C THR A 6 -7.43 5.28 8.00
N PRO A 7 -7.86 4.03 8.20
CA PRO A 7 -6.96 2.87 8.20
C PRO A 7 -6.42 2.57 6.80
N ILE A 8 -5.09 2.53 6.69
CA ILE A 8 -4.45 2.25 5.41
C ILE A 8 -4.00 0.79 5.33
N CYS A 9 -4.33 0.14 4.21
CA CYS A 9 -3.96 -1.26 4.02
C CYS A 9 -3.10 -1.42 2.76
N LYS A 10 -2.31 -2.49 2.73
CA LYS A 10 -1.44 -2.76 1.59
C LYS A 10 -1.78 -4.11 0.96
N SER A 11 -1.70 -4.16 -0.37
CA SER A 11 -2.00 -5.39 -1.10
C SER A 11 -1.18 -5.47 -2.38
N ARG A 12 -0.83 -6.70 -2.78
CA ARG A 12 -0.05 -6.91 -3.99
C ARG A 12 -0.95 -7.22 -5.18
N SER A 13 -0.74 -6.50 -6.28
CA SER A 13 -1.53 -6.69 -7.48
C SER A 13 -0.67 -7.22 -8.63
N HIS A 14 -1.28 -7.99 -9.51
CA HIS A 14 -0.57 -8.56 -10.66
C HIS A 14 -0.31 -7.49 -11.72
N GLU A 15 0.14 -7.91 -12.89
CA GLU A 15 0.43 -7.00 -13.98
C GLU A 15 1.65 -6.13 -13.67
N TYR A 16 1.47 -5.17 -12.78
CA TYR A 16 2.56 -4.28 -12.39
C TYR A 16 3.30 -4.81 -11.17
N LYS A 17 3.57 -6.11 -11.18
CA LYS A 17 4.28 -6.75 -10.08
C LYS A 17 5.78 -6.50 -10.17
N GLY A 18 6.23 -5.43 -9.53
CA GLY A 18 7.64 -5.09 -9.54
C GLY A 18 8.05 -4.36 -10.80
N ARG A 19 9.33 -4.04 -10.92
CA ARG A 19 9.85 -3.33 -12.07
C ARG A 19 9.24 -1.94 -12.18
N CYS A 20 9.57 -1.08 -11.21
CA CYS A 20 9.05 0.28 -11.19
C CYS A 20 10.19 1.29 -11.01
N ILE A 21 10.96 1.12 -9.95
CA ILE A 21 12.08 2.01 -9.66
C ILE A 21 11.59 3.40 -9.31
N GLN A 22 10.28 3.56 -9.18
CA GLN A 22 9.69 4.85 -8.85
C GLN A 22 8.41 4.66 -8.02
N ASP A 23 8.44 5.14 -6.79
CA ASP A 23 7.29 5.04 -5.90
C ASP A 23 6.06 5.71 -6.52
N MET A 24 6.26 6.91 -7.04
CA MET A 24 5.17 7.66 -7.66
C MET A 24 4.53 6.85 -8.79
N ASP A 25 5.35 6.13 -9.54
CA ASP A 25 4.87 5.32 -10.64
C ASP A 25 4.06 4.13 -10.13
N CYS A 26 4.62 3.40 -9.18
CA CYS A 26 3.95 2.24 -8.61
C CYS A 26 2.58 2.62 -8.05
N ASN A 27 2.49 3.83 -7.52
CA ASN A 27 1.23 4.32 -6.95
C ASN A 27 0.15 4.42 -8.02
N ALA A 28 0.48 5.09 -9.12
CA ALA A 28 -0.46 5.25 -10.22
C ALA A 28 -0.80 3.91 -10.86
N ALA A 29 0.16 2.99 -10.86
CA ALA A 29 -0.04 1.67 -11.43
C ALA A 29 -1.20 0.94 -10.75
N CYS A 30 -1.22 1.01 -9.42
CA CYS A 30 -2.27 0.35 -8.64
C CYS A 30 -3.61 1.04 -8.85
N VAL A 31 -3.68 2.34 -8.55
CA VAL A 31 -4.90 3.10 -8.72
C VAL A 31 -5.42 3.00 -10.15
N LYS A 32 -4.53 2.68 -11.08
CA LYS A 32 -4.91 2.55 -12.48
C LYS A 32 -5.21 1.09 -12.83
N GLU A 33 -4.69 0.18 -12.02
CA GLU A 33 -4.90 -1.25 -12.25
C GLU A 33 -6.34 -1.64 -11.94
N SER A 34 -6.87 -1.13 -10.84
CA SER A 34 -8.24 -1.43 -10.44
C SER A 34 -8.94 -0.17 -9.92
N GLU A 35 -10.13 -0.36 -9.36
CA GLU A 35 -10.90 0.75 -8.83
C GLU A 35 -11.10 0.61 -7.32
N SER A 36 -10.19 -0.12 -6.68
CA SER A 36 -10.27 -0.33 -5.24
C SER A 36 -9.02 0.21 -4.54
N TYR A 37 -7.89 0.18 -5.26
CA TYR A 37 -6.64 0.66 -4.71
C TYR A 37 -6.53 2.18 -4.86
N THR A 38 -6.25 2.86 -3.75
CA THR A 38 -6.12 4.31 -3.76
C THR A 38 -4.70 4.74 -3.37
N GLY A 39 -3.73 3.91 -3.72
CA GLY A 39 -2.34 4.22 -3.40
C GLY A 39 -1.40 3.10 -3.74
N GLY A 40 -0.12 3.25 -3.38
CA GLY A 40 0.86 2.23 -3.66
C GLY A 40 2.27 2.78 -3.70
N PHE A 41 3.23 2.00 -3.20
CA PHE A 41 4.63 2.41 -3.18
C PHE A 41 5.51 1.37 -3.84
N CYS A 42 6.73 1.76 -4.18
CA CYS A 42 7.69 0.86 -4.82
C CYS A 42 8.84 0.53 -3.88
N ASN A 43 9.31 -0.71 -3.93
CA ASN A 43 10.40 -1.16 -3.09
C ASN A 43 11.31 -2.12 -3.84
N GLY A 44 12.61 -1.84 -3.84
CA GLY A 44 13.56 -2.69 -4.52
C GLY A 44 14.21 -3.70 -3.59
N ARG A 45 13.88 -4.97 -3.78
CA ARG A 45 14.43 -6.03 -2.95
C ARG A 45 14.70 -7.29 -3.78
N PRO A 46 15.54 -8.19 -3.24
CA PRO A 46 15.90 -9.43 -3.91
C PRO A 46 14.74 -10.41 -3.96
N PRO A 47 14.68 -11.22 -5.04
CA PRO A 47 15.67 -11.16 -6.12
C PRO A 47 15.56 -9.88 -6.94
N PHE A 48 14.34 -9.56 -7.38
CA PHE A 48 14.11 -8.37 -8.17
C PHE A 48 13.15 -7.42 -7.45
N LYS A 49 13.15 -6.15 -7.86
CA LYS A 49 12.29 -5.15 -7.26
C LYS A 49 10.83 -5.61 -7.26
N GLN A 50 10.03 -5.04 -6.37
CA GLN A 50 8.62 -5.39 -6.27
C GLN A 50 7.76 -4.15 -6.08
N CYS A 51 6.50 -4.24 -6.51
CA CYS A 51 5.57 -3.12 -6.38
C CYS A 51 4.46 -3.44 -5.39
N PHE A 52 4.16 -2.48 -4.51
CA PHE A 52 3.11 -2.66 -3.51
C PHE A 52 2.02 -1.62 -3.66
N CYS A 53 0.77 -2.04 -3.50
CA CYS A 53 -0.36 -1.13 -3.62
C CYS A 53 -1.01 -0.89 -2.26
N THR A 54 -1.67 0.26 -2.12
CA THR A 54 -2.32 0.62 -0.87
C THR A 54 -3.75 1.09 -1.12
N LYS A 55 -4.66 0.72 -0.22
CA LYS A 55 -6.06 1.12 -0.34
C LYS A 55 -6.69 1.32 1.04
N PRO A 56 -7.79 2.08 1.08
CA PRO A 56 -8.50 2.37 2.32
C PRO A 56 -9.22 1.15 2.88
N CYS A 57 -8.73 0.65 4.01
CA CYS A 57 -9.32 -0.53 4.65
C CYS A 57 -10.84 -0.35 4.81
N LYS A 58 -11.55 -1.48 4.86
CA LYS A 58 -12.99 -1.45 5.01
C LYS A 58 -13.39 -1.22 6.47
N ARG A 59 -14.53 -0.59 6.68
CA ARG A 59 -15.02 -0.32 8.02
C ARG A 59 -14.07 0.62 8.76
N GLU A 60 -14.30 0.80 10.05
CA GLU A 60 -13.47 1.68 10.87
C GLU A 60 -12.41 0.87 11.63
N ARG A 61 -12.87 0.09 12.60
CA ARG A 61 -11.96 -0.74 13.39
C ARG A 61 -12.17 -2.22 13.10
N ALA A 62 -11.09 -2.98 13.15
CA ALA A 62 -11.14 -4.42 12.89
C ALA A 62 -9.78 -5.07 13.09
N ALA A 63 -9.55 -5.55 14.32
CA ALA A 63 -8.29 -6.20 14.65
C ALA A 63 -8.28 -6.69 16.09
N ALA A 64 -8.12 -5.76 17.03
CA ALA A 64 -8.11 -6.09 18.45
C ALA A 64 -8.07 -4.84 19.31
N THR A 65 -8.68 -4.92 20.49
CA THR A 65 -8.71 -3.78 21.41
C THR A 65 -7.41 -3.66 22.17
N LEU A 66 -7.14 -2.46 22.68
CA LEU A 66 -5.91 -2.21 23.45
C LEU A 66 -6.18 -1.24 24.59
N ARG A 67 -7.42 -1.20 25.07
CA ARG A 67 -7.80 -0.33 26.16
C ARG A 67 -7.79 1.13 25.71
N TRP A 68 -6.58 1.69 25.58
CA TRP A 68 -6.43 3.08 25.17
C TRP A 68 -5.16 3.26 24.34
N PRO A 69 -5.12 4.32 23.52
CA PRO A 69 -3.98 4.63 22.67
C PRO A 69 -2.77 5.10 23.48
N GLY A 70 -1.74 5.57 22.78
CA GLY A 70 -0.55 6.04 23.44
C GLY A 70 -0.38 7.55 23.34
N LEU A 71 -1.28 8.29 24.00
CA LEU A 71 -1.23 9.74 23.98
C LEU A 71 -1.16 10.26 22.55
N HIS A 1 -16.07 -2.16 17.19
CA HIS A 1 -16.18 -1.32 18.39
C HIS A 1 -15.37 -0.04 18.23
N THR A 2 -15.88 0.87 17.40
CA THR A 2 -15.21 2.14 17.16
C THR A 2 -13.79 1.92 16.64
N PRO A 3 -13.69 1.47 15.37
CA PRO A 3 -12.40 1.21 14.72
C PRO A 3 -11.63 2.50 14.44
N THR A 4 -10.41 2.35 13.91
CA THR A 4 -9.58 3.50 13.60
C THR A 4 -10.31 4.50 12.72
N PRO A 5 -9.84 5.75 12.72
CA PRO A 5 -10.45 6.83 11.93
C PRO A 5 -10.22 6.64 10.43
N THR A 6 -9.08 6.09 10.08
CA THR A 6 -8.74 5.85 8.68
C THR A 6 -7.64 4.81 8.54
N PRO A 7 -7.99 3.53 8.75
CA PRO A 7 -7.04 2.42 8.65
C PRO A 7 -6.59 2.17 7.21
N ILE A 8 -5.28 2.23 7.00
CA ILE A 8 -4.72 2.00 5.67
C ILE A 8 -4.11 0.61 5.56
N CYS A 9 -4.44 -0.10 4.49
CA CYS A 9 -3.91 -1.44 4.26
C CYS A 9 -3.19 -1.53 2.93
N LYS A 10 -2.35 -2.55 2.78
CA LYS A 10 -1.60 -2.75 1.54
C LYS A 10 -1.96 -4.08 0.89
N SER A 11 -1.73 -4.18 -0.41
CA SER A 11 -2.03 -5.41 -1.15
C SER A 11 -1.07 -5.58 -2.32
N ARG A 12 -0.73 -6.83 -2.62
CA ARG A 12 0.18 -7.14 -3.71
C ARG A 12 -0.59 -7.45 -5.00
N SER A 13 -0.48 -6.57 -5.98
CA SER A 13 -1.17 -6.76 -7.25
C SER A 13 -0.48 -7.82 -8.09
N HIS A 14 -1.16 -8.26 -9.15
CA HIS A 14 -0.61 -9.28 -10.04
C HIS A 14 -0.55 -8.77 -11.48
N GLU A 15 -0.48 -7.45 -11.63
CA GLU A 15 -0.41 -6.84 -12.94
C GLU A 15 0.83 -5.96 -13.08
N TYR A 16 1.12 -5.19 -12.03
CA TYR A 16 2.28 -4.30 -12.02
C TYR A 16 3.36 -4.83 -11.10
N LYS A 17 3.60 -6.14 -11.16
CA LYS A 17 4.62 -6.77 -10.33
C LYS A 17 5.91 -6.97 -11.11
N GLY A 18 6.64 -5.87 -11.33
CA GLY A 18 7.89 -5.95 -12.06
C GLY A 18 8.64 -4.63 -12.04
N ARG A 19 9.06 -4.17 -13.21
CA ARG A 19 9.80 -2.92 -13.32
C ARG A 19 9.06 -1.78 -12.63
N CYS A 20 9.63 -1.26 -11.56
CA CYS A 20 9.03 -0.17 -10.81
C CYS A 20 9.92 0.28 -9.65
N ILE A 21 10.83 1.20 -9.95
CA ILE A 21 11.75 1.71 -8.94
C ILE A 21 11.26 3.04 -8.36
N GLN A 22 10.37 3.69 -9.10
CA GLN A 22 9.81 4.97 -8.66
C GLN A 22 8.50 4.77 -7.90
N ASP A 23 8.47 5.23 -6.66
CA ASP A 23 7.28 5.10 -5.83
C ASP A 23 6.09 5.77 -6.49
N MET A 24 6.32 6.95 -7.08
CA MET A 24 5.26 7.70 -7.74
C MET A 24 4.60 6.85 -8.84
N ASP A 25 5.44 6.24 -9.68
CA ASP A 25 4.94 5.40 -10.77
C ASP A 25 4.12 4.24 -10.23
N CYS A 26 4.69 3.52 -9.26
CA CYS A 26 4.00 2.38 -8.66
C CYS A 26 2.64 2.78 -8.11
N ASN A 27 2.56 3.99 -7.57
CA ASN A 27 1.31 4.50 -7.01
C ASN A 27 0.23 4.58 -8.08
N ALA A 28 0.57 5.22 -9.20
CA ALA A 28 -0.36 5.38 -10.31
C ALA A 28 -0.73 4.03 -10.92
N ALA A 29 0.22 3.10 -10.89
CA ALA A 29 0.00 1.77 -11.43
C ALA A 29 -1.16 1.07 -10.72
N CYS A 30 -1.19 1.17 -9.40
CA CYS A 30 -2.24 0.54 -8.60
C CYS A 30 -3.58 1.24 -8.83
N VAL A 31 -3.62 2.54 -8.57
CA VAL A 31 -4.83 3.32 -8.74
C VAL A 31 -5.37 3.19 -10.16
N LYS A 32 -4.49 2.83 -11.09
CA LYS A 32 -4.86 2.67 -12.49
C LYS A 32 -5.20 1.20 -12.79
N GLU A 33 -4.69 0.30 -11.97
CA GLU A 33 -4.94 -1.13 -12.15
C GLU A 33 -6.38 -1.47 -11.78
N SER A 34 -6.84 -0.93 -10.66
CA SER A 34 -8.20 -1.19 -10.20
C SER A 34 -8.94 0.12 -9.92
N GLU A 35 -10.11 0.00 -9.28
CA GLU A 35 -10.91 1.18 -8.95
C GLU A 35 -11.23 1.22 -7.46
N SER A 36 -10.40 0.55 -6.67
CA SER A 36 -10.59 0.49 -5.22
C SER A 36 -9.36 1.03 -4.49
N TYR A 37 -8.20 0.81 -5.08
CA TYR A 37 -6.94 1.26 -4.49
C TYR A 37 -6.72 2.75 -4.75
N THR A 38 -6.33 3.48 -3.71
CA THR A 38 -6.08 4.91 -3.83
C THR A 38 -4.66 5.26 -3.41
N GLY A 39 -3.75 4.31 -3.60
CA GLY A 39 -2.36 4.53 -3.23
C GLY A 39 -1.48 3.34 -3.52
N GLY A 40 -0.18 3.49 -3.30
CA GLY A 40 0.75 2.41 -3.55
C GLY A 40 2.20 2.84 -3.42
N PHE A 41 3.05 1.92 -3.00
CA PHE A 41 4.48 2.21 -2.85
C PHE A 41 5.33 1.15 -3.52
N CYS A 42 6.50 1.56 -4.00
CA CYS A 42 7.42 0.64 -4.68
C CYS A 42 8.76 0.59 -3.96
N ASN A 43 9.35 -0.60 -3.90
CA ASN A 43 10.64 -0.78 -3.23
C ASN A 43 11.49 -1.80 -3.99
N GLY A 44 12.76 -1.46 -4.20
CA GLY A 44 13.66 -2.34 -4.90
C GLY A 44 14.50 -3.19 -3.96
N ARG A 45 14.23 -4.49 -3.95
CA ARG A 45 14.96 -5.42 -3.08
C ARG A 45 15.23 -6.74 -3.80
N PRO A 46 16.20 -7.50 -3.27
CA PRO A 46 16.57 -8.80 -3.85
C PRO A 46 15.49 -9.85 -3.64
N PRO A 47 15.36 -10.77 -4.62
CA PRO A 47 16.22 -10.78 -5.81
C PRO A 47 15.91 -9.61 -6.74
N PHE A 48 14.63 -9.43 -7.05
CA PHE A 48 14.22 -8.34 -7.94
C PHE A 48 13.28 -7.38 -7.21
N LYS A 49 13.18 -6.16 -7.71
CA LYS A 49 12.32 -5.14 -7.12
C LYS A 49 10.88 -5.63 -7.02
N GLN A 50 10.13 -5.04 -6.10
CA GLN A 50 8.73 -5.42 -5.91
C GLN A 50 7.85 -4.19 -5.74
N CYS A 51 6.67 -4.21 -6.36
CA CYS A 51 5.74 -3.09 -6.27
C CYS A 51 4.56 -3.44 -5.38
N PHE A 52 4.23 -2.53 -4.47
CA PHE A 52 3.11 -2.75 -3.55
C PHE A 52 2.06 -1.65 -3.71
N CYS A 53 0.80 -2.01 -3.51
CA CYS A 53 -0.30 -1.07 -3.64
C CYS A 53 -0.97 -0.83 -2.29
N THR A 54 -1.42 0.40 -2.06
CA THR A 54 -2.08 0.76 -0.81
C THR A 54 -3.54 1.12 -1.04
N LYS A 55 -4.40 0.69 -0.12
CA LYS A 55 -5.82 0.96 -0.22
C LYS A 55 -6.44 1.15 1.16
N PRO A 56 -7.41 2.08 1.25
CA PRO A 56 -8.10 2.37 2.51
C PRO A 56 -9.01 1.24 2.96
N CYS A 57 -8.41 0.20 3.54
CA CYS A 57 -9.17 -0.96 4.02
C CYS A 57 -10.37 -0.51 4.85
N LYS A 58 -11.30 -1.44 5.07
CA LYS A 58 -12.50 -1.15 5.85
C LYS A 58 -12.49 -1.92 7.17
N ARG A 59 -11.32 -2.00 7.78
CA ARG A 59 -11.17 -2.71 9.05
C ARG A 59 -11.75 -4.12 8.95
N GLU A 60 -11.88 -4.78 10.10
CA GLU A 60 -12.42 -6.14 10.14
C GLU A 60 -13.51 -6.26 11.20
N ARG A 61 -13.28 -5.62 12.34
CA ARG A 61 -14.24 -5.65 13.44
C ARG A 61 -15.63 -5.22 12.96
N ALA A 62 -15.65 -4.38 11.94
CA ALA A 62 -16.91 -3.88 11.39
C ALA A 62 -17.86 -5.04 11.07
N ALA A 63 -19.02 -5.03 11.72
CA ALA A 63 -20.02 -6.08 11.51
C ALA A 63 -19.50 -7.43 11.97
N ALA A 64 -18.68 -7.42 13.01
CA ALA A 64 -18.12 -8.65 13.55
C ALA A 64 -17.70 -8.48 15.00
N THR A 65 -17.01 -9.49 15.54
CA THR A 65 -16.56 -9.44 16.93
C THR A 65 -15.12 -8.94 17.01
N LEU A 66 -14.18 -9.78 16.62
CA LEU A 66 -12.77 -9.43 16.66
C LEU A 66 -11.91 -10.56 16.11
N ARG A 67 -10.59 -10.38 16.15
CA ARG A 67 -9.65 -11.38 15.66
C ARG A 67 -8.25 -11.12 16.20
N TRP A 68 -7.59 -10.11 15.67
CA TRP A 68 -6.24 -9.75 16.10
C TRP A 68 -6.16 -8.29 16.51
N PRO A 69 -6.73 -7.97 17.68
CA PRO A 69 -6.73 -6.60 18.21
C PRO A 69 -5.35 -6.15 18.64
N GLY A 70 -4.44 -7.10 18.82
CA GLY A 70 -3.08 -6.78 19.23
C GLY A 70 -2.19 -6.40 18.07
N LEU A 71 -0.89 -6.56 18.25
CA LEU A 71 0.07 -6.23 17.20
C LEU A 71 0.97 -7.42 16.89
N HIS A 1 -4.78 -4.15 13.23
CA HIS A 1 -3.77 -3.51 14.06
C HIS A 1 -3.47 -2.09 13.55
N THR A 2 -4.52 -1.37 13.19
CA THR A 2 -4.38 -0.01 12.70
C THR A 2 -5.28 0.96 13.47
N PRO A 3 -4.89 1.27 14.71
CA PRO A 3 -5.65 2.18 15.57
C PRO A 3 -5.58 3.62 15.09
N THR A 4 -6.52 4.00 14.22
CA THR A 4 -6.57 5.36 13.68
C THR A 4 -7.78 5.54 12.78
N PRO A 5 -8.17 6.81 12.57
CA PRO A 5 -9.33 7.16 11.73
C PRO A 5 -9.05 6.89 10.25
N THR A 6 -7.77 6.82 9.90
CA THR A 6 -7.38 6.56 8.51
C THR A 6 -6.38 5.43 8.42
N PRO A 7 -6.86 4.19 8.61
CA PRO A 7 -6.02 3.00 8.55
C PRO A 7 -5.53 2.69 7.14
N ILE A 8 -4.22 2.60 6.97
CA ILE A 8 -3.64 2.31 5.67
C ILE A 8 -3.27 0.83 5.54
N CYS A 9 -3.65 0.22 4.44
CA CYS A 9 -3.36 -1.18 4.20
C CYS A 9 -2.52 -1.36 2.93
N LYS A 10 -1.79 -2.46 2.86
CA LYS A 10 -0.94 -2.74 1.71
C LYS A 10 -1.36 -4.05 1.04
N SER A 11 -1.39 -4.04 -0.29
CA SER A 11 -1.77 -5.22 -1.05
C SER A 11 -1.07 -5.25 -2.41
N ARG A 12 -0.79 -6.46 -2.90
CA ARG A 12 -0.12 -6.61 -4.19
C ARG A 12 -1.14 -6.73 -5.32
N SER A 13 -0.81 -6.15 -6.46
CA SER A 13 -1.70 -6.18 -7.62
C SER A 13 -1.50 -7.46 -8.42
N HIS A 14 -0.33 -8.07 -8.25
CA HIS A 14 0.00 -9.31 -8.96
C HIS A 14 0.03 -9.08 -10.47
N GLU A 15 0.12 -7.82 -10.86
CA GLU A 15 0.15 -7.46 -12.28
C GLU A 15 1.26 -6.45 -12.55
N TYR A 16 1.30 -5.38 -11.76
CA TYR A 16 2.31 -4.34 -11.93
C TYR A 16 3.31 -4.37 -10.78
N LYS A 17 3.66 -5.57 -10.34
CA LYS A 17 4.62 -5.75 -9.25
C LYS A 17 5.82 -6.56 -9.70
N GLY A 18 6.51 -6.07 -10.73
CA GLY A 18 7.68 -6.75 -11.25
C GLY A 18 8.88 -5.84 -11.37
N ARG A 19 8.64 -4.58 -11.71
CA ARG A 19 9.71 -3.61 -11.87
C ARG A 19 9.15 -2.22 -12.14
N CYS A 20 9.64 -1.23 -11.41
CA CYS A 20 9.19 0.14 -11.58
C CYS A 20 10.31 1.13 -11.27
N ILE A 21 10.92 0.96 -10.10
CA ILE A 21 12.01 1.84 -9.68
C ILE A 21 11.51 3.25 -9.39
N GLN A 22 10.20 3.42 -9.44
CA GLN A 22 9.58 4.72 -9.18
C GLN A 22 8.35 4.57 -8.30
N ASP A 23 8.42 5.11 -7.09
CA ASP A 23 7.31 5.05 -6.16
C ASP A 23 6.06 5.68 -6.74
N MET A 24 6.22 6.84 -7.38
CA MET A 24 5.11 7.54 -7.99
C MET A 24 4.42 6.67 -9.03
N ASP A 25 5.20 6.06 -9.90
CA ASP A 25 4.66 5.20 -10.95
C ASP A 25 3.89 4.04 -10.34
N CYS A 26 4.51 3.35 -9.38
CA CYS A 26 3.89 2.21 -8.72
C CYS A 26 2.54 2.61 -8.12
N ASN A 27 2.42 3.86 -7.74
CA ASN A 27 1.19 4.38 -7.14
C ASN A 27 0.08 4.45 -8.19
N ALA A 28 0.36 5.12 -9.31
CA ALA A 28 -0.61 5.27 -10.38
C ALA A 28 -0.95 3.91 -11.00
N ALA A 29 0.02 3.00 -11.01
CA ALA A 29 -0.18 1.67 -11.56
C ALA A 29 -1.31 0.94 -10.84
N CYS A 30 -1.31 1.02 -9.51
CA CYS A 30 -2.34 0.37 -8.71
C CYS A 30 -3.69 1.05 -8.90
N VAL A 31 -3.75 2.34 -8.60
CA VAL A 31 -4.98 3.11 -8.73
C VAL A 31 -5.55 2.99 -10.14
N LYS A 32 -4.68 2.66 -11.10
CA LYS A 32 -5.09 2.52 -12.50
C LYS A 32 -5.36 1.06 -12.82
N GLU A 33 -4.82 0.15 -12.02
CA GLU A 33 -5.01 -1.28 -12.23
C GLU A 33 -6.43 -1.69 -11.85
N SER A 34 -6.89 -1.20 -10.71
CA SER A 34 -8.24 -1.53 -10.23
C SER A 34 -8.93 -0.29 -9.68
N GLU A 35 -10.07 -0.50 -9.03
CA GLU A 35 -10.83 0.60 -8.46
C GLU A 35 -10.99 0.44 -6.95
N SER A 36 -10.01 -0.21 -6.33
CA SER A 36 -10.03 -0.44 -4.89
C SER A 36 -8.80 0.18 -4.23
N TYR A 37 -7.68 0.17 -4.93
CA TYR A 37 -6.44 0.72 -4.41
C TYR A 37 -6.38 2.22 -4.62
N THR A 38 -6.20 2.96 -3.53
CA THR A 38 -6.13 4.41 -3.59
C THR A 38 -4.70 4.90 -3.36
N GLY A 39 -3.73 4.08 -3.74
CA GLY A 39 -2.34 4.45 -3.56
C GLY A 39 -1.40 3.28 -3.80
N GLY A 40 -0.12 3.48 -3.48
CA GLY A 40 0.86 2.43 -3.68
C GLY A 40 2.27 2.97 -3.80
N PHE A 41 3.25 2.19 -3.35
CA PHE A 41 4.64 2.60 -3.42
C PHE A 41 5.51 1.47 -3.96
N CYS A 42 6.70 1.83 -4.44
CA CYS A 42 7.63 0.84 -4.99
C CYS A 42 8.84 0.68 -4.08
N ASN A 43 9.33 -0.55 -3.96
CA ASN A 43 10.48 -0.84 -3.12
C ASN A 43 11.38 -1.90 -3.77
N GLY A 44 12.69 -1.68 -3.70
CA GLY A 44 13.62 -2.62 -4.29
C GLY A 44 14.16 -3.61 -3.28
N ARG A 45 13.78 -4.87 -3.42
CA ARG A 45 14.22 -5.92 -2.51
C ARG A 45 14.51 -7.22 -3.26
N PRO A 46 15.27 -8.11 -2.62
CA PRO A 46 15.63 -9.41 -3.21
C PRO A 46 14.44 -10.35 -3.33
N PRO A 47 14.44 -11.17 -4.39
CA PRO A 47 15.51 -11.18 -5.38
C PRO A 47 15.52 -9.92 -6.24
N PHE A 48 14.36 -9.56 -6.78
CA PHE A 48 14.24 -8.38 -7.61
C PHE A 48 13.23 -7.39 -7.01
N LYS A 49 13.34 -6.12 -7.42
CA LYS A 49 12.45 -5.08 -6.93
C LYS A 49 11.00 -5.44 -7.20
N GLN A 50 10.10 -4.86 -6.41
CA GLN A 50 8.66 -5.12 -6.57
C GLN A 50 7.85 -3.90 -6.17
N CYS A 51 6.68 -3.75 -6.79
CA CYS A 51 5.80 -2.63 -6.51
C CYS A 51 4.63 -3.06 -5.62
N PHE A 52 4.29 -2.22 -4.64
CA PHE A 52 3.20 -2.51 -3.73
C PHE A 52 2.11 -1.43 -3.81
N CYS A 53 0.87 -1.85 -3.61
CA CYS A 53 -0.26 -0.93 -3.66
C CYS A 53 -0.78 -0.62 -2.26
N THR A 54 -1.48 0.50 -2.12
CA THR A 54 -2.04 0.90 -0.84
C THR A 54 -3.52 1.20 -0.95
N LYS A 55 -4.28 0.82 0.07
CA LYS A 55 -5.73 1.05 0.08
C LYS A 55 -6.21 1.36 1.49
N PRO A 56 -7.19 2.27 1.59
CA PRO A 56 -7.77 2.68 2.88
C PRO A 56 -8.59 1.57 3.53
N CYS A 57 -8.03 0.94 4.56
CA CYS A 57 -8.71 -0.14 5.26
C CYS A 57 -10.14 0.27 5.64
N LYS A 58 -11.00 -0.72 5.78
CA LYS A 58 -12.40 -0.47 6.13
C LYS A 58 -12.59 -0.51 7.65
N ARG A 59 -13.64 0.13 8.13
CA ARG A 59 -13.93 0.17 9.55
C ARG A 59 -12.76 0.76 10.34
N GLU A 60 -12.90 0.81 11.65
CA GLU A 60 -11.86 1.35 12.52
C GLU A 60 -11.30 0.27 13.44
N ARG A 61 -10.19 0.58 14.10
CA ARG A 61 -9.55 -0.36 15.02
C ARG A 61 -8.71 0.36 16.05
N ALA A 62 -9.22 1.50 16.53
CA ALA A 62 -8.52 2.29 17.53
C ALA A 62 -9.12 2.09 18.91
N ALA A 63 -8.39 2.51 19.94
CA ALA A 63 -8.86 2.38 21.31
C ALA A 63 -8.58 3.64 22.11
N ALA A 64 -9.05 3.67 23.36
CA ALA A 64 -8.85 4.83 24.22
C ALA A 64 -7.99 4.47 25.43
N THR A 65 -8.00 3.19 25.79
CA THR A 65 -7.22 2.71 26.93
C THR A 65 -5.76 3.15 26.82
N LEU A 66 -5.18 3.55 27.95
CA LEU A 66 -3.79 3.98 27.98
C LEU A 66 -3.20 3.81 29.37
N ARG A 67 -1.88 3.61 29.42
CA ARG A 67 -1.19 3.43 30.69
C ARG A 67 0.16 4.13 30.68
N TRP A 68 1.10 3.59 29.91
CA TRP A 68 2.44 4.16 29.81
C TRP A 68 2.37 5.65 29.47
N PRO A 69 3.46 6.38 29.74
CA PRO A 69 3.54 7.82 29.46
C PRO A 69 3.60 8.11 27.97
N GLY A 70 2.67 8.95 27.50
CA GLY A 70 2.62 9.30 26.09
C GLY A 70 2.38 10.78 25.86
N LEU A 71 2.77 11.59 26.84
CA LEU A 71 2.60 13.04 26.75
C LEU A 71 1.15 13.38 26.41
N HIS A 1 -6.75 -2.03 18.35
CA HIS A 1 -8.20 -2.19 18.32
C HIS A 1 -8.87 -0.95 17.74
N THR A 2 -9.07 -0.96 16.42
CA THR A 2 -9.69 0.17 15.74
C THR A 2 -8.85 1.42 15.85
N PRO A 3 -7.71 1.44 15.14
CA PRO A 3 -6.79 2.57 15.15
C PRO A 3 -7.36 3.79 14.43
N THR A 4 -8.39 3.57 13.63
CA THR A 4 -9.04 4.64 12.89
C THR A 4 -10.25 4.13 12.12
N PRO A 5 -11.16 5.05 11.75
CA PRO A 5 -12.37 4.71 10.99
C PRO A 5 -12.07 4.30 9.57
N THR A 6 -10.92 4.74 9.05
CA THR A 6 -10.51 4.41 7.69
C THR A 6 -9.02 4.11 7.63
N PRO A 7 -8.63 2.92 8.12
CA PRO A 7 -7.24 2.48 8.13
C PRO A 7 -6.73 2.16 6.72
N ILE A 8 -5.42 2.32 6.53
CA ILE A 8 -4.80 2.06 5.24
C ILE A 8 -4.17 0.68 5.20
N CYS A 9 -4.44 -0.07 4.14
CA CYS A 9 -3.89 -1.41 3.99
C CYS A 9 -3.03 -1.50 2.72
N LYS A 10 -2.22 -2.56 2.65
CA LYS A 10 -1.36 -2.76 1.50
C LYS A 10 -1.63 -4.11 0.84
N SER A 11 -1.41 -4.20 -0.47
CA SER A 11 -1.64 -5.43 -1.21
C SER A 11 -0.68 -5.54 -2.39
N ARG A 12 -0.28 -6.76 -2.70
CA ARG A 12 0.65 -7.00 -3.80
C ARG A 12 -0.11 -7.32 -5.09
N SER A 13 -0.05 -6.41 -6.06
CA SER A 13 -0.73 -6.60 -7.33
C SER A 13 -0.09 -7.71 -8.14
N HIS A 14 -0.60 -7.94 -9.35
CA HIS A 14 -0.08 -8.98 -10.22
C HIS A 14 0.13 -8.45 -11.63
N GLU A 15 -0.82 -7.65 -12.10
CA GLU A 15 -0.73 -7.08 -13.45
C GLU A 15 0.49 -6.19 -13.58
N TYR A 16 0.93 -5.63 -12.46
CA TYR A 16 2.09 -4.74 -12.45
C TYR A 16 3.20 -5.32 -11.58
N LYS A 17 3.44 -6.62 -11.71
CA LYS A 17 4.48 -7.29 -10.94
C LYS A 17 5.66 -7.65 -11.83
N GLY A 18 6.51 -6.66 -12.09
CA GLY A 18 7.68 -6.88 -12.91
C GLY A 18 8.48 -5.62 -13.15
N ARG A 19 7.95 -4.73 -13.99
CA ARG A 19 8.63 -3.48 -14.30
C ARG A 19 8.25 -2.40 -13.29
N CYS A 20 8.62 -2.62 -12.03
CA CYS A 20 8.32 -1.67 -10.96
C CYS A 20 9.61 -1.19 -10.28
N ILE A 21 9.96 0.07 -10.54
CA ILE A 21 11.17 0.64 -9.95
C ILE A 21 10.89 2.03 -9.39
N GLN A 22 10.08 2.81 -10.10
CA GLN A 22 9.73 4.16 -9.67
C GLN A 22 8.44 4.15 -8.85
N ASP A 23 8.49 4.77 -7.68
CA ASP A 23 7.33 4.84 -6.80
C ASP A 23 6.15 5.51 -7.50
N MET A 24 6.44 6.56 -8.25
CA MET A 24 5.40 7.29 -8.99
C MET A 24 4.64 6.36 -9.93
N ASP A 25 5.39 5.57 -10.70
CA ASP A 25 4.78 4.63 -11.64
C ASP A 25 3.95 3.60 -10.91
N CYS A 26 4.54 2.98 -9.88
CA CYS A 26 3.85 1.96 -9.10
C CYS A 26 2.53 2.51 -8.54
N ASN A 27 2.55 3.75 -8.09
CA ASN A 27 1.36 4.39 -7.55
C ASN A 27 0.24 4.42 -8.58
N ALA A 28 0.56 4.87 -9.78
CA ALA A 28 -0.42 4.95 -10.86
C ALA A 28 -0.91 3.57 -11.26
N ALA A 29 -0.04 2.58 -11.15
CA ALA A 29 -0.38 1.21 -11.50
C ALA A 29 -1.53 0.69 -10.63
N CYS A 30 -1.44 0.96 -9.34
CA CYS A 30 -2.47 0.52 -8.39
C CYS A 30 -3.77 1.29 -8.62
N VAL A 31 -3.69 2.61 -8.56
CA VAL A 31 -4.85 3.47 -8.75
C VAL A 31 -5.51 3.19 -10.10
N LYS A 32 -4.75 2.60 -11.01
CA LYS A 32 -5.26 2.28 -12.34
C LYS A 32 -5.59 0.80 -12.46
N GLU A 33 -5.13 0.02 -11.48
CA GLU A 33 -5.39 -1.42 -11.48
C GLU A 33 -6.88 -1.72 -11.56
N SER A 34 -7.67 -0.99 -10.76
CA SER A 34 -9.11 -1.17 -10.74
C SER A 34 -9.79 -0.05 -9.97
N GLU A 35 -9.24 1.14 -10.06
CA GLU A 35 -9.79 2.30 -9.36
C GLU A 35 -10.20 1.93 -7.93
N SER A 36 -9.42 1.06 -7.32
CA SER A 36 -9.70 0.61 -5.96
C SER A 36 -8.58 1.04 -5.00
N TYR A 37 -7.35 0.95 -5.47
CA TYR A 37 -6.20 1.33 -4.67
C TYR A 37 -6.00 2.84 -4.66
N THR A 38 -5.99 3.43 -3.46
CA THR A 38 -5.82 4.87 -3.30
C THR A 38 -4.36 5.22 -3.07
N GLY A 39 -3.46 4.40 -3.60
CA GLY A 39 -2.03 4.65 -3.44
C GLY A 39 -1.19 3.44 -3.78
N GLY A 40 0.12 3.61 -3.77
CA GLY A 40 1.02 2.51 -4.08
C GLY A 40 2.48 2.92 -3.98
N PHE A 41 3.31 2.00 -3.51
CA PHE A 41 4.74 2.25 -3.36
C PHE A 41 5.56 1.04 -3.79
N CYS A 42 6.76 1.29 -4.31
CA CYS A 42 7.64 0.22 -4.76
C CYS A 42 8.85 0.09 -3.83
N ASN A 43 9.32 -1.14 -3.67
CA ASN A 43 10.47 -1.40 -2.81
C ASN A 43 11.35 -2.50 -3.40
N GLY A 44 12.66 -2.29 -3.35
CA GLY A 44 13.59 -3.27 -3.87
C GLY A 44 14.08 -4.24 -2.81
N ARG A 45 13.66 -5.49 -2.93
CA ARG A 45 14.06 -6.53 -1.98
C ARG A 45 14.30 -7.86 -2.68
N PRO A 46 15.00 -8.78 -2.00
CA PRO A 46 15.31 -10.10 -2.54
C PRO A 46 14.09 -10.99 -2.67
N PRO A 47 14.06 -11.83 -3.71
CA PRO A 47 15.15 -11.90 -4.70
C PRO A 47 15.22 -10.65 -5.57
N PHE A 48 14.09 -10.25 -6.12
CA PHE A 48 14.02 -9.07 -6.98
C PHE A 48 13.04 -8.06 -6.43
N LYS A 49 13.17 -6.81 -6.88
CA LYS A 49 12.29 -5.73 -6.43
C LYS A 49 10.83 -6.08 -6.70
N GLN A 50 9.94 -5.57 -5.87
CA GLN A 50 8.51 -5.82 -6.02
C GLN A 50 7.71 -4.53 -5.87
N CYS A 51 6.49 -4.52 -6.40
CA CYS A 51 5.63 -3.36 -6.32
C CYS A 51 4.52 -3.57 -5.29
N PHE A 52 4.24 -2.52 -4.51
CA PHE A 52 3.21 -2.58 -3.49
C PHE A 52 2.12 -1.56 -3.74
N CYS A 53 0.88 -1.92 -3.39
CA CYS A 53 -0.26 -1.02 -3.60
C CYS A 53 -0.97 -0.77 -2.27
N THR A 54 -1.49 0.46 -2.11
CA THR A 54 -2.20 0.82 -0.89
C THR A 54 -3.65 1.17 -1.20
N LYS A 55 -4.55 0.78 -0.30
CA LYS A 55 -5.97 1.05 -0.47
C LYS A 55 -6.63 1.38 0.87
N PRO A 56 -7.79 2.05 0.80
CA PRO A 56 -8.54 2.45 2.01
C PRO A 56 -9.14 1.25 2.73
N CYS A 57 -8.34 0.58 3.53
CA CYS A 57 -8.80 -0.59 4.28
C CYS A 57 -10.07 -0.27 5.06
N LYS A 58 -10.69 -1.29 5.63
CA LYS A 58 -11.91 -1.12 6.40
C LYS A 58 -11.78 -1.78 7.78
N ARG A 59 -11.70 -0.95 8.81
CA ARG A 59 -11.58 -1.45 10.18
C ARG A 59 -10.27 -2.22 10.36
N GLU A 60 -10.00 -2.63 11.60
CA GLU A 60 -8.79 -3.38 11.90
C GLU A 60 -7.55 -2.53 11.63
N ARG A 61 -6.42 -2.94 12.19
CA ARG A 61 -5.17 -2.23 12.01
C ARG A 61 -4.32 -2.88 10.91
N ALA A 62 -4.37 -4.20 10.85
CA ALA A 62 -3.61 -4.94 9.84
C ALA A 62 -2.11 -4.75 10.04
N ALA A 63 -1.33 -5.22 9.07
CA ALA A 63 0.13 -5.09 9.13
C ALA A 63 0.54 -3.64 9.31
N ALA A 64 0.46 -2.88 8.22
CA ALA A 64 0.84 -1.46 8.25
C ALA A 64 2.32 -1.30 8.56
N THR A 65 2.86 -0.13 8.22
CA THR A 65 4.27 0.16 8.47
C THR A 65 4.54 1.65 8.43
N LEU A 66 4.05 2.32 7.39
CA LEU A 66 4.23 3.75 7.23
C LEU A 66 3.81 4.50 8.50
N ARG A 67 4.51 5.58 8.81
CA ARG A 67 4.20 6.38 9.99
C ARG A 67 3.93 7.83 9.60
N TRP A 68 3.71 8.67 10.61
CA TRP A 68 3.44 10.08 10.38
C TRP A 68 4.50 10.70 9.47
N PRO A 69 4.17 11.85 8.86
CA PRO A 69 5.07 12.56 7.96
C PRO A 69 6.24 13.20 8.70
N GLY A 70 5.93 13.89 9.81
CA GLY A 70 6.97 14.53 10.59
C GLY A 70 7.05 16.02 10.33
N LEU A 71 8.26 16.57 10.45
CA LEU A 71 8.48 17.99 10.22
C LEU A 71 8.77 18.28 8.75
N HIS A 1 -17.72 -1.80 14.15
CA HIS A 1 -16.86 -1.09 15.09
C HIS A 1 -16.63 0.35 14.63
N THR A 2 -15.92 1.12 15.45
CA THR A 2 -15.62 2.51 15.14
C THR A 2 -14.11 2.73 15.00
N PRO A 3 -13.53 2.16 13.94
CA PRO A 3 -12.09 2.29 13.67
C PRO A 3 -11.70 3.70 13.25
N THR A 4 -10.45 3.87 12.85
CA THR A 4 -9.95 5.17 12.43
C THR A 4 -10.86 5.80 11.38
N PRO A 5 -10.77 7.13 11.23
CA PRO A 5 -11.58 7.87 10.26
C PRO A 5 -11.18 7.58 8.82
N THR A 6 -9.95 7.11 8.63
CA THR A 6 -9.45 6.80 7.30
C THR A 6 -8.30 5.80 7.38
N PRO A 7 -8.63 4.54 7.65
CA PRO A 7 -7.64 3.46 7.75
C PRO A 7 -7.04 3.11 6.40
N ILE A 8 -5.71 3.18 6.32
CA ILE A 8 -5.00 2.85 5.09
C ILE A 8 -4.31 1.50 5.17
N CYS A 9 -4.49 0.68 4.15
CA CYS A 9 -3.88 -0.64 4.12
C CYS A 9 -3.13 -0.86 2.80
N LYS A 10 -2.23 -1.85 2.80
CA LYS A 10 -1.44 -2.15 1.61
C LYS A 10 -1.71 -3.58 1.14
N SER A 11 -1.51 -3.81 -0.15
CA SER A 11 -1.73 -5.13 -0.73
C SER A 11 -0.78 -5.38 -1.91
N ARG A 12 -0.37 -6.63 -2.07
CA ARG A 12 0.53 -7.01 -3.15
C ARG A 12 -0.24 -7.51 -4.37
N SER A 13 0.07 -6.94 -5.53
CA SER A 13 -0.61 -7.33 -6.77
C SER A 13 0.29 -8.21 -7.62
N HIS A 14 -0.30 -8.93 -8.56
CA HIS A 14 0.45 -9.81 -9.45
C HIS A 14 0.31 -9.37 -10.90
N GLU A 15 -0.10 -8.11 -11.09
CA GLU A 15 -0.28 -7.57 -12.43
C GLU A 15 0.88 -6.65 -12.80
N TYR A 16 1.11 -5.63 -11.98
CA TYR A 16 2.19 -4.68 -12.22
C TYR A 16 3.44 -5.09 -11.46
N LYS A 17 3.74 -6.38 -11.47
CA LYS A 17 4.92 -6.91 -10.79
C LYS A 17 6.10 -7.02 -11.75
N GLY A 18 6.66 -5.89 -12.14
CA GLY A 18 7.79 -5.89 -13.05
C GLY A 18 8.57 -4.59 -13.01
N ARG A 19 8.22 -3.66 -13.89
CA ARG A 19 8.90 -2.37 -13.95
C ARG A 19 8.53 -1.50 -12.75
N CYS A 20 9.14 -1.79 -11.61
CA CYS A 20 8.87 -1.03 -10.39
C CYS A 20 10.18 -0.53 -9.76
N ILE A 21 10.27 0.78 -9.59
CA ILE A 21 11.46 1.39 -9.01
C ILE A 21 11.12 2.68 -8.27
N GLN A 22 10.29 3.51 -8.90
CA GLN A 22 9.88 4.77 -8.31
C GLN A 22 8.46 4.67 -7.73
N ASP A 23 8.27 5.25 -6.55
CA ASP A 23 6.97 5.23 -5.89
C ASP A 23 5.91 5.90 -6.76
N MET A 24 6.30 6.96 -7.45
CA MET A 24 5.38 7.70 -8.32
C MET A 24 4.74 6.76 -9.33
N ASP A 25 5.57 5.99 -10.03
CA ASP A 25 5.07 5.05 -11.04
C ASP A 25 4.27 3.94 -10.39
N CYS A 26 4.84 3.32 -9.36
CA CYS A 26 4.16 2.24 -8.65
C CYS A 26 2.79 2.68 -8.14
N ASN A 27 2.69 3.94 -7.74
CA ASN A 27 1.43 4.48 -7.24
C ASN A 27 0.38 4.52 -8.35
N ALA A 28 0.75 5.05 -9.50
CA ALA A 28 -0.16 5.14 -10.63
C ALA A 28 -0.54 3.75 -11.14
N ALA A 29 0.39 2.81 -11.03
CA ALA A 29 0.14 1.44 -11.48
C ALA A 29 -1.04 0.82 -10.74
N CYS A 30 -1.08 1.02 -9.42
CA CYS A 30 -2.15 0.48 -8.60
C CYS A 30 -3.47 1.19 -8.90
N VAL A 31 -3.49 2.51 -8.73
CA VAL A 31 -4.68 3.30 -8.98
C VAL A 31 -5.19 3.07 -10.40
N LYS A 32 -4.31 2.62 -11.29
CA LYS A 32 -4.67 2.37 -12.67
C LYS A 32 -5.02 0.90 -12.88
N GLU A 33 -4.55 0.05 -11.97
CA GLU A 33 -4.81 -1.38 -12.05
C GLU A 33 -6.28 -1.68 -11.75
N SER A 34 -6.80 -1.06 -10.70
CA SER A 34 -8.19 -1.25 -10.30
C SER A 34 -8.83 0.06 -9.88
N GLU A 35 -10.08 -0.01 -9.43
CA GLU A 35 -10.80 1.17 -8.99
C GLU A 35 -11.04 1.15 -7.48
N SER A 36 -10.16 0.45 -6.77
CA SER A 36 -10.26 0.34 -5.32
C SER A 36 -9.00 0.87 -4.64
N TYR A 37 -7.86 0.66 -5.29
CA TYR A 37 -6.59 1.11 -4.75
C TYR A 37 -6.36 2.59 -5.05
N THR A 38 -6.15 3.37 -3.99
CA THR A 38 -5.92 4.81 -4.12
C THR A 38 -4.51 5.18 -3.68
N GLY A 39 -3.57 4.25 -3.85
CA GLY A 39 -2.19 4.51 -3.46
C GLY A 39 -1.28 3.34 -3.77
N GLY A 40 0.02 3.53 -3.55
CA GLY A 40 0.99 2.48 -3.81
C GLY A 40 2.41 2.99 -3.81
N PHE A 41 3.35 2.12 -3.47
CA PHE A 41 4.76 2.48 -3.43
C PHE A 41 5.62 1.41 -4.10
N CYS A 42 6.90 1.74 -4.33
CA CYS A 42 7.81 0.81 -4.96
C CYS A 42 8.98 0.49 -4.03
N ASN A 43 9.43 -0.77 -4.06
CA ASN A 43 10.54 -1.20 -3.22
C ASN A 43 11.39 -2.24 -3.94
N GLY A 44 12.69 -2.00 -4.00
CA GLY A 44 13.59 -2.93 -4.66
C GLY A 44 14.24 -3.90 -3.69
N ARG A 45 13.87 -5.17 -3.77
CA ARG A 45 14.42 -6.18 -2.89
C ARG A 45 14.62 -7.50 -3.64
N PRO A 46 15.46 -8.38 -3.08
CA PRO A 46 15.77 -9.69 -3.68
C PRO A 46 14.58 -10.64 -3.62
N PRO A 47 14.47 -11.51 -4.62
CA PRO A 47 15.42 -11.57 -5.73
C PRO A 47 15.31 -10.35 -6.65
N PHE A 48 14.09 -10.04 -7.06
CA PHE A 48 13.85 -8.89 -7.94
C PHE A 48 12.95 -7.86 -7.26
N LYS A 49 12.98 -6.64 -7.77
CA LYS A 49 12.18 -5.56 -7.21
C LYS A 49 10.71 -5.95 -7.15
N GLN A 50 9.96 -5.28 -6.27
CA GLN A 50 8.54 -5.57 -6.12
C GLN A 50 7.75 -4.27 -5.93
N CYS A 51 6.49 -4.29 -6.37
CA CYS A 51 5.63 -3.12 -6.25
C CYS A 51 4.49 -3.38 -5.27
N PHE A 52 4.19 -2.40 -4.44
CA PHE A 52 3.12 -2.54 -3.45
C PHE A 52 2.05 -1.46 -3.66
N CYS A 53 0.81 -1.82 -3.39
CA CYS A 53 -0.30 -0.90 -3.55
C CYS A 53 -1.00 -0.63 -2.22
N THR A 54 -1.76 0.46 -2.14
CA THR A 54 -2.47 0.82 -0.93
C THR A 54 -3.89 1.28 -1.23
N LYS A 55 -4.82 0.91 -0.36
CA LYS A 55 -6.23 1.28 -0.54
C LYS A 55 -6.89 1.54 0.80
N PRO A 56 -8.02 2.26 0.77
CA PRO A 56 -8.78 2.60 1.98
C PRO A 56 -9.47 1.39 2.59
N CYS A 57 -9.07 1.03 3.81
CA CYS A 57 -9.64 -0.12 4.50
C CYS A 57 -11.13 0.10 4.77
N LYS A 58 -11.84 -0.98 5.07
CA LYS A 58 -13.28 -0.90 5.36
C LYS A 58 -13.58 -1.44 6.75
N ARG A 59 -13.82 -0.53 7.69
CA ARG A 59 -14.14 -0.92 9.07
C ARG A 59 -12.98 -1.68 9.69
N GLU A 60 -13.19 -2.18 10.90
CA GLU A 60 -12.15 -2.94 11.60
C GLU A 60 -12.50 -4.42 11.65
N ARG A 61 -13.79 -4.73 11.56
CA ARG A 61 -14.25 -6.12 11.60
C ARG A 61 -13.51 -6.96 10.57
N ALA A 62 -13.10 -6.32 9.47
CA ALA A 62 -12.37 -7.02 8.41
C ALA A 62 -10.88 -6.96 8.65
N ALA A 63 -10.12 -7.68 7.81
CA ALA A 63 -8.67 -7.71 7.93
C ALA A 63 -8.03 -6.57 7.14
N ALA A 64 -7.05 -5.92 7.76
CA ALA A 64 -6.36 -4.82 7.12
C ALA A 64 -4.93 -4.69 7.62
N THR A 65 -4.78 -4.19 8.85
CA THR A 65 -3.46 -4.02 9.46
C THR A 65 -3.55 -4.10 10.97
N LEU A 66 -2.43 -3.81 11.63
CA LEU A 66 -2.37 -3.85 13.09
C LEU A 66 -1.58 -2.66 13.64
N ARG A 67 -2.24 -1.51 13.69
CA ARG A 67 -1.59 -0.29 14.19
C ARG A 67 -0.33 0.02 13.40
N TRP A 68 0.39 1.06 13.82
CA TRP A 68 1.61 1.47 13.15
C TRP A 68 2.57 0.28 13.01
N PRO A 69 3.53 0.41 12.07
CA PRO A 69 4.51 -0.64 11.81
C PRO A 69 5.51 -0.79 12.96
N GLY A 70 6.35 -1.81 12.87
CA GLY A 70 7.35 -2.05 13.91
C GLY A 70 8.68 -1.41 13.59
N LEU A 71 9.21 -0.65 14.53
CA LEU A 71 10.50 0.02 14.35
C LEU A 71 11.54 -0.53 15.31
N HIS A 1 -19.87 4.66 16.06
CA HIS A 1 -20.03 6.06 16.41
C HIS A 1 -18.70 6.79 16.36
N THR A 2 -17.97 6.62 15.25
CA THR A 2 -16.68 7.25 15.08
C THR A 2 -16.26 7.26 13.62
N PRO A 3 -16.73 8.27 12.86
CA PRO A 3 -16.42 8.42 11.45
C PRO A 3 -14.96 8.79 11.21
N THR A 4 -14.07 7.82 11.37
CA THR A 4 -12.64 8.04 11.16
C THR A 4 -12.25 7.85 9.70
N PRO A 5 -11.10 8.42 9.32
CA PRO A 5 -10.59 8.32 7.94
C PRO A 5 -10.13 6.91 7.60
N THR A 6 -10.15 6.03 8.59
CA THR A 6 -9.72 4.64 8.40
C THR A 6 -8.23 4.57 8.08
N PRO A 7 -7.56 3.53 8.63
CA PRO A 7 -6.13 3.32 8.42
C PRO A 7 -5.81 2.91 6.99
N ILE A 8 -4.54 3.02 6.61
CA ILE A 8 -4.10 2.65 5.27
C ILE A 8 -3.43 1.29 5.26
N CYS A 9 -3.81 0.46 4.30
CA CYS A 9 -3.25 -0.89 4.18
C CYS A 9 -2.52 -1.05 2.84
N LYS A 10 -1.69 -2.07 2.76
CA LYS A 10 -0.93 -2.35 1.55
C LYS A 10 -1.28 -3.71 0.98
N SER A 11 -1.20 -3.85 -0.35
CA SER A 11 -1.52 -5.10 -1.01
C SER A 11 -0.71 -5.25 -2.30
N ARG A 12 -0.38 -6.49 -2.65
CA ARG A 12 0.39 -6.77 -3.84
C ARG A 12 -0.51 -6.84 -5.07
N SER A 13 -0.02 -6.33 -6.19
CA SER A 13 -0.79 -6.32 -7.44
C SER A 13 -0.65 -7.66 -8.16
N HIS A 14 0.53 -8.25 -8.07
CA HIS A 14 0.80 -9.53 -8.72
C HIS A 14 0.61 -9.43 -10.23
N GLU A 15 0.68 -8.20 -10.74
CA GLU A 15 0.52 -7.97 -12.17
C GLU A 15 1.49 -6.90 -12.66
N TYR A 16 1.56 -5.78 -11.93
CA TYR A 16 2.45 -4.69 -12.29
C TYR A 16 3.60 -4.57 -11.29
N LYS A 17 4.24 -5.71 -11.01
CA LYS A 17 5.36 -5.72 -10.08
C LYS A 17 6.49 -6.59 -10.62
N GLY A 18 7.22 -6.06 -11.60
CA GLY A 18 8.33 -6.78 -12.19
C GLY A 18 9.57 -5.93 -12.35
N ARG A 19 9.36 -4.65 -12.67
CA ARG A 19 10.48 -3.73 -12.85
C ARG A 19 10.04 -2.28 -12.60
N CYS A 20 9.88 -1.93 -11.34
CA CYS A 20 9.45 -0.59 -10.96
C CYS A 20 10.49 0.08 -10.07
N ILE A 21 10.73 1.36 -10.31
CA ILE A 21 11.70 2.12 -9.53
C ILE A 21 11.09 3.41 -8.99
N GLN A 22 10.26 4.05 -9.81
CA GLN A 22 9.61 5.29 -9.43
C GLN A 22 8.38 5.02 -8.57
N ASP A 23 8.37 5.58 -7.37
CA ASP A 23 7.26 5.40 -6.45
C ASP A 23 5.96 5.91 -7.06
N MET A 24 6.04 7.04 -7.76
CA MET A 24 4.87 7.63 -8.39
C MET A 24 4.23 6.65 -9.38
N ASP A 25 5.07 6.00 -10.18
CA ASP A 25 4.59 5.04 -11.16
C ASP A 25 3.79 3.92 -10.49
N CYS A 26 4.36 3.35 -9.44
CA CYS A 26 3.70 2.27 -8.70
C CYS A 26 2.32 2.71 -8.21
N ASN A 27 2.18 4.00 -7.95
CA ASN A 27 0.91 4.55 -7.48
C ASN A 27 -0.13 4.54 -8.58
N ALA A 28 0.23 5.08 -9.75
CA ALA A 28 -0.67 5.12 -10.89
C ALA A 28 -1.03 3.71 -11.36
N ALA A 29 -0.08 2.80 -11.25
CA ALA A 29 -0.29 1.41 -11.67
C ALA A 29 -1.43 0.77 -10.89
N CYS A 30 -1.40 0.92 -9.56
CA CYS A 30 -2.43 0.36 -8.70
C CYS A 30 -3.67 1.24 -8.69
N VAL A 31 -3.48 2.53 -8.45
CA VAL A 31 -4.59 3.48 -8.41
C VAL A 31 -5.40 3.42 -9.69
N LYS A 32 -4.78 2.94 -10.77
CA LYS A 32 -5.44 2.82 -12.06
C LYS A 32 -5.84 1.38 -12.33
N GLU A 33 -5.22 0.44 -11.62
CA GLU A 33 -5.51 -0.97 -11.79
C GLU A 33 -7.00 -1.25 -11.58
N SER A 34 -7.56 -0.65 -10.53
CA SER A 34 -8.97 -0.84 -10.21
C SER A 34 -9.48 0.30 -9.32
N GLU A 35 -10.70 0.14 -8.81
CA GLU A 35 -11.30 1.14 -7.95
C GLU A 35 -11.27 0.71 -6.49
N SER A 36 -10.19 0.02 -6.11
CA SER A 36 -10.04 -0.47 -4.75
C SER A 36 -8.77 0.10 -4.11
N TYR A 37 -7.73 0.24 -4.91
CA TYR A 37 -6.45 0.77 -4.43
C TYR A 37 -6.43 2.29 -4.51
N THR A 38 -6.36 2.93 -3.35
CA THR A 38 -6.33 4.39 -3.27
C THR A 38 -4.90 4.90 -3.24
N GLY A 39 -3.99 4.16 -3.85
CA GLY A 39 -2.59 4.56 -3.88
C GLY A 39 -1.66 3.40 -4.17
N GLY A 40 -0.36 3.67 -4.19
CA GLY A 40 0.61 2.63 -4.45
C GLY A 40 2.04 3.16 -4.42
N PHE A 41 2.92 2.42 -3.76
CA PHE A 41 4.33 2.81 -3.65
C PHE A 41 5.24 1.72 -4.19
N CYS A 42 6.49 2.07 -4.45
CA CYS A 42 7.46 1.12 -4.97
C CYS A 42 8.53 0.81 -3.91
N ASN A 43 9.01 -0.42 -3.92
CA ASN A 43 10.04 -0.85 -2.97
C ASN A 43 11.03 -1.81 -3.61
N GLY A 44 12.30 -1.61 -3.34
CA GLY A 44 13.34 -2.46 -3.91
C GLY A 44 13.75 -3.57 -2.96
N ARG A 45 13.42 -4.81 -3.32
CA ARG A 45 13.76 -5.96 -2.50
C ARG A 45 14.17 -7.15 -3.37
N PRO A 46 14.93 -8.08 -2.78
CA PRO A 46 15.40 -9.28 -3.47
C PRO A 46 14.29 -10.25 -3.79
N PRO A 47 14.42 -10.97 -4.92
CA PRO A 47 15.59 -10.84 -5.80
C PRO A 47 15.61 -9.51 -6.53
N PHE A 48 14.49 -9.16 -7.15
CA PHE A 48 14.38 -7.91 -7.88
C PHE A 48 13.33 -6.99 -7.26
N LYS A 49 13.41 -5.71 -7.59
CA LYS A 49 12.46 -4.72 -7.06
C LYS A 49 11.02 -5.17 -7.33
N GLN A 50 10.10 -4.65 -6.52
CA GLN A 50 8.69 -4.99 -6.66
C GLN A 50 7.79 -3.77 -6.42
N CYS A 51 6.60 -3.79 -6.98
CA CYS A 51 5.65 -2.69 -6.82
C CYS A 51 4.62 -3.01 -5.74
N PHE A 52 4.32 -2.02 -4.91
CA PHE A 52 3.35 -2.18 -3.84
C PHE A 52 2.15 -1.25 -4.03
N CYS A 53 0.95 -1.75 -3.71
CA CYS A 53 -0.26 -0.96 -3.85
C CYS A 53 -0.84 -0.62 -2.48
N THR A 54 -1.42 0.57 -2.36
CA THR A 54 -2.02 1.01 -1.11
C THR A 54 -3.53 1.16 -1.25
N LYS A 55 -4.26 0.71 -0.23
CA LYS A 55 -5.71 0.79 -0.24
C LYS A 55 -6.25 0.97 1.18
N PRO A 56 -7.49 1.49 1.28
CA PRO A 56 -8.14 1.73 2.57
C PRO A 56 -8.52 0.44 3.28
N CYS A 57 -8.00 0.26 4.49
CA CYS A 57 -8.28 -0.94 5.28
C CYS A 57 -9.78 -1.16 5.41
N LYS A 58 -10.16 -2.25 6.06
CA LYS A 58 -11.56 -2.59 6.26
C LYS A 58 -11.95 -2.47 7.73
N ARG A 59 -13.18 -2.88 8.06
CA ARG A 59 -13.66 -2.82 9.43
C ARG A 59 -13.84 -1.37 9.89
N GLU A 60 -14.79 -1.16 10.79
CA GLU A 60 -15.06 0.19 11.31
C GLU A 60 -14.29 0.43 12.60
N ARG A 61 -14.53 1.59 13.22
CA ARG A 61 -13.86 1.94 14.46
C ARG A 61 -13.99 0.82 15.49
N ALA A 62 -12.86 0.26 15.90
CA ALA A 62 -12.84 -0.81 16.88
C ALA A 62 -11.51 -0.87 17.62
N ALA A 63 -10.80 0.26 17.63
CA ALA A 63 -9.51 0.34 18.30
C ALA A 63 -8.92 1.73 18.19
N ALA A 64 -7.74 1.92 18.76
CA ALA A 64 -7.05 3.21 18.73
C ALA A 64 -7.86 4.27 19.47
N THR A 65 -7.36 4.66 20.64
CA THR A 65 -8.03 5.67 21.46
C THR A 65 -7.03 6.64 22.07
N LEU A 66 -6.59 7.61 21.29
CA LEU A 66 -5.63 8.61 21.75
C LEU A 66 -5.57 9.80 20.80
N ARG A 67 -5.41 10.99 21.37
CA ARG A 67 -5.33 12.20 20.57
C ARG A 67 -3.92 12.78 20.58
N TRP A 68 -3.74 13.91 19.91
CA TRP A 68 -2.44 14.57 19.84
C TRP A 68 -2.48 15.95 20.51
N PRO A 69 -2.54 15.95 21.85
CA PRO A 69 -2.59 17.19 22.63
C PRO A 69 -1.26 17.96 22.58
N GLY A 70 -0.17 17.22 22.50
CA GLY A 70 1.14 17.85 22.45
C GLY A 70 1.35 18.84 23.58
N LEU A 71 2.24 19.81 23.35
CA LEU A 71 2.54 20.82 24.36
C LEU A 71 2.95 20.17 25.68
N HIS A 1 -2.42 -1.40 13.81
CA HIS A 1 -1.70 -0.13 13.85
C HIS A 1 -2.47 0.95 13.07
N THR A 2 -3.78 0.97 13.25
CA THR A 2 -4.63 1.95 12.57
C THR A 2 -6.08 1.82 13.03
N PRO A 3 -6.36 2.27 14.26
CA PRO A 3 -7.71 2.22 14.84
C PRO A 3 -8.66 3.19 14.15
N THR A 4 -8.10 4.13 13.39
CA THR A 4 -8.91 5.12 12.69
C THR A 4 -10.01 4.46 11.88
N PRO A 5 -11.06 5.24 11.54
CA PRO A 5 -12.20 4.74 10.76
C PRO A 5 -11.82 4.46 9.31
N THR A 6 -10.75 5.10 8.84
CA THR A 6 -10.29 4.92 7.48
C THR A 6 -8.86 4.40 7.45
N PRO A 7 -8.67 3.14 7.88
CA PRO A 7 -7.35 2.50 7.91
C PRO A 7 -6.82 2.19 6.52
N ILE A 8 -5.50 2.21 6.37
CA ILE A 8 -4.87 1.94 5.08
C ILE A 8 -4.30 0.53 5.05
N CYS A 9 -4.58 -0.20 3.97
CA CYS A 9 -4.09 -1.56 3.81
C CYS A 9 -3.21 -1.68 2.57
N LYS A 10 -2.42 -2.74 2.51
CA LYS A 10 -1.54 -2.98 1.37
C LYS A 10 -1.87 -4.30 0.69
N SER A 11 -1.86 -4.30 -0.64
CA SER A 11 -2.16 -5.49 -1.41
C SER A 11 -1.41 -5.49 -2.74
N ARG A 12 -1.06 -6.68 -3.22
CA ARG A 12 -0.34 -6.82 -4.49
C ARG A 12 -1.31 -7.01 -5.65
N SER A 13 -1.07 -6.29 -6.74
CA SER A 13 -1.92 -6.39 -7.92
C SER A 13 -1.54 -7.60 -8.77
N HIS A 14 -0.53 -8.35 -8.31
CA HIS A 14 -0.07 -9.53 -9.02
C HIS A 14 -0.02 -9.27 -10.53
N GLU A 15 0.38 -8.06 -10.90
CA GLU A 15 0.47 -7.68 -12.31
C GLU A 15 1.61 -6.70 -12.53
N TYR A 16 1.58 -5.60 -11.80
CA TYR A 16 2.63 -4.57 -11.92
C TYR A 16 3.74 -4.80 -10.90
N LYS A 17 4.12 -6.06 -10.71
CA LYS A 17 5.17 -6.41 -9.77
C LYS A 17 6.54 -6.22 -10.40
N GLY A 18 7.42 -5.52 -9.68
CA GLY A 18 8.76 -5.28 -10.18
C GLY A 18 8.77 -4.70 -11.58
N ARG A 19 8.43 -3.42 -11.69
CA ARG A 19 8.39 -2.74 -12.99
C ARG A 19 8.03 -1.27 -12.82
N CYS A 20 8.66 -0.61 -11.86
CA CYS A 20 8.41 0.80 -11.60
C CYS A 20 9.70 1.52 -11.19
N ILE A 21 10.38 0.98 -10.19
CA ILE A 21 11.63 1.56 -9.71
C ILE A 21 11.36 2.88 -8.99
N GLN A 22 10.08 3.22 -8.83
CA GLN A 22 9.71 4.46 -8.16
C GLN A 22 8.29 4.36 -7.61
N ASP A 23 8.10 4.85 -6.38
CA ASP A 23 6.79 4.81 -5.74
C ASP A 23 5.76 5.59 -6.56
N MET A 24 6.21 6.69 -7.16
CA MET A 24 5.33 7.51 -7.97
C MET A 24 4.65 6.70 -9.06
N ASP A 25 5.46 5.94 -9.81
CA ASP A 25 4.95 5.11 -10.89
C ASP A 25 4.10 3.96 -10.33
N CYS A 26 4.66 3.25 -9.37
CA CYS A 26 3.97 2.12 -8.75
C CYS A 26 2.61 2.55 -8.20
N ASN A 27 2.54 3.78 -7.69
CA ASN A 27 1.31 4.32 -7.14
C ASN A 27 0.24 4.43 -8.21
N ALA A 28 0.60 5.03 -9.35
CA ALA A 28 -0.34 5.20 -10.46
C ALA A 28 -0.73 3.85 -11.05
N ALA A 29 0.20 2.91 -11.03
CA ALA A 29 -0.05 1.57 -11.57
C ALA A 29 -1.23 0.91 -10.86
N CYS A 30 -1.25 1.03 -9.54
CA CYS A 30 -2.33 0.44 -8.74
C CYS A 30 -3.65 1.17 -8.97
N VAL A 31 -3.65 2.46 -8.69
CA VAL A 31 -4.84 3.28 -8.87
C VAL A 31 -5.38 3.17 -10.30
N LYS A 32 -4.50 2.78 -11.22
CA LYS A 32 -4.89 2.63 -12.63
C LYS A 32 -5.20 1.17 -12.94
N GLU A 33 -4.73 0.26 -12.10
CA GLU A 33 -4.97 -1.15 -12.29
C GLU A 33 -6.39 -1.54 -11.88
N SER A 34 -6.82 -1.02 -10.74
CA SER A 34 -8.16 -1.31 -10.24
C SER A 34 -8.89 -0.03 -9.89
N GLU A 35 -10.04 -0.16 -9.21
CA GLU A 35 -10.84 0.99 -8.82
C GLU A 35 -11.04 1.02 -7.30
N SER A 36 -10.25 0.23 -6.59
CA SER A 36 -10.35 0.17 -5.14
C SER A 36 -9.07 0.67 -4.49
N TYR A 37 -7.95 0.50 -5.18
CA TYR A 37 -6.65 0.94 -4.66
C TYR A 37 -6.45 2.43 -4.91
N THR A 38 -6.26 3.18 -3.84
CA THR A 38 -6.05 4.62 -3.94
C THR A 38 -4.62 5.00 -3.56
N GLY A 39 -3.69 4.09 -3.82
CA GLY A 39 -2.29 4.35 -3.49
C GLY A 39 -1.40 3.16 -3.79
N GLY A 40 -0.11 3.29 -3.48
CA GLY A 40 0.83 2.21 -3.72
C GLY A 40 2.27 2.67 -3.68
N PHE A 41 3.13 1.89 -3.06
CA PHE A 41 4.54 2.23 -2.95
C PHE A 41 5.41 1.17 -3.63
N CYS A 42 6.54 1.60 -4.16
CA CYS A 42 7.46 0.68 -4.84
C CYS A 42 8.80 0.62 -4.12
N ASN A 43 9.38 -0.57 -4.05
CA ASN A 43 10.67 -0.76 -3.39
C ASN A 43 11.52 -1.80 -4.12
N GLY A 44 12.80 -1.51 -4.27
CA GLY A 44 13.70 -2.43 -4.95
C GLY A 44 14.43 -3.34 -3.99
N ARG A 45 14.10 -4.63 -4.04
CA ARG A 45 14.73 -5.61 -3.16
C ARG A 45 14.95 -6.93 -3.89
N PRO A 46 15.87 -7.76 -3.36
CA PRO A 46 16.19 -9.06 -3.94
C PRO A 46 15.04 -10.06 -3.80
N PRO A 47 14.92 -10.97 -4.78
CA PRO A 47 15.81 -11.01 -5.94
C PRO A 47 15.61 -9.81 -6.87
N PHE A 48 14.35 -9.56 -7.23
CA PHE A 48 14.02 -8.45 -8.12
C PHE A 48 13.12 -7.44 -7.41
N LYS A 49 13.06 -6.23 -7.96
CA LYS A 49 12.23 -5.17 -7.38
C LYS A 49 10.78 -5.65 -7.22
N GLN A 50 10.06 -5.02 -6.30
CA GLN A 50 8.67 -5.36 -6.05
C GLN A 50 7.82 -4.12 -5.86
N CYS A 51 6.56 -4.20 -6.28
CA CYS A 51 5.64 -3.07 -6.16
C CYS A 51 4.44 -3.44 -5.29
N PHE A 52 4.08 -2.56 -4.37
CA PHE A 52 2.95 -2.79 -3.49
C PHE A 52 1.89 -1.70 -3.64
N CYS A 53 0.62 -2.12 -3.62
CA CYS A 53 -0.49 -1.18 -3.76
C CYS A 53 -1.17 -0.93 -2.42
N THR A 54 -1.79 0.24 -2.28
CA THR A 54 -2.48 0.59 -1.05
C THR A 54 -3.93 1.01 -1.34
N LYS A 55 -4.82 0.65 -0.42
CA LYS A 55 -6.24 0.98 -0.57
C LYS A 55 -6.86 1.32 0.79
N PRO A 56 -8.00 2.03 0.75
CA PRO A 56 -8.71 2.43 1.96
C PRO A 56 -9.36 1.24 2.68
N CYS A 57 -8.56 0.52 3.45
CA CYS A 57 -9.05 -0.64 4.19
C CYS A 57 -10.29 -0.28 5.00
N LYS A 58 -10.95 -1.29 5.53
CA LYS A 58 -12.15 -1.09 6.34
C LYS A 58 -11.98 -1.70 7.73
N ARG A 59 -13.05 -1.66 8.52
CA ARG A 59 -13.03 -2.22 9.86
C ARG A 59 -12.00 -1.48 10.73
N GLU A 60 -11.86 -1.92 11.98
CA GLU A 60 -10.92 -1.30 12.91
C GLU A 60 -9.72 -2.21 13.15
N ARG A 61 -8.63 -1.63 13.64
CA ARG A 61 -7.42 -2.38 13.92
C ARG A 61 -6.46 -1.58 14.79
N ALA A 62 -6.65 -1.64 16.09
CA ALA A 62 -5.80 -0.91 17.03
C ALA A 62 -4.64 -1.79 17.51
N ALA A 63 -3.44 -1.24 17.45
CA ALA A 63 -2.25 -1.96 17.88
C ALA A 63 -1.01 -1.08 17.80
N ALA A 64 0.15 -1.65 18.13
CA ALA A 64 1.40 -0.92 18.10
C ALA A 64 1.45 0.14 19.18
N THR A 65 0.76 1.25 18.95
CA THR A 65 0.72 2.35 19.91
C THR A 65 -0.19 3.48 19.42
N LEU A 66 -0.33 4.51 20.24
CA LEU A 66 -1.17 5.66 19.89
C LEU A 66 -1.01 6.78 20.91
N ARG A 67 -0.23 7.79 20.55
CA ARG A 67 0.01 8.92 21.44
C ARG A 67 -0.03 10.24 20.66
N TRP A 68 1.02 10.49 19.89
CA TRP A 68 1.11 11.72 19.10
C TRP A 68 2.13 11.55 17.96
N PRO A 69 1.75 10.77 16.94
CA PRO A 69 2.61 10.52 15.78
C PRO A 69 2.77 11.75 14.90
N GLY A 70 4.01 12.23 14.78
CA GLY A 70 4.27 13.40 13.97
C GLY A 70 5.74 13.79 13.97
N LEU A 71 6.15 14.56 14.97
CA LEU A 71 7.53 15.00 15.08
C LEU A 71 7.88 15.37 16.52
N HIS A 1 -6.82 4.84 18.52
CA HIS A 1 -8.23 5.21 18.42
C HIS A 1 -8.55 5.73 17.02
N THR A 2 -7.77 5.29 16.04
CA THR A 2 -7.98 5.71 14.65
C THR A 2 -7.89 7.23 14.52
N PRO A 3 -6.68 7.77 14.70
CA PRO A 3 -6.43 9.21 14.61
C PRO A 3 -6.55 9.73 13.18
N THR A 4 -5.90 9.02 12.25
CA THR A 4 -5.94 9.41 10.85
C THR A 4 -7.36 9.61 10.36
N PRO A 5 -7.51 10.37 9.26
CA PRO A 5 -8.81 10.66 8.67
C PRO A 5 -9.46 9.43 8.04
N THR A 6 -8.64 8.42 7.74
CA THR A 6 -9.13 7.19 7.13
C THR A 6 -8.10 6.08 7.26
N PRO A 7 -8.60 4.83 7.39
CA PRO A 7 -7.73 3.65 7.52
C PRO A 7 -7.00 3.33 6.23
N ILE A 8 -5.67 3.31 6.29
CA ILE A 8 -4.84 3.01 5.12
C ILE A 8 -4.25 1.61 5.21
N CYS A 9 -4.42 0.84 4.15
CA CYS A 9 -3.89 -0.52 4.10
C CYS A 9 -3.09 -0.75 2.83
N LYS A 10 -2.29 -1.81 2.82
CA LYS A 10 -1.47 -2.15 1.67
C LYS A 10 -1.83 -3.53 1.13
N SER A 11 -1.53 -3.76 -0.15
CA SER A 11 -1.83 -5.04 -0.79
C SER A 11 -0.81 -5.34 -1.89
N ARG A 12 -0.49 -6.62 -2.06
CA ARG A 12 0.45 -7.05 -3.07
C ARG A 12 -0.26 -7.53 -4.32
N SER A 13 0.01 -6.86 -5.44
CA SER A 13 -0.61 -7.21 -6.72
C SER A 13 0.32 -8.08 -7.56
N HIS A 14 -0.22 -8.64 -8.63
CA HIS A 14 0.57 -9.49 -9.52
C HIS A 14 0.52 -8.96 -10.96
N GLU A 15 -0.27 -7.92 -11.17
CA GLU A 15 -0.41 -7.32 -12.49
C GLU A 15 0.79 -6.42 -12.80
N TYR A 16 1.19 -5.62 -11.83
CA TYR A 16 2.31 -4.71 -11.99
C TYR A 16 3.53 -5.19 -11.20
N LYS A 17 3.79 -6.49 -11.26
CA LYS A 17 4.91 -7.08 -10.54
C LYS A 17 6.08 -7.36 -11.51
N GLY A 18 7.19 -6.67 -11.28
CA GLY A 18 8.36 -6.86 -12.13
C GLY A 18 9.00 -5.54 -12.53
N ARG A 19 8.42 -4.90 -13.54
CA ARG A 19 8.95 -3.63 -14.03
C ARG A 19 8.54 -2.48 -13.11
N CYS A 20 8.95 -2.57 -11.85
CA CYS A 20 8.62 -1.55 -10.86
C CYS A 20 9.90 -0.98 -10.24
N ILE A 21 10.11 0.32 -10.43
CA ILE A 21 11.28 0.99 -9.88
C ILE A 21 10.93 2.39 -9.37
N GLN A 22 10.11 3.10 -10.11
CA GLN A 22 9.69 4.45 -9.73
C GLN A 22 8.48 4.40 -8.80
N ASP A 23 8.61 5.02 -7.64
CA ASP A 23 7.52 5.05 -6.67
C ASP A 23 6.27 5.67 -7.27
N MET A 24 6.44 6.79 -7.96
CA MET A 24 5.30 7.48 -8.59
C MET A 24 4.58 6.55 -9.57
N ASP A 25 5.34 5.87 -10.42
CA ASP A 25 4.77 4.96 -11.40
C ASP A 25 3.97 3.86 -10.71
N CYS A 26 4.59 3.23 -9.71
CA CYS A 26 3.94 2.15 -8.97
C CYS A 26 2.60 2.62 -8.40
N ASN A 27 2.58 3.86 -7.92
CA ASN A 27 1.36 4.44 -7.34
C ASN A 27 0.24 4.47 -8.36
N ALA A 28 0.54 4.99 -9.55
CA ALA A 28 -0.46 5.07 -10.62
C ALA A 28 -0.90 3.69 -11.07
N ALA A 29 0.03 2.73 -11.01
CA ALA A 29 -0.27 1.36 -11.43
C ALA A 29 -1.40 0.77 -10.60
N CYS A 30 -1.34 0.99 -9.28
CA CYS A 30 -2.36 0.49 -8.37
C CYS A 30 -3.69 1.20 -8.59
N VAL A 31 -3.67 2.52 -8.48
CA VAL A 31 -4.88 3.33 -8.67
C VAL A 31 -5.48 3.10 -10.05
N LYS A 32 -4.67 2.57 -10.96
CA LYS A 32 -5.13 2.29 -12.32
C LYS A 32 -5.40 0.81 -12.52
N GLU A 33 -4.96 0.00 -11.55
CA GLU A 33 -5.16 -1.44 -11.62
C GLU A 33 -6.64 -1.79 -11.77
N SER A 34 -7.47 -1.11 -10.98
CA SER A 34 -8.90 -1.35 -11.01
C SER A 34 -9.66 -0.25 -10.26
N GLU A 35 -9.11 0.96 -10.30
CA GLU A 35 -9.73 2.09 -9.62
C GLU A 35 -10.25 1.69 -8.25
N SER A 36 -9.50 0.84 -7.56
CA SER A 36 -9.88 0.37 -6.23
C SER A 36 -8.87 0.83 -5.18
N TYR A 37 -7.60 0.84 -5.55
CA TYR A 37 -6.54 1.26 -4.64
C TYR A 37 -6.47 2.77 -4.54
N THR A 38 -5.98 3.27 -3.42
CA THR A 38 -5.86 4.71 -3.20
C THR A 38 -4.40 5.11 -2.99
N GLY A 39 -3.49 4.33 -3.57
CA GLY A 39 -2.08 4.63 -3.43
C GLY A 39 -1.20 3.43 -3.75
N GLY A 40 0.10 3.58 -3.56
CA GLY A 40 1.03 2.51 -3.85
C GLY A 40 2.47 2.97 -3.88
N PHE A 41 3.36 2.19 -3.27
CA PHE A 41 4.78 2.53 -3.24
C PHE A 41 5.63 1.37 -3.76
N CYS A 42 6.79 1.69 -4.31
CA CYS A 42 7.69 0.68 -4.85
C CYS A 42 8.95 0.57 -3.98
N ASN A 43 9.45 -0.65 -3.85
CA ASN A 43 10.65 -0.90 -3.05
C ASN A 43 11.51 -1.99 -3.68
N GLY A 44 12.82 -1.78 -3.71
CA GLY A 44 13.72 -2.77 -4.28
C GLY A 44 14.32 -3.67 -3.23
N ARG A 45 13.94 -4.95 -3.26
CA ARG A 45 14.45 -5.93 -2.30
C ARG A 45 14.69 -7.28 -2.97
N PRO A 46 15.50 -8.13 -2.33
CA PRO A 46 15.83 -9.46 -2.85
C PRO A 46 14.63 -10.40 -2.79
N PRO A 47 14.56 -11.33 -3.77
CA PRO A 47 15.57 -11.43 -4.82
C PRO A 47 15.51 -10.27 -5.80
N PHE A 48 14.31 -9.96 -6.28
CA PHE A 48 14.13 -8.86 -7.22
C PHE A 48 13.18 -7.81 -6.65
N LYS A 49 13.24 -6.61 -7.22
CA LYS A 49 12.39 -5.51 -6.76
C LYS A 49 10.92 -5.93 -6.74
N GLN A 50 10.13 -5.24 -5.91
CA GLN A 50 8.71 -5.53 -5.80
C GLN A 50 7.90 -4.25 -5.66
N CYS A 51 6.65 -4.30 -6.12
CA CYS A 51 5.76 -3.14 -6.05
C CYS A 51 4.64 -3.37 -5.05
N PHE A 52 4.34 -2.35 -4.26
CA PHE A 52 3.29 -2.44 -3.25
C PHE A 52 2.20 -1.41 -3.51
N CYS A 53 0.96 -1.78 -3.26
CA CYS A 53 -0.17 -0.88 -3.47
C CYS A 53 -0.88 -0.59 -2.15
N THR A 54 -1.57 0.55 -2.10
CA THR A 54 -2.29 0.95 -0.88
C THR A 54 -3.75 1.24 -1.19
N LYS A 55 -4.64 0.80 -0.31
CA LYS A 55 -6.08 1.01 -0.49
C LYS A 55 -6.77 1.15 0.86
N PRO A 56 -7.94 1.80 0.86
CA PRO A 56 -8.73 2.00 2.08
C PRO A 56 -9.33 0.71 2.62
N CYS A 57 -8.90 0.31 3.80
CA CYS A 57 -9.39 -0.91 4.43
C CYS A 57 -10.39 -0.59 5.53
N LYS A 58 -10.82 -1.62 6.26
CA LYS A 58 -11.77 -1.45 7.34
C LYS A 58 -11.20 -1.96 8.66
N ARG A 59 -11.53 -1.29 9.76
CA ARG A 59 -11.05 -1.68 11.07
C ARG A 59 -9.53 -1.59 11.15
N GLU A 60 -8.98 -1.84 12.33
CA GLU A 60 -7.53 -1.78 12.52
C GLU A 60 -7.00 -0.38 12.26
N ARG A 61 -6.67 0.34 13.34
CA ARG A 61 -6.15 1.70 13.22
C ARG A 61 -4.64 1.69 13.04
N ALA A 62 -4.04 2.87 13.06
CA ALA A 62 -2.60 2.99 12.89
C ALA A 62 -2.16 2.51 11.52
N ALA A 63 -1.79 3.44 10.64
CA ALA A 63 -1.35 3.11 9.30
C ALA A 63 -0.09 3.88 8.93
N ALA A 64 -0.22 5.19 8.77
CA ALA A 64 0.90 6.04 8.42
C ALA A 64 1.44 6.78 9.65
N THR A 65 0.71 7.79 10.09
CA THR A 65 1.11 8.57 11.25
C THR A 65 2.40 9.33 10.98
N LEU A 66 2.30 10.64 10.83
CA LEU A 66 3.47 11.48 10.57
C LEU A 66 4.11 11.11 9.23
N ARG A 67 4.95 12.00 8.72
CA ARG A 67 5.63 11.78 7.44
C ARG A 67 7.14 11.85 7.62
N TRP A 68 7.86 11.81 6.51
CA TRP A 68 9.32 11.87 6.55
C TRP A 68 9.85 12.89 5.54
N PRO A 69 9.67 14.18 5.87
CA PRO A 69 10.13 15.28 5.02
C PRO A 69 11.65 15.40 4.97
N GLY A 70 12.15 16.14 3.99
CA GLY A 70 13.58 16.32 3.86
C GLY A 70 13.95 17.25 2.71
N LEU A 71 15.23 17.25 2.34
CA LEU A 71 15.70 18.11 1.26
C LEU A 71 15.30 17.56 -0.10
N HIS A 1 -6.55 -2.51 17.54
CA HIS A 1 -6.34 -1.43 18.52
C HIS A 1 -6.50 -0.07 17.87
N THR A 2 -7.46 0.71 18.38
CA THR A 2 -7.72 2.04 17.85
C THR A 2 -7.91 2.00 16.34
N PRO A 3 -9.06 1.49 15.90
CA PRO A 3 -9.39 1.38 14.47
C PRO A 3 -9.65 2.74 13.84
N THR A 4 -8.65 3.27 13.16
CA THR A 4 -8.77 4.57 12.51
C THR A 4 -10.00 4.64 11.62
N PRO A 5 -10.46 5.85 11.31
CA PRO A 5 -11.64 6.07 10.47
C PRO A 5 -11.39 5.70 9.02
N THR A 6 -10.12 5.69 8.62
CA THR A 6 -9.75 5.35 7.25
C THR A 6 -8.28 4.94 7.17
N PRO A 7 -7.97 3.76 7.71
CA PRO A 7 -6.60 3.22 7.71
C PRO A 7 -6.14 2.81 6.32
N ILE A 8 -4.83 2.85 6.10
CA ILE A 8 -4.26 2.48 4.82
C ILE A 8 -3.60 1.10 4.88
N CYS A 9 -3.92 0.26 3.89
CA CYS A 9 -3.36 -1.08 3.83
C CYS A 9 -2.57 -1.29 2.54
N LYS A 10 -1.71 -2.29 2.54
CA LYS A 10 -0.90 -2.61 1.36
C LYS A 10 -1.19 -4.01 0.85
N SER A 11 -1.29 -4.16 -0.47
CA SER A 11 -1.56 -5.45 -1.08
C SER A 11 -0.92 -5.54 -2.47
N ARG A 12 -0.51 -6.74 -2.84
CA ARG A 12 0.11 -6.97 -4.14
C ARG A 12 -0.94 -7.17 -5.23
N SER A 13 -0.66 -6.68 -6.42
CA SER A 13 -1.59 -6.81 -7.53
C SER A 13 -0.84 -7.15 -8.82
N HIS A 14 -1.39 -8.10 -9.57
CA HIS A 14 -0.78 -8.53 -10.83
C HIS A 14 -0.45 -7.32 -11.71
N GLU A 15 0.29 -7.57 -12.79
CA GLU A 15 0.68 -6.50 -13.71
C GLU A 15 1.80 -5.65 -13.11
N TYR A 16 1.51 -5.04 -11.96
CA TYR A 16 2.49 -4.19 -11.30
C TYR A 16 2.72 -4.65 -9.86
N LYS A 17 3.57 -5.67 -9.70
CA LYS A 17 3.88 -6.21 -8.39
C LYS A 17 5.29 -6.80 -8.35
N GLY A 18 6.22 -6.13 -9.04
CA GLY A 18 7.59 -6.61 -9.08
C GLY A 18 8.28 -6.26 -10.38
N ARG A 19 8.59 -4.99 -10.57
CA ARG A 19 9.26 -4.53 -11.78
C ARG A 19 9.47 -3.03 -11.76
N CYS A 20 8.48 -2.31 -11.24
CA CYS A 20 8.56 -0.85 -11.15
C CYS A 20 9.75 -0.42 -10.32
N ILE A 21 9.93 0.90 -10.16
CA ILE A 21 11.03 1.44 -9.39
C ILE A 21 10.59 2.64 -8.55
N GLN A 22 10.06 3.65 -9.23
CA GLN A 22 9.59 4.86 -8.54
C GLN A 22 8.17 4.67 -8.04
N ASP A 23 7.91 5.14 -6.82
CA ASP A 23 6.58 5.03 -6.23
C ASP A 23 5.54 5.77 -7.07
N MET A 24 5.97 6.87 -7.69
CA MET A 24 5.08 7.67 -8.52
C MET A 24 4.39 6.79 -9.57
N ASP A 25 5.18 6.05 -10.34
CA ASP A 25 4.64 5.17 -11.36
C ASP A 25 3.87 4.01 -10.75
N CYS A 26 4.50 3.35 -9.78
CA CYS A 26 3.88 2.21 -9.10
C CYS A 26 2.53 2.61 -8.50
N ASN A 27 2.41 3.88 -8.14
CA ASN A 27 1.18 4.38 -7.55
C ASN A 27 0.05 4.42 -8.57
N ALA A 28 0.32 5.06 -9.72
CA ALA A 28 -0.67 5.17 -10.79
C ALA A 28 -1.04 3.80 -11.33
N ALA A 29 -0.07 2.87 -11.31
CA ALA A 29 -0.30 1.52 -11.80
C ALA A 29 -1.42 0.83 -11.02
N CYS A 30 -1.37 0.95 -9.71
CA CYS A 30 -2.38 0.34 -8.85
C CYS A 30 -3.74 1.01 -9.03
N VAL A 31 -3.78 2.32 -8.80
CA VAL A 31 -5.01 3.09 -8.94
C VAL A 31 -5.62 2.89 -10.33
N LYS A 32 -4.77 2.55 -11.30
CA LYS A 32 -5.21 2.33 -12.66
C LYS A 32 -5.53 0.86 -12.92
N GLU A 33 -4.98 -0.01 -12.07
CA GLU A 33 -5.21 -1.43 -12.20
C GLU A 33 -6.64 -1.80 -11.86
N SER A 34 -7.16 -1.22 -10.78
CA SER A 34 -8.53 -1.48 -10.34
C SER A 34 -9.17 -0.21 -9.79
N GLU A 35 -10.33 -0.38 -9.17
CA GLU A 35 -11.05 0.75 -8.59
C GLU A 35 -11.18 0.60 -7.08
N SER A 36 -10.16 0.02 -6.46
CA SER A 36 -10.14 -0.19 -5.02
C SER A 36 -8.89 0.41 -4.40
N TYR A 37 -7.78 0.32 -5.11
CA TYR A 37 -6.52 0.84 -4.63
C TYR A 37 -6.40 2.34 -4.93
N THR A 38 -6.11 3.12 -3.89
CA THR A 38 -5.97 4.57 -4.03
C THR A 38 -4.53 5.01 -3.81
N GLY A 39 -3.60 4.13 -4.13
CA GLY A 39 -2.19 4.44 -3.96
C GLY A 39 -1.29 3.23 -4.13
N GLY A 40 -0.02 3.40 -3.81
CA GLY A 40 0.93 2.29 -3.94
C GLY A 40 2.36 2.74 -3.75
N PHE A 41 3.18 1.87 -3.17
CA PHE A 41 4.58 2.18 -2.93
C PHE A 41 5.49 1.20 -3.67
N CYS A 42 6.66 1.68 -4.07
CA CYS A 42 7.62 0.86 -4.80
C CYS A 42 8.95 0.77 -4.05
N ASN A 43 9.54 -0.42 -4.02
CA ASN A 43 10.80 -0.63 -3.34
C ASN A 43 11.66 -1.65 -4.09
N GLY A 44 12.89 -1.25 -4.40
CA GLY A 44 13.80 -2.14 -5.11
C GLY A 44 14.71 -2.90 -4.18
N ARG A 45 14.49 -4.20 -4.07
CA ARG A 45 15.31 -5.05 -3.20
C ARG A 45 15.54 -6.41 -3.83
N PRO A 46 16.56 -7.14 -3.33
CA PRO A 46 16.90 -8.47 -3.83
C PRO A 46 15.85 -9.51 -3.45
N PRO A 47 15.70 -10.53 -4.31
CA PRO A 47 16.47 -10.66 -5.55
C PRO A 47 16.10 -9.59 -6.58
N PHE A 48 14.79 -9.41 -6.79
CA PHE A 48 14.29 -8.44 -7.74
C PHE A 48 13.39 -7.41 -7.06
N LYS A 49 13.23 -6.26 -7.69
CA LYS A 49 12.39 -5.20 -7.14
C LYS A 49 10.99 -5.70 -6.86
N GLN A 50 10.28 -5.01 -5.98
CA GLN A 50 8.91 -5.38 -5.61
C GLN A 50 8.00 -4.16 -5.58
N CYS A 51 6.79 -4.32 -6.13
CA CYS A 51 5.83 -3.22 -6.16
C CYS A 51 4.60 -3.56 -5.32
N PHE A 52 4.24 -2.64 -4.43
CA PHE A 52 3.08 -2.84 -3.56
C PHE A 52 2.04 -1.74 -3.78
N CYS A 53 0.77 -2.12 -3.72
CA CYS A 53 -0.33 -1.18 -3.90
C CYS A 53 -0.99 -0.84 -2.58
N THR A 54 -1.43 0.41 -2.44
CA THR A 54 -2.09 0.85 -1.21
C THR A 54 -3.56 1.16 -1.47
N LYS A 55 -4.40 0.83 -0.50
CA LYS A 55 -5.83 1.08 -0.61
C LYS A 55 -6.42 1.49 0.74
N PRO A 56 -7.61 2.13 0.69
CA PRO A 56 -8.30 2.58 1.90
C PRO A 56 -8.84 1.43 2.73
N CYS A 57 -7.97 0.81 3.52
CA CYS A 57 -8.36 -0.31 4.37
C CYS A 57 -9.59 0.05 5.21
N LYS A 58 -10.16 -0.96 5.87
CA LYS A 58 -11.33 -0.75 6.71
C LYS A 58 -11.19 -1.49 8.04
N ARG A 59 -11.15 -0.73 9.13
CA ARG A 59 -11.01 -1.32 10.46
C ARG A 59 -9.69 -2.09 10.59
N GLU A 60 -9.42 -2.57 11.79
CA GLU A 60 -8.19 -3.31 12.04
C GLU A 60 -6.96 -2.43 11.83
N ARG A 61 -6.35 -2.00 12.92
CA ARG A 61 -5.17 -1.14 12.86
C ARG A 61 -4.11 -1.62 13.84
N ALA A 62 -2.85 -1.55 13.41
CA ALA A 62 -1.73 -1.98 14.25
C ALA A 62 -0.40 -1.53 13.66
N ALA A 63 0.25 -0.58 14.35
CA ALA A 63 1.53 -0.06 13.90
C ALA A 63 2.11 0.91 14.91
N ALA A 64 2.25 0.46 16.16
CA ALA A 64 2.79 1.30 17.23
C ALA A 64 3.65 0.48 18.18
N THR A 65 4.68 -0.17 17.63
CA THR A 65 5.58 -0.98 18.43
C THR A 65 6.97 -0.36 18.50
N LEU A 66 7.30 0.44 17.50
CA LEU A 66 8.60 1.10 17.45
C LEU A 66 8.88 1.85 18.74
N ARG A 67 7.93 2.68 19.16
CA ARG A 67 8.06 3.46 20.38
C ARG A 67 8.22 2.54 21.59
N TRP A 68 7.11 1.94 22.00
CA TRP A 68 7.11 1.03 23.15
C TRP A 68 6.10 -0.09 22.97
N PRO A 69 6.32 -1.21 23.67
CA PRO A 69 5.43 -2.38 23.60
C PRO A 69 4.08 -2.12 24.25
N GLY A 70 3.21 -3.12 24.20
CA GLY A 70 1.88 -2.97 24.78
C GLY A 70 1.88 -3.21 26.28
N LEU A 71 2.11 -2.14 27.05
CA LEU A 71 2.14 -2.25 28.51
C LEU A 71 0.96 -1.51 29.12
N HIS A 1 -12.96 -1.38 16.70
CA HIS A 1 -13.98 -0.33 16.76
C HIS A 1 -13.35 1.04 16.51
N THR A 2 -13.53 1.55 15.30
CA THR A 2 -12.99 2.85 14.93
C THR A 2 -11.48 2.90 15.15
N PRO A 3 -10.73 2.18 14.30
CA PRO A 3 -9.27 2.12 14.39
C PRO A 3 -8.62 3.44 13.99
N THR A 4 -9.23 4.14 13.04
CA THR A 4 -8.71 5.42 12.57
C THR A 4 -9.63 6.04 11.53
N PRO A 5 -9.51 7.37 11.35
CA PRO A 5 -10.32 8.11 10.39
C PRO A 5 -9.96 7.78 8.94
N THR A 6 -8.71 7.36 8.72
CA THR A 6 -8.25 7.02 7.39
C THR A 6 -7.12 5.99 7.45
N PRO A 7 -7.48 4.73 7.79
CA PRO A 7 -6.52 3.63 7.88
C PRO A 7 -5.96 3.22 6.53
N ILE A 8 -4.65 3.23 6.41
CA ILE A 8 -4.00 2.85 5.15
C ILE A 8 -3.50 1.41 5.21
N CYS A 9 -3.80 0.65 4.16
CA CYS A 9 -3.38 -0.75 4.10
C CYS A 9 -2.50 -0.99 2.87
N LYS A 10 -1.72 -2.06 2.91
CA LYS A 10 -0.83 -2.41 1.81
C LYS A 10 -1.19 -3.77 1.23
N SER A 11 -1.22 -3.86 -0.10
CA SER A 11 -1.56 -5.10 -0.78
C SER A 11 -0.87 -5.18 -2.14
N ARG A 12 -0.55 -6.40 -2.55
CA ARG A 12 0.12 -6.62 -3.84
C ARG A 12 -0.91 -6.77 -4.96
N SER A 13 -0.57 -6.25 -6.14
CA SER A 13 -1.46 -6.33 -7.29
C SER A 13 -0.72 -6.83 -8.52
N HIS A 14 -1.18 -7.96 -9.07
CA HIS A 14 -0.56 -8.55 -10.25
C HIS A 14 -0.39 -7.51 -11.35
N GLU A 15 0.30 -7.89 -12.42
CA GLU A 15 0.53 -6.99 -13.54
C GLU A 15 1.62 -5.97 -13.20
N TYR A 16 1.38 -5.20 -12.14
CA TYR A 16 2.33 -4.18 -11.71
C TYR A 16 2.71 -4.38 -10.25
N LYS A 17 3.80 -5.12 -10.03
CA LYS A 17 4.28 -5.39 -8.68
C LYS A 17 5.67 -6.03 -8.71
N GLY A 18 6.50 -5.55 -9.63
CA GLY A 18 7.84 -6.09 -9.75
C GLY A 18 8.65 -5.39 -10.82
N ARG A 19 8.37 -4.11 -11.04
CA ARG A 19 9.08 -3.33 -12.06
C ARG A 19 8.57 -1.90 -12.09
N CYS A 20 9.41 -0.97 -11.67
CA CYS A 20 9.06 0.45 -11.64
C CYS A 20 10.23 1.29 -11.16
N ILE A 21 10.78 0.93 -10.00
CA ILE A 21 11.90 1.66 -9.43
C ILE A 21 11.48 3.06 -8.98
N GLN A 22 10.18 3.33 -9.05
CA GLN A 22 9.64 4.63 -8.65
C GLN A 22 8.25 4.48 -8.05
N ASP A 23 8.09 4.97 -6.82
CA ASP A 23 6.81 4.89 -6.14
C ASP A 23 5.72 5.60 -6.94
N MET A 24 6.07 6.71 -7.57
CA MET A 24 5.13 7.48 -8.36
C MET A 24 4.47 6.60 -9.42
N ASP A 25 5.29 5.86 -10.15
CA ASP A 25 4.79 4.97 -11.20
C ASP A 25 3.92 3.86 -10.61
N CYS A 26 4.46 3.18 -9.59
CA CYS A 26 3.74 2.10 -8.93
C CYS A 26 2.38 2.58 -8.43
N ASN A 27 2.35 3.79 -7.89
CA ASN A 27 1.13 4.36 -7.36
C ASN A 27 0.03 4.38 -8.42
N ALA A 28 0.37 4.91 -9.59
CA ALA A 28 -0.59 4.99 -10.70
C ALA A 28 -0.99 3.60 -11.17
N ALA A 29 -0.05 2.65 -11.09
CA ALA A 29 -0.32 1.29 -11.52
C ALA A 29 -1.45 0.67 -10.70
N CYS A 30 -1.44 0.91 -9.40
CA CYS A 30 -2.47 0.38 -8.52
C CYS A 30 -3.81 1.07 -8.76
N VAL A 31 -3.83 2.38 -8.62
CA VAL A 31 -5.04 3.16 -8.83
C VAL A 31 -5.62 2.90 -10.22
N LYS A 32 -4.78 2.45 -11.13
CA LYS A 32 -5.20 2.17 -12.50
C LYS A 32 -5.52 0.68 -12.67
N GLU A 33 -5.01 -0.14 -11.75
CA GLU A 33 -5.24 -1.58 -11.80
C GLU A 33 -6.67 -1.92 -11.38
N SER A 34 -7.13 -1.29 -10.31
CA SER A 34 -8.47 -1.52 -9.79
C SER A 34 -9.17 -0.20 -9.45
N GLU A 35 -10.31 -0.30 -8.78
CA GLU A 35 -11.06 0.88 -8.39
C GLU A 35 -11.20 0.97 -6.87
N SER A 36 -10.31 0.29 -6.17
CA SER A 36 -10.33 0.28 -4.71
C SER A 36 -9.02 0.82 -4.15
N TYR A 37 -7.93 0.59 -4.87
CA TYR A 37 -6.61 1.05 -4.45
C TYR A 37 -6.42 2.52 -4.77
N THR A 38 -6.16 3.31 -3.73
CA THR A 38 -5.95 4.75 -3.91
C THR A 38 -4.54 5.15 -3.55
N GLY A 39 -3.59 4.23 -3.76
CA GLY A 39 -2.20 4.50 -3.46
C GLY A 39 -1.28 3.34 -3.83
N GLY A 40 0.02 3.56 -3.71
CA GLY A 40 0.98 2.53 -4.03
C GLY A 40 2.39 3.06 -4.17
N PHE A 41 3.35 2.29 -3.68
CA PHE A 41 4.76 2.70 -3.76
C PHE A 41 5.62 1.56 -4.27
N CYS A 42 6.87 1.88 -4.63
CA CYS A 42 7.80 0.88 -5.14
C CYS A 42 9.08 0.85 -4.31
N ASN A 43 9.60 -0.35 -4.06
CA ASN A 43 10.81 -0.52 -3.27
C ASN A 43 11.70 -1.60 -3.87
N GLY A 44 13.00 -1.32 -3.92
CA GLY A 44 13.94 -2.28 -4.47
C GLY A 44 14.58 -3.15 -3.41
N ARG A 45 14.21 -4.43 -3.41
CA ARG A 45 14.75 -5.37 -2.42
C ARG A 45 15.00 -6.74 -3.06
N PRO A 46 15.81 -7.57 -2.39
CA PRO A 46 16.14 -8.91 -2.88
C PRO A 46 14.95 -9.86 -2.80
N PRO A 47 14.85 -10.78 -3.77
CA PRO A 47 15.83 -10.87 -4.86
C PRO A 47 15.75 -9.69 -5.83
N PHE A 48 14.54 -9.39 -6.28
CA PHE A 48 14.32 -8.29 -7.20
C PHE A 48 13.35 -7.27 -6.63
N LYS A 49 13.38 -6.05 -7.16
CA LYS A 49 12.50 -4.99 -6.70
C LYS A 49 11.03 -5.42 -6.77
N GLN A 50 10.19 -4.77 -5.98
CA GLN A 50 8.77 -5.09 -5.95
C GLN A 50 7.94 -3.84 -5.71
N CYS A 51 6.84 -3.70 -6.44
CA CYS A 51 5.96 -2.54 -6.30
C CYS A 51 4.73 -2.90 -5.47
N PHE A 52 4.60 -2.26 -4.31
CA PHE A 52 3.46 -2.50 -3.42
C PHE A 52 2.38 -1.45 -3.61
N CYS A 53 1.13 -1.86 -3.45
CA CYS A 53 -0.01 -0.96 -3.61
C CYS A 53 -0.66 -0.67 -2.25
N THR A 54 -1.30 0.49 -2.16
CA THR A 54 -1.97 0.89 -0.93
C THR A 54 -3.44 1.23 -1.18
N LYS A 55 -4.30 0.84 -0.24
CA LYS A 55 -5.73 1.11 -0.36
C LYS A 55 -6.34 1.41 1.01
N PRO A 56 -7.49 2.10 1.00
CA PRO A 56 -8.20 2.46 2.22
C PRO A 56 -8.82 1.25 2.92
N CYS A 57 -8.25 0.89 4.07
CA CYS A 57 -8.75 -0.25 4.83
C CYS A 57 -10.26 -0.15 5.04
N LYS A 58 -10.87 -1.27 5.42
CA LYS A 58 -12.31 -1.32 5.65
C LYS A 58 -12.69 -2.54 6.47
N ARG A 59 -13.35 -2.30 7.61
CA ARG A 59 -13.77 -3.39 8.49
C ARG A 59 -12.55 -4.18 8.99
N GLU A 60 -12.82 -5.15 9.87
CA GLU A 60 -11.76 -5.98 10.41
C GLU A 60 -10.73 -5.12 11.18
N ARG A 61 -11.19 -3.97 11.67
CA ARG A 61 -10.32 -3.07 12.40
C ARG A 61 -8.95 -2.96 11.73
N ALA A 62 -8.94 -2.95 10.41
CA ALA A 62 -7.71 -2.86 9.65
C ALA A 62 -7.18 -1.43 9.63
N ALA A 63 -5.93 -1.25 10.02
CA ALA A 63 -5.31 0.07 10.04
C ALA A 63 -3.79 -0.03 10.05
N ALA A 64 -3.27 -1.14 9.52
CA ALA A 64 -1.83 -1.36 9.47
C ALA A 64 -1.21 -1.27 10.86
N THR A 65 0.12 -1.44 10.92
CA THR A 65 0.83 -1.38 12.19
C THR A 65 1.63 -0.09 12.31
N LEU A 66 1.59 0.52 13.48
CA LEU A 66 2.32 1.76 13.73
C LEU A 66 3.79 1.62 13.36
N ARG A 67 4.46 2.75 13.18
CA ARG A 67 5.87 2.74 12.83
C ARG A 67 6.50 4.11 13.05
N TRP A 68 6.02 5.11 12.33
CA TRP A 68 6.52 6.47 12.46
C TRP A 68 5.42 7.48 12.15
N PRO A 69 4.47 7.63 13.09
CA PRO A 69 3.35 8.56 12.96
C PRO A 69 3.80 10.02 13.06
N GLY A 70 2.84 10.93 13.07
CA GLY A 70 3.15 12.34 13.17
C GLY A 70 3.15 12.85 14.59
N LEU A 71 2.54 14.01 14.80
CA LEU A 71 2.45 14.60 16.14
C LEU A 71 1.17 15.40 16.31
#